data_5ISH
#
_entry.id   5ISH
#
_cell.length_a   74.675
_cell.length_b   98.413
_cell.length_c   206.846
_cell.angle_alpha   90.00
_cell.angle_beta   90.00
_cell.angle_gamma   90.00
#
_symmetry.space_group_name_H-M   'P 21 21 2'
#
loop_
_entity.id
_entity.type
_entity.pdbx_description
1 polymer 'Histone-arginine methyltransferase CARM1'
2 non-polymer "5'-{1-[(3S)-3-amino-3-carboxypropyl]aziridin-1-ium-1-yl}-5'-deoxyadenosine"
3 non-polymer 1,2-ETHANEDIOL
4 non-polymer DI(HYDROXYETHYL)ETHER
5 non-polymer 1,2-DIMETHOXYETHANE
6 non-polymer 1-METHOXY-2-(2-METHOXYETHOXY)ETHANE
7 non-polymer 'TETRAETHYLENE GLYCOL'
8 water water
#
_entity_poly.entity_id   1
_entity_poly.type   'polypeptide(L)'
_entity_poly.pdbx_seq_one_letter_code
;GHMGHTLERSVFSERTEESSAVQYFQFYGYLSQQQNMMQDYVRTGTYQRAILQNHTDFKDKIVLDVGCGSGILSFFAAQA
GARKIYAVEASTMAQHAEVLVKSNNLTDRIVVIPGKVEEVSLPEQVDIIISEPMGYMLFNERMLESYLHAKKYLKPSGNM
FPTIGDVHLAPFTDEQLYMEQFTKANFWYQPSFHGVDLSALRGAAVDEYFRQPVVDTFDIRILMAKSVKYTVNFLEAKEG
DLHRIEIPFKFHMLHSGLVHGLAFWFDVAFIGSIMTVWLSTAPTEPLTHWYQVRCLFQSPLFAKAGDTLSGTCLLIANKR
QSYDISIVAQVDQTGSKSSNLLDLKNPFFRYTGTTPSPPPG
;
_entity_poly.pdbx_strand_id   A,B,C,D
#
loop_
_chem_comp.id
_chem_comp.type
_chem_comp.name
_chem_comp.formula
765 non-polymer 5'-{1-[(3S)-3-amino-3-carboxypropyl]aziridin-1-ium-1-yl}-5'-deoxyadenosine 'C16 H24 N7 O5 1'
DXE non-polymer 1,2-DIMETHOXYETHANE 'C4 H10 O2'
EDO non-polymer 1,2-ETHANEDIOL 'C2 H6 O2'
M2M non-polymer 1-METHOXY-2-(2-METHOXYETHOXY)ETHANE 'C6 H14 O3'
PEG non-polymer DI(HYDROXYETHYL)ETHER 'C4 H10 O3'
PG4 non-polymer 'TETRAETHYLENE GLYCOL' 'C8 H18 O5'
#
# COMPACT_ATOMS: atom_id res chain seq x y z
N SER A 10 17.08 33.68 26.82
CA SER A 10 15.94 34.00 25.96
C SER A 10 14.64 34.00 26.76
N VAL A 11 13.67 34.75 26.27
CA VAL A 11 12.36 34.80 26.90
C VAL A 11 11.77 33.39 26.98
N PHE A 12 12.04 32.56 25.97
CA PHE A 12 11.49 31.20 25.96
C PHE A 12 12.09 30.36 27.07
N SER A 13 13.42 30.32 27.14
CA SER A 13 14.10 29.48 28.14
C SER A 13 13.72 29.88 29.55
N GLU A 14 13.51 31.18 29.76
CA GLU A 14 13.20 31.68 31.09
C GLU A 14 11.83 31.23 31.59
N ARG A 15 10.88 30.99 30.68
CA ARG A 15 9.53 30.59 31.08
C ARG A 15 9.26 29.10 30.89
N THR A 16 10.28 28.36 30.49
CA THR A 16 10.12 26.95 30.15
C THR A 16 11.18 26.07 30.80
N GLU A 17 10.75 25.06 31.54
CA GLU A 17 11.66 24.02 32.03
C GLU A 17 12.22 23.26 30.84
N GLU A 18 13.54 23.04 30.82
CA GLU A 18 14.18 22.40 29.68
C GLU A 18 13.54 21.05 29.33
N SER A 19 13.24 20.24 30.32
CA SER A 19 12.61 18.93 30.08
C SER A 19 11.34 19.06 29.24
N SER A 20 10.49 19.99 29.64
CA SER A 20 9.25 20.25 28.93
C SER A 20 9.55 20.68 27.50
N ALA A 21 10.52 21.56 27.33
CA ALA A 21 10.89 22.06 26.01
C ALA A 21 11.37 20.91 25.12
N VAL A 22 12.25 20.08 25.66
CA VAL A 22 12.77 18.91 24.95
C VAL A 22 11.61 18.05 24.47
N GLN A 23 10.76 17.62 25.41
CA GLN A 23 9.60 16.81 25.04
C GLN A 23 8.74 17.48 23.97
N TYR A 24 8.51 18.78 24.18
CA TYR A 24 7.65 19.57 23.30
C TYR A 24 8.18 19.57 21.87
N PHE A 25 9.44 19.91 21.69
CA PHE A 25 9.98 20.01 20.34
C PHE A 25 10.30 18.64 19.74
N GLN A 26 10.57 17.65 20.59
CA GLN A 26 10.68 16.29 20.09
C GLN A 26 9.33 15.88 19.48
N PHE A 27 8.25 16.18 20.18
CA PHE A 27 6.90 15.88 19.69
C PHE A 27 6.67 16.40 18.26
N TYR A 28 6.97 17.68 18.02
CA TYR A 28 6.70 18.28 16.73
C TYR A 28 7.76 17.94 15.68
N GLY A 29 8.80 17.23 16.09
CA GLY A 29 9.81 16.75 15.16
C GLY A 29 9.36 15.56 14.34
N TYR A 30 8.22 14.98 14.71
CA TYR A 30 7.69 13.82 14.01
C TYR A 30 6.83 14.22 12.83
N LEU A 31 7.07 13.60 11.68
CA LEU A 31 6.28 13.87 10.50
C LEU A 31 4.82 13.46 10.73
N SER A 32 4.61 12.42 11.53
CA SER A 32 3.25 11.94 11.81
C SER A 32 2.39 12.99 12.54
N GLN A 33 3.01 13.77 13.43
CA GLN A 33 2.28 14.81 14.17
C GLN A 33 1.94 15.99 13.26
N GLN A 34 2.93 16.40 12.47
CA GLN A 34 2.72 17.42 11.46
C GLN A 34 1.59 16.96 10.55
N GLN A 35 1.66 15.69 10.17
CA GLN A 35 0.64 15.09 9.32
C GLN A 35 -0.73 15.14 9.98
N ASN A 36 -0.77 14.78 11.26
CA ASN A 36 -2.02 14.84 12.02
C ASN A 36 -2.63 16.23 11.93
N MET A 37 -1.81 17.25 12.18
CA MET A 37 -2.32 18.62 12.05
C MET A 37 -2.72 18.97 10.60
N MET A 38 -1.90 18.58 9.64
CA MET A 38 -2.15 18.90 8.23
C MET A 38 -3.46 18.26 7.75
N GLN A 39 -3.75 17.07 8.26
CA GLN A 39 -4.93 16.30 7.87
C GLN A 39 -6.21 16.79 8.53
N ASP A 40 -6.09 17.73 9.46
CA ASP A 40 -7.27 18.41 9.99
C ASP A 40 -7.74 19.38 8.93
N TYR A 41 -8.74 18.96 8.15
CA TYR A 41 -9.13 19.71 6.96
C TYR A 41 -9.73 21.06 7.32
N VAL A 42 -10.51 21.11 8.39
CA VAL A 42 -11.09 22.36 8.85
C VAL A 42 -9.97 23.37 9.11
N ARG A 43 -9.00 22.94 9.93
CA ARG A 43 -7.87 23.78 10.29
C ARG A 43 -7.09 24.25 9.04
N THR A 44 -6.55 23.29 8.32
CA THR A 44 -5.65 23.56 7.20
C THR A 44 -6.39 24.28 6.06
N GLY A 45 -7.57 23.77 5.71
CA GLY A 45 -8.39 24.40 4.71
C GLY A 45 -8.79 25.81 5.07
N THR A 46 -9.16 26.04 6.33
CA THR A 46 -9.53 27.40 6.73
C THR A 46 -8.33 28.34 6.70
N TYR A 47 -7.16 27.87 7.14
CA TYR A 47 -5.98 28.71 7.01
C TYR A 47 -5.74 29.07 5.53
N GLN A 48 -5.76 28.07 4.66
CA GLN A 48 -5.56 28.34 3.24
C GLN A 48 -6.58 29.33 2.70
N ARG A 49 -7.86 29.13 3.03
CA ARG A 49 -8.90 30.05 2.59
C ARG A 49 -8.66 31.47 3.11
N ALA A 50 -8.35 31.58 4.40
CA ALA A 50 -8.12 32.88 5.02
C ALA A 50 -6.99 33.61 4.32
N ILE A 51 -5.93 32.88 4.00
CA ILE A 51 -4.79 33.50 3.35
C ILE A 51 -5.12 33.87 1.90
N LEU A 52 -5.64 32.92 1.12
CA LEU A 52 -5.87 33.15 -0.30
C LEU A 52 -6.98 34.15 -0.59
N GLN A 53 -8.04 34.12 0.21
CA GLN A 53 -9.17 35.02 0.00
C GLN A 53 -8.83 36.46 0.43
N ASN A 54 -7.73 36.61 1.17
CA ASN A 54 -7.21 37.94 1.53
C ASN A 54 -5.86 38.17 0.86
N HIS A 55 -5.79 37.87 -0.44
CA HIS A 55 -4.52 37.92 -1.17
C HIS A 55 -3.85 39.30 -1.15
N THR A 56 -4.63 40.37 -1.02
CA THR A 56 -4.05 41.71 -1.01
C THR A 56 -3.22 41.93 0.25
N ASP A 57 -3.49 41.15 1.29
CA ASP A 57 -2.69 41.22 2.51
C ASP A 57 -1.37 40.46 2.35
N PHE A 58 -1.19 39.75 1.24
CA PHE A 58 0.01 38.95 1.04
C PHE A 58 0.79 39.29 -0.23
N LYS A 59 0.07 39.68 -1.28
CA LYS A 59 0.71 39.93 -2.57
C LYS A 59 1.89 40.89 -2.42
N ASP A 60 3.09 40.39 -2.74
CA ASP A 60 4.33 41.17 -2.68
C ASP A 60 4.66 41.70 -1.29
N LYS A 61 4.18 41.02 -0.25
CA LYS A 61 4.42 41.45 1.12
C LYS A 61 5.50 40.60 1.78
N ILE A 62 6.04 41.08 2.90
CA ILE A 62 6.99 40.31 3.70
C ILE A 62 6.23 39.63 4.82
N VAL A 63 6.41 38.32 4.95
CA VAL A 63 5.64 37.49 5.88
C VAL A 63 6.54 36.80 6.88
N LEU A 64 6.08 36.67 8.13
CA LEU A 64 6.74 35.80 9.11
C LEU A 64 5.81 34.66 9.51
N ASP A 65 6.30 33.42 9.37
CA ASP A 65 5.53 32.24 9.79
C ASP A 65 6.11 31.70 11.10
N VAL A 66 5.37 31.86 12.19
CA VAL A 66 5.90 31.48 13.51
C VAL A 66 5.60 30.01 13.81
N GLY A 67 6.65 29.20 13.83
CA GLY A 67 6.50 27.77 14.06
C GLY A 67 5.94 27.07 12.84
N CYS A 68 6.71 27.10 11.75
CA CYS A 68 6.19 26.72 10.44
C CYS A 68 5.95 25.21 10.28
N GLY A 69 6.55 24.40 11.15
CA GLY A 69 6.42 22.97 11.02
C GLY A 69 6.85 22.49 9.66
N SER A 70 5.93 21.85 8.94
CA SER A 70 6.21 21.38 7.58
C SER A 70 6.40 22.54 6.61
N GLY A 71 5.89 23.70 6.97
CA GLY A 71 5.99 24.88 6.13
C GLY A 71 4.70 25.19 5.39
N ILE A 72 3.66 24.41 5.66
CA ILE A 72 2.40 24.47 4.91
C ILE A 72 1.84 25.90 4.81
N LEU A 73 1.79 26.62 5.93
CA LEU A 73 1.23 27.97 5.93
C LEU A 73 2.06 28.92 5.08
N SER A 74 3.38 28.72 5.10
CA SER A 74 4.28 29.53 4.28
C SER A 74 4.02 29.29 2.80
N PHE A 75 3.75 28.04 2.44
CA PHE A 75 3.40 27.73 1.06
C PHE A 75 2.07 28.39 0.71
N PHE A 76 1.12 28.37 1.64
CA PHE A 76 -0.11 29.12 1.42
C PHE A 76 0.20 30.61 1.20
N ALA A 77 1.09 31.18 2.01
CA ALA A 77 1.49 32.58 1.83
C ALA A 77 2.11 32.79 0.45
N ALA A 78 2.90 31.82 0.00
CA ALA A 78 3.49 31.88 -1.34
C ALA A 78 2.43 31.82 -2.43
N GLN A 79 1.44 30.96 -2.26
CA GLN A 79 0.34 30.87 -3.21
C GLN A 79 -0.41 32.20 -3.32
N ALA A 80 -0.42 32.95 -2.24
CA ALA A 80 -1.12 34.23 -2.20
C ALA A 80 -0.26 35.35 -2.79
N GLY A 81 0.97 35.04 -3.19
CA GLY A 81 1.81 35.99 -3.90
C GLY A 81 2.80 36.77 -3.05
N ALA A 82 3.12 36.25 -1.87
CA ALA A 82 4.07 36.91 -0.97
C ALA A 82 5.44 37.07 -1.61
N ARG A 83 6.12 38.17 -1.30
CA ARG A 83 7.44 38.43 -1.83
C ARG A 83 8.51 37.65 -1.08
N LYS A 84 8.42 37.64 0.24
CA LYS A 84 9.38 36.93 1.06
C LYS A 84 8.72 36.42 2.34
N ILE A 85 9.00 35.16 2.65
CA ILE A 85 8.43 34.52 3.81
C ILE A 85 9.55 33.97 4.68
N TYR A 86 9.63 34.45 5.92
CA TYR A 86 10.57 33.90 6.87
C TYR A 86 9.84 32.86 7.70
N ALA A 87 10.27 31.60 7.56
CA ALA A 87 9.60 30.49 8.23
C ALA A 87 10.46 29.97 9.37
N VAL A 88 10.08 30.33 10.59
CA VAL A 88 10.87 29.98 11.78
C VAL A 88 10.37 28.69 12.40
N GLU A 89 11.29 27.76 12.69
CA GLU A 89 10.89 26.49 13.32
C GLU A 89 11.98 25.91 14.22
N ALA A 90 11.61 25.58 15.45
CA ALA A 90 12.59 25.19 16.47
C ALA A 90 12.89 23.69 16.53
N SER A 91 11.91 22.85 16.17
CA SER A 91 12.13 21.40 16.16
C SER A 91 12.96 21.00 14.93
N THR A 92 13.32 19.73 14.84
CA THR A 92 14.11 19.24 13.70
C THR A 92 13.29 19.27 12.41
N MET A 93 11.98 19.41 12.53
CA MET A 93 11.09 19.52 11.37
C MET A 93 11.60 20.61 10.42
N ALA A 94 12.30 21.60 10.97
CA ALA A 94 12.89 22.68 10.20
C ALA A 94 13.66 22.17 9.00
N GLN A 95 14.37 21.05 9.15
CA GLN A 95 15.14 20.59 8.01
C GLN A 95 14.20 20.00 6.96
N HIS A 96 13.06 19.47 7.39
CA HIS A 96 12.14 18.85 6.45
C HIS A 96 11.46 19.95 5.66
N ALA A 97 11.18 21.05 6.35
CA ALA A 97 10.60 22.22 5.71
C ALA A 97 11.54 22.74 4.63
N GLU A 98 12.84 22.78 4.93
CA GLU A 98 13.84 23.25 3.98
C GLU A 98 13.85 22.38 2.73
N VAL A 99 13.71 21.06 2.93
CA VAL A 99 13.63 20.12 1.84
C VAL A 99 12.43 20.45 0.93
N LEU A 100 11.29 20.75 1.54
CA LEU A 100 10.09 21.04 0.76
C LEU A 100 10.18 22.37 0.00
N VAL A 101 10.83 23.36 0.59
CA VAL A 101 10.99 24.65 -0.07
C VAL A 101 11.79 24.45 -1.36
N LYS A 102 12.84 23.63 -1.28
CA LYS A 102 13.68 23.36 -2.44
C LYS A 102 12.92 22.57 -3.49
N SER A 103 12.26 21.49 -3.07
CA SER A 103 11.56 20.62 -4.00
C SER A 103 10.37 21.33 -4.64
N ASN A 104 9.87 22.38 -3.99
CA ASN A 104 8.76 23.16 -4.54
C ASN A 104 9.27 24.42 -5.26
N ASN A 105 10.58 24.51 -5.43
CA ASN A 105 11.22 25.60 -6.18
C ASN A 105 10.83 26.99 -5.65
N LEU A 106 10.90 27.17 -4.34
CA LEU A 106 10.52 28.44 -3.73
C LEU A 106 11.62 29.01 -2.83
N THR A 107 12.85 28.57 -3.06
CA THR A 107 13.97 29.04 -2.24
C THR A 107 14.16 30.55 -2.36
N ASP A 108 13.65 31.12 -3.45
CA ASP A 108 13.78 32.57 -3.67
C ASP A 108 12.77 33.38 -2.86
N ARG A 109 11.79 32.72 -2.25
CA ARG A 109 10.73 33.43 -1.54
C ARG A 109 10.56 32.94 -0.10
N ILE A 110 10.82 31.66 0.16
CA ILE A 110 10.72 31.14 1.50
C ILE A 110 12.11 30.85 2.08
N VAL A 111 12.38 31.45 3.23
CA VAL A 111 13.63 31.25 3.95
C VAL A 111 13.33 30.58 5.28
N VAL A 112 13.74 29.31 5.40
CA VAL A 112 13.55 28.58 6.66
C VAL A 112 14.64 29.00 7.63
N ILE A 113 14.22 29.37 8.84
CA ILE A 113 15.11 29.74 9.92
C ILE A 113 14.92 28.76 11.09
N PRO A 114 15.90 27.87 11.30
CA PRO A 114 15.80 26.93 12.42
C PRO A 114 16.09 27.63 13.74
N GLY A 115 15.27 27.34 14.75
CA GLY A 115 15.44 27.92 16.06
C GLY A 115 14.15 28.48 16.62
N LYS A 116 14.23 28.99 17.85
CA LYS A 116 13.07 29.57 18.50
C LYS A 116 12.92 31.03 18.10
N VAL A 117 11.68 31.45 17.88
CA VAL A 117 11.42 32.80 17.41
C VAL A 117 11.93 33.82 18.43
N GLU A 118 12.07 33.39 19.68
CA GLU A 118 12.59 34.25 20.74
C GLU A 118 14.10 34.42 20.65
N GLU A 119 14.75 33.59 19.84
CA GLU A 119 16.21 33.49 19.85
C GLU A 119 16.86 33.80 18.50
N VAL A 120 16.14 33.54 17.41
CA VAL A 120 16.70 33.75 16.08
C VAL A 120 16.75 35.24 15.75
N SER A 121 17.45 35.57 14.68
CA SER A 121 17.47 36.94 14.18
C SER A 121 16.83 36.98 12.80
N LEU A 122 15.93 37.93 12.59
CA LEU A 122 15.35 38.12 11.26
C LEU A 122 16.08 39.28 10.60
N PRO A 123 16.31 39.20 9.28
CA PRO A 123 17.06 40.25 8.61
C PRO A 123 16.28 41.56 8.44
N GLU A 124 14.95 41.48 8.44
CA GLU A 124 14.11 42.65 8.19
C GLU A 124 12.76 42.54 8.91
N GLN A 125 12.08 43.66 9.02
CA GLN A 125 10.73 43.69 9.58
C GLN A 125 9.73 43.15 8.54
N VAL A 126 8.60 42.63 9.03
CA VAL A 126 7.63 41.97 8.17
C VAL A 126 6.31 42.74 8.17
N ASP A 127 5.50 42.47 7.14
CA ASP A 127 4.19 43.11 6.99
C ASP A 127 3.10 42.36 7.75
N ILE A 128 3.25 41.04 7.87
CA ILE A 128 2.21 40.23 8.46
C ILE A 128 2.82 38.99 9.11
N ILE A 129 2.27 38.63 10.26
CA ILE A 129 2.69 37.37 10.91
C ILE A 129 1.57 36.36 10.78
N ILE A 130 1.94 35.15 10.34
CA ILE A 130 1.02 34.02 10.34
C ILE A 130 1.54 32.96 11.29
N SER A 131 0.61 32.22 11.88
CA SER A 131 0.95 31.18 12.82
C SER A 131 -0.26 30.34 13.15
N GLU A 132 0.00 29.10 13.61
CA GLU A 132 -1.03 28.27 14.21
C GLU A 132 -0.54 27.85 15.58
N PRO A 133 -0.70 28.74 16.58
CA PRO A 133 -0.21 28.53 17.94
C PRO A 133 -1.27 28.08 18.96
N MET A 134 -2.45 27.69 18.50
CA MET A 134 -3.54 27.35 19.40
C MET A 134 -3.38 25.93 19.97
N GLY A 135 -3.58 25.80 21.27
CA GLY A 135 -3.63 24.51 21.93
C GLY A 135 -5.01 24.24 22.47
N TYR A 136 -5.17 23.15 23.23
CA TYR A 136 -6.43 22.88 23.91
C TYR A 136 -6.88 24.10 24.71
N MET A 137 -8.18 24.40 24.62
CA MET A 137 -8.80 25.55 25.28
C MET A 137 -7.99 26.81 24.96
N LEU A 138 -7.48 26.83 23.73
CA LEU A 138 -6.69 27.93 23.15
C LEU A 138 -5.28 28.07 23.69
N PHE A 139 -5.13 28.14 25.00
CA PHE A 139 -3.87 28.59 25.61
C PHE A 139 -2.84 27.48 25.88
N ASN A 140 -3.25 26.22 25.90
CA ASN A 140 -2.32 25.14 26.21
C ASN A 140 -1.13 25.20 25.26
N GLU A 141 0.04 24.82 25.79
CA GLU A 141 1.33 24.84 25.09
C GLU A 141 2.03 26.21 25.16
N ARG A 142 1.27 27.25 25.48
CA ARG A 142 1.80 28.61 25.67
C ARG A 142 2.48 29.15 24.42
N MET A 143 2.09 28.63 23.26
CA MET A 143 2.71 29.10 22.03
C MET A 143 2.19 30.47 21.62
N LEU A 144 1.04 30.88 22.15
CA LEU A 144 0.53 32.21 21.84
C LEU A 144 1.54 33.29 22.26
N GLU A 145 2.29 33.01 23.32
CA GLU A 145 3.27 33.96 23.81
C GLU A 145 4.41 34.14 22.80
N SER A 146 4.78 33.06 22.11
CA SER A 146 5.78 33.14 21.04
C SER A 146 5.24 33.96 19.88
N TYR A 147 3.98 33.71 19.56
CA TYR A 147 3.28 34.44 18.51
C TYR A 147 3.29 35.94 18.82
N LEU A 148 2.93 36.30 20.05
CA LEU A 148 2.93 37.71 20.44
C LEU A 148 4.35 38.25 20.51
N HIS A 149 5.27 37.43 20.99
CA HIS A 149 6.67 37.81 21.07
C HIS A 149 7.19 38.21 19.70
N ALA A 150 6.79 37.45 18.68
CA ALA A 150 7.22 37.73 17.31
C ALA A 150 6.88 39.13 16.80
N LYS A 151 6.00 39.86 17.49
CA LYS A 151 5.58 41.19 17.01
C LYS A 151 6.72 42.20 17.08
N LYS A 152 7.83 41.83 17.70
CA LYS A 152 9.00 42.68 17.69
C LYS A 152 9.54 42.83 16.26
N TYR A 153 9.14 41.91 15.39
CA TYR A 153 9.53 41.96 13.97
C TYR A 153 8.44 42.53 13.08
N LEU A 154 7.31 42.91 13.66
CA LEU A 154 6.17 43.38 12.88
C LEU A 154 6.23 44.89 12.69
N LYS A 155 6.09 45.34 11.45
CA LYS A 155 5.99 46.76 11.18
C LYS A 155 4.79 47.35 11.90
N PRO A 156 4.88 48.64 12.27
CA PRO A 156 3.67 49.27 12.82
C PRO A 156 2.57 49.14 11.77
N SER A 157 1.33 48.96 12.20
CA SER A 157 0.22 48.77 11.26
C SER A 157 0.33 47.43 10.54
N GLY A 158 1.21 46.54 11.02
CA GLY A 158 1.34 45.22 10.44
C GLY A 158 0.15 44.39 10.88
N ASN A 159 -0.05 43.21 10.30
CA ASN A 159 -1.22 42.41 10.65
C ASN A 159 -0.83 41.06 11.24
N MET A 160 -1.82 40.43 11.87
CA MET A 160 -1.65 39.13 12.49
C MET A 160 -2.75 38.19 12.00
N PHE A 161 -2.33 37.01 11.54
CA PHE A 161 -3.24 35.96 11.06
C PHE A 161 -2.97 34.66 11.82
N PRO A 162 -3.82 34.31 12.80
CA PRO A 162 -5.08 34.94 13.22
C PRO A 162 -4.91 36.29 13.91
N THR A 163 -5.98 37.09 13.87
CA THR A 163 -5.96 38.43 14.42
C THR A 163 -6.50 38.42 15.86
N ILE A 164 -7.56 37.66 16.10
CA ILE A 164 -8.11 37.56 17.43
C ILE A 164 -8.48 36.11 17.75
N GLY A 165 -8.48 35.81 19.04
CA GLY A 165 -8.92 34.51 19.53
C GLY A 165 -9.98 34.65 20.62
N ASP A 166 -11.07 33.91 20.47
CA ASP A 166 -12.14 33.89 21.45
C ASP A 166 -12.18 32.55 22.17
N VAL A 167 -12.06 32.59 23.50
CA VAL A 167 -12.28 31.40 24.30
C VAL A 167 -13.71 31.46 24.84
N HIS A 168 -14.47 30.40 24.60
CA HIS A 168 -15.82 30.29 25.11
C HIS A 168 -15.90 29.29 26.26
N LEU A 169 -16.66 29.69 27.28
CA LEU A 169 -16.94 28.86 28.45
C LEU A 169 -18.44 28.72 28.63
N ALA A 170 -18.92 27.52 28.95
CA ALA A 170 -20.34 27.34 29.26
C ALA A 170 -20.56 26.23 30.27
N PRO A 171 -21.55 26.40 31.18
CA PRO A 171 -21.81 25.32 32.13
C PRO A 171 -22.45 24.11 31.46
N PHE A 172 -22.13 22.91 31.90
CA PHE A 172 -22.76 21.72 31.32
C PHE A 172 -23.26 20.74 32.37
N THR A 173 -24.16 19.85 31.95
CA THR A 173 -24.59 18.74 32.78
C THR A 173 -24.24 17.43 32.07
N ASP A 174 -23.55 16.54 32.79
CA ASP A 174 -23.20 15.23 32.26
C ASP A 174 -22.98 14.28 33.43
N GLU A 175 -24.07 13.71 33.90
CA GLU A 175 -24.06 12.84 35.09
C GLU A 175 -23.08 11.67 34.92
N GLN A 176 -23.08 11.06 33.75
CA GLN A 176 -22.23 9.89 33.49
C GLN A 176 -20.72 10.23 33.53
N LEU A 177 -20.35 11.36 32.93
CA LEU A 177 -18.95 11.80 32.97
C LEU A 177 -18.55 11.99 34.42
N TYR A 178 -19.39 12.67 35.18
CA TYR A 178 -19.12 12.91 36.59
C TYR A 178 -18.94 11.59 37.36
N MET A 179 -19.89 10.67 37.19
CA MET A 179 -19.87 9.40 37.93
C MET A 179 -18.67 8.52 37.57
N GLU A 180 -18.30 8.59 36.29
CA GLU A 180 -17.14 7.88 35.77
C GLU A 180 -15.89 8.05 36.65
N GLN A 181 -15.69 9.26 37.16
CA GLN A 181 -14.52 9.57 37.97
C GLN A 181 -14.48 8.68 39.22
N PHE A 182 -15.63 8.58 39.88
CA PHE A 182 -15.74 7.76 41.08
C PHE A 182 -15.67 6.29 40.72
N THR A 183 -16.28 5.91 39.60
CA THR A 183 -16.18 4.52 39.17
C THR A 183 -14.71 4.13 39.04
N LYS A 184 -13.90 4.98 38.40
CA LYS A 184 -12.48 4.69 38.31
C LYS A 184 -11.76 4.76 39.66
N ALA A 185 -11.99 5.83 40.43
CA ALA A 185 -11.31 6.00 41.70
C ALA A 185 -11.62 4.87 42.70
N ASN A 186 -12.83 4.33 42.63
CA ASN A 186 -13.26 3.35 43.61
C ASN A 186 -12.50 2.02 43.47
N PHE A 187 -11.65 1.89 42.45
CA PHE A 187 -10.72 0.76 42.41
C PHE A 187 -9.96 0.67 43.72
N TRP A 188 -9.58 1.83 44.25
CA TRP A 188 -8.77 1.82 45.46
C TRP A 188 -9.62 1.60 46.71
N TYR A 189 -10.93 1.60 46.58
CA TYR A 189 -11.77 1.44 47.76
C TYR A 189 -12.15 -0.03 47.96
N GLN A 190 -11.14 -0.83 48.27
CA GLN A 190 -11.35 -2.24 48.53
C GLN A 190 -10.37 -2.63 49.64
N PRO A 191 -10.85 -3.41 50.62
CA PRO A 191 -10.03 -3.72 51.80
C PRO A 191 -9.02 -4.84 51.62
N SER A 192 -9.09 -5.58 50.51
CA SER A 192 -8.18 -6.70 50.30
C SER A 192 -7.90 -6.97 48.84
N PHE A 193 -7.25 -6.02 48.17
CA PHE A 193 -6.76 -6.26 46.83
C PHE A 193 -5.50 -7.12 46.94
N HIS A 194 -5.63 -8.40 46.61
CA HIS A 194 -4.53 -9.34 46.81
C HIS A 194 -3.99 -9.24 48.24
N GLY A 195 -4.89 -9.08 49.19
CA GLY A 195 -4.55 -9.02 50.60
C GLY A 195 -4.21 -7.62 51.12
N VAL A 196 -4.26 -6.62 50.24
CA VAL A 196 -3.88 -5.27 50.62
C VAL A 196 -5.08 -4.34 50.68
N ASP A 197 -5.18 -3.58 51.77
CA ASP A 197 -6.23 -2.57 51.92
C ASP A 197 -5.79 -1.30 51.22
N LEU A 198 -6.44 -0.98 50.10
CA LEU A 198 -6.06 0.15 49.27
C LEU A 198 -6.82 1.44 49.61
N SER A 199 -7.82 1.33 50.47
CA SER A 199 -8.83 2.38 50.64
C SER A 199 -8.27 3.75 51.01
N ALA A 200 -7.16 3.77 51.75
CA ALA A 200 -6.56 5.04 52.20
C ALA A 200 -6.17 5.96 51.04
N LEU A 201 -6.06 5.43 49.83
CA LEU A 201 -5.67 6.24 48.68
C LEU A 201 -6.86 6.62 47.82
N ARG A 202 -8.07 6.25 48.23
CA ARG A 202 -9.23 6.55 47.40
C ARG A 202 -9.39 8.05 47.17
N GLY A 203 -9.24 8.84 48.23
CA GLY A 203 -9.34 10.29 48.12
C GLY A 203 -8.36 10.90 47.16
N ALA A 204 -7.10 10.46 47.24
CA ALA A 204 -6.06 10.95 46.34
C ALA A 204 -6.36 10.57 44.88
N ALA A 205 -6.96 9.40 44.68
CA ALA A 205 -7.28 8.97 43.33
C ALA A 205 -8.41 9.83 42.76
N VAL A 206 -9.43 10.10 43.57
CA VAL A 206 -10.51 11.00 43.16
C VAL A 206 -9.93 12.36 42.77
N ASP A 207 -9.09 12.91 43.64
CA ASP A 207 -8.48 14.22 43.40
C ASP A 207 -7.73 14.24 42.07
N GLU A 208 -6.96 13.20 41.83
CA GLU A 208 -6.17 13.10 40.62
C GLU A 208 -7.05 13.12 39.38
N TYR A 209 -8.11 12.32 39.39
CA TYR A 209 -8.99 12.27 38.22
C TYR A 209 -9.65 13.62 37.97
N PHE A 210 -10.08 14.31 39.02
CA PHE A 210 -10.79 15.56 38.83
C PHE A 210 -9.86 16.71 38.43
N ARG A 211 -8.56 16.53 38.64
CA ARG A 211 -7.57 17.52 38.24
C ARG A 211 -7.33 17.51 36.72
N GLN A 212 -7.85 16.49 36.03
CA GLN A 212 -7.62 16.36 34.60
C GLN A 212 -8.74 17.00 33.76
N PRO A 213 -8.42 18.03 32.97
CA PRO A 213 -9.44 18.46 32.02
C PRO A 213 -9.76 17.32 31.04
N VAL A 214 -11.02 17.19 30.66
CA VAL A 214 -11.46 16.11 29.78
C VAL A 214 -11.53 16.59 28.34
N VAL A 215 -10.73 15.96 27.50
CA VAL A 215 -10.71 16.31 26.09
C VAL A 215 -11.60 15.35 25.33
N ASP A 216 -12.64 15.89 24.73
CA ASP A 216 -13.50 15.12 23.85
C ASP A 216 -14.61 16.02 23.35
N THR A 217 -15.57 15.44 22.65
CA THR A 217 -16.69 16.23 22.16
C THR A 217 -17.95 15.77 22.84
N PHE A 218 -19.04 16.47 22.59
CA PHE A 218 -20.30 16.19 23.26
C PHE A 218 -21.47 16.78 22.50
N ASP A 219 -22.68 16.33 22.86
CA ASP A 219 -23.91 16.86 22.32
C ASP A 219 -24.17 18.25 22.90
N ILE A 220 -24.50 19.22 22.05
CA ILE A 220 -24.69 20.59 22.51
C ILE A 220 -25.83 20.72 23.52
N ARG A 221 -26.68 19.70 23.61
CA ARG A 221 -27.82 19.76 24.52
C ARG A 221 -27.41 19.63 25.97
N ILE A 222 -26.15 19.26 26.24
CA ILE A 222 -25.68 19.20 27.62
C ILE A 222 -25.37 20.60 28.15
N LEU A 223 -25.33 21.59 27.26
CA LEU A 223 -25.01 22.96 27.65
C LEU A 223 -26.22 23.63 28.29
N MET A 224 -26.00 24.31 29.41
N MET A 224 -25.98 24.36 29.38
CA MET A 224 -27.11 24.83 30.24
CA MET A 224 -27.05 24.84 30.25
C MET A 224 -27.25 26.35 30.20
C MET A 224 -27.23 26.35 30.21
N ALA A 225 -26.37 27.03 29.48
CA ALA A 225 -26.44 28.49 29.37
C ALA A 225 -25.62 28.93 28.17
N LYS A 226 -25.93 30.12 27.67
CA LYS A 226 -25.17 30.75 26.60
C LYS A 226 -23.74 30.95 27.08
N SER A 227 -22.78 30.72 26.19
CA SER A 227 -21.39 30.80 26.59
C SER A 227 -20.97 32.21 26.91
N VAL A 228 -19.98 32.32 27.79
CA VAL A 228 -19.30 33.57 28.04
C VAL A 228 -18.02 33.53 27.21
N LYS A 229 -17.65 34.67 26.66
CA LYS A 229 -16.51 34.77 25.73
C LYS A 229 -15.40 35.64 26.29
N TYR A 230 -14.16 35.16 26.20
CA TYR A 230 -12.99 35.94 26.57
C TYR A 230 -12.11 36.10 25.34
N THR A 231 -11.83 37.34 24.97
CA THR A 231 -11.18 37.65 23.70
C THR A 231 -9.75 38.13 23.88
N VAL A 232 -8.85 37.54 23.09
CA VAL A 232 -7.48 38.01 23.02
C VAL A 232 -7.28 38.63 21.65
N ASN A 233 -6.94 39.91 21.65
CA ASN A 233 -6.63 40.63 20.43
C ASN A 233 -5.12 40.56 20.24
N PHE A 234 -4.70 39.76 19.26
CA PHE A 234 -3.29 39.49 19.04
C PHE A 234 -2.52 40.72 18.55
N LEU A 235 -3.25 41.67 17.97
CA LEU A 235 -2.64 42.92 17.52
C LEU A 235 -2.26 43.79 18.71
N GLU A 236 -3.00 43.67 19.80
CA GLU A 236 -2.83 44.55 20.96
C GLU A 236 -2.13 43.88 22.14
N ALA A 237 -2.34 42.58 22.31
CA ALA A 237 -1.87 41.86 23.49
C ALA A 237 -0.34 41.80 23.61
N LYS A 238 0.12 41.72 24.86
CA LYS A 238 1.51 41.50 25.21
C LYS A 238 1.67 40.10 25.77
N GLU A 239 2.88 39.53 25.68
CA GLU A 239 3.14 38.18 26.16
C GLU A 239 2.71 38.02 27.61
N GLY A 240 3.08 39.03 28.41
CA GLY A 240 2.79 39.06 29.82
C GLY A 240 1.31 38.98 30.14
N ASP A 241 0.50 39.39 29.19
CA ASP A 241 -0.95 39.34 29.36
C ASP A 241 -1.44 37.90 29.49
N LEU A 242 -0.64 36.95 29.02
CA LEU A 242 -1.09 35.56 29.02
C LEU A 242 -0.58 34.74 30.21
N HIS A 243 0.17 35.38 31.11
CA HIS A 243 0.71 34.71 32.28
C HIS A 243 -0.37 34.48 33.33
N ARG A 244 -1.31 35.40 33.40
CA ARG A 244 -2.43 35.35 34.33
C ARG A 244 -3.71 35.73 33.60
N ILE A 245 -4.58 34.77 33.34
CA ILE A 245 -5.80 35.05 32.59
C ILE A 245 -7.01 34.89 33.50
N GLU A 246 -7.69 35.99 33.80
CA GLU A 246 -8.86 35.97 34.67
C GLU A 246 -10.12 36.11 33.84
N ILE A 247 -10.96 35.08 33.86
CA ILE A 247 -12.19 35.06 33.09
C ILE A 247 -13.37 35.04 34.06
N PRO A 248 -13.93 36.23 34.34
CA PRO A 248 -15.13 36.24 35.18
C PRO A 248 -16.31 35.74 34.37
N PHE A 249 -17.30 35.16 35.05
CA PHE A 249 -18.49 34.74 34.33
C PHE A 249 -19.76 34.86 35.19
N LYS A 250 -20.84 35.11 34.47
CA LYS A 250 -22.18 35.14 35.04
C LYS A 250 -23.10 34.49 34.02
N PHE A 251 -23.43 33.22 34.24
CA PHE A 251 -24.27 32.49 33.33
C PHE A 251 -25.73 32.62 33.73
N HIS A 252 -26.58 32.85 32.74
CA HIS A 252 -28.01 32.88 32.96
C HIS A 252 -28.59 31.55 32.48
N MET A 253 -28.95 30.72 33.45
CA MET A 253 -29.30 29.32 33.17
C MET A 253 -30.56 29.22 32.31
N LEU A 254 -30.43 28.49 31.20
CA LEU A 254 -31.54 28.30 30.28
C LEU A 254 -32.31 27.03 30.61
N HIS A 255 -31.67 26.13 31.34
CA HIS A 255 -32.29 24.87 31.73
C HIS A 255 -32.03 24.61 33.20
N SER A 256 -32.93 23.86 33.82
CA SER A 256 -32.79 23.48 35.22
C SER A 256 -32.04 22.15 35.33
N GLY A 257 -31.21 22.02 36.36
CA GLY A 257 -30.51 20.77 36.60
C GLY A 257 -29.21 20.92 37.37
N LEU A 258 -28.44 19.84 37.41
CA LEU A 258 -27.13 19.83 38.04
C LEU A 258 -26.05 20.23 37.05
N VAL A 259 -25.27 21.24 37.44
CA VAL A 259 -24.11 21.70 36.68
C VAL A 259 -22.90 20.94 37.18
N HIS A 260 -22.30 20.14 36.31
CA HIS A 260 -21.17 19.29 36.67
C HIS A 260 -19.83 19.94 36.36
N GLY A 261 -19.85 21.05 35.61
CA GLY A 261 -18.64 21.75 35.28
C GLY A 261 -18.76 22.72 34.12
N LEU A 262 -17.60 23.16 33.63
CA LEU A 262 -17.55 24.12 32.53
C LEU A 262 -16.92 23.49 31.29
N ALA A 263 -17.56 23.74 30.16
CA ALA A 263 -17.06 23.34 28.88
C ALA A 263 -16.37 24.53 28.22
N PHE A 264 -15.30 24.22 27.48
CA PHE A 264 -14.44 25.20 26.87
C PHE A 264 -14.26 24.88 25.40
N TRP A 265 -14.34 25.92 24.58
CA TRP A 265 -13.90 25.80 23.18
C TRP A 265 -13.38 27.15 22.71
N PHE A 266 -12.91 27.25 21.48
CA PHE A 266 -12.38 28.53 21.02
C PHE A 266 -12.52 28.77 19.53
N ASP A 267 -12.57 30.04 19.17
CA ASP A 267 -12.57 30.48 17.77
C ASP A 267 -11.37 31.39 17.53
N VAL A 268 -10.89 31.43 16.29
CA VAL A 268 -9.95 32.49 15.91
C VAL A 268 -10.47 33.14 14.64
N ALA A 269 -10.17 34.43 14.48
CA ALA A 269 -10.57 35.16 13.27
C ALA A 269 -9.38 35.78 12.55
N PHE A 270 -9.37 35.60 11.24
CA PHE A 270 -8.41 36.23 10.35
C PHE A 270 -9.08 37.46 9.74
N ILE A 271 -8.71 38.62 10.25
CA ILE A 271 -9.34 39.87 9.85
C ILE A 271 -8.50 40.54 8.77
N GLY A 272 -8.78 40.20 7.51
CA GLY A 272 -8.04 40.72 6.39
C GLY A 272 -8.70 41.92 5.73
N SER A 273 -8.03 42.50 4.76
CA SER A 273 -8.54 43.68 4.06
C SER A 273 -9.77 43.38 3.22
N ILE A 274 -9.87 42.15 2.72
CA ILE A 274 -10.99 41.77 1.87
C ILE A 274 -12.12 41.20 2.71
N MET A 275 -11.79 40.31 3.65
CA MET A 275 -12.82 39.70 4.48
C MET A 275 -12.27 39.10 5.76
N THR A 276 -13.17 38.86 6.70
CA THR A 276 -12.82 38.17 7.93
C THR A 276 -13.19 36.70 7.80
N VAL A 277 -12.23 35.82 8.09
CA VAL A 277 -12.49 34.38 8.03
C VAL A 277 -12.36 33.80 9.43
N TRP A 278 -13.32 32.96 9.80
CA TRP A 278 -13.35 32.35 11.14
C TRP A 278 -12.97 30.87 11.12
N LEU A 279 -12.19 30.48 12.12
CA LEU A 279 -11.93 29.07 12.40
C LEU A 279 -12.48 28.77 13.80
N SER A 280 -13.46 27.88 13.87
CA SER A 280 -14.18 27.60 15.12
C SER A 280 -14.01 26.14 15.54
N THR A 281 -13.85 25.92 16.84
CA THR A 281 -13.78 24.57 17.36
C THR A 281 -14.99 24.29 18.25
N ALA A 282 -16.05 25.08 18.05
CA ALA A 282 -17.28 24.95 18.83
C ALA A 282 -17.97 23.59 18.59
N PRO A 283 -18.72 23.10 19.59
CA PRO A 283 -19.42 21.82 19.48
C PRO A 283 -20.59 21.85 18.49
N THR A 284 -20.94 23.06 18.03
CA THR A 284 -21.92 23.22 16.97
C THR A 284 -21.27 23.09 15.58
N GLU A 285 -19.95 22.97 15.55
CA GLU A 285 -19.21 22.94 14.29
C GLU A 285 -18.58 21.58 14.07
N PRO A 286 -18.19 21.28 12.83
CA PRO A 286 -17.48 20.02 12.55
C PRO A 286 -16.26 19.86 13.46
N LEU A 287 -16.00 18.62 13.85
CA LEU A 287 -14.94 18.31 14.79
C LEU A 287 -13.55 18.64 14.25
N THR A 288 -12.68 19.12 15.13
CA THR A 288 -11.27 19.34 14.83
C THR A 288 -10.41 18.51 15.78
N HIS A 289 -9.10 18.52 15.58
CA HIS A 289 -8.20 17.77 16.46
C HIS A 289 -8.11 18.42 17.84
N TRP A 290 -8.71 19.60 18.00
CA TRP A 290 -8.77 20.24 19.32
C TRP A 290 -9.96 19.74 20.15
N TYR A 291 -10.91 19.08 19.50
CA TYR A 291 -12.13 18.61 20.17
C TYR A 291 -12.72 19.74 20.99
N GLN A 292 -13.21 19.43 22.20
CA GLN A 292 -13.54 20.45 23.17
C GLN A 292 -12.99 20.02 24.53
N VAL A 293 -12.99 20.94 25.49
CA VAL A 293 -12.44 20.63 26.81
C VAL A 293 -13.45 20.86 27.93
N ARG A 294 -13.57 19.89 28.83
CA ARG A 294 -14.46 20.06 29.96
C ARG A 294 -13.73 19.95 31.29
N CYS A 295 -13.97 20.92 32.15
CA CYS A 295 -13.44 20.92 33.51
C CYS A 295 -14.59 20.68 34.48
N LEU A 296 -14.51 19.57 35.22
CA LEU A 296 -15.54 19.19 36.17
C LEU A 296 -15.45 19.98 37.47
N PHE A 297 -16.61 20.20 38.10
CA PHE A 297 -16.66 20.67 39.47
C PHE A 297 -16.53 19.48 40.40
N GLN A 298 -15.89 19.71 41.54
CA GLN A 298 -15.71 18.68 42.55
C GLN A 298 -17.08 18.26 43.08
N SER A 299 -17.97 19.23 43.19
CA SER A 299 -19.33 19.00 43.61
C SER A 299 -20.25 19.70 42.64
N PRO A 300 -21.22 18.97 42.07
CA PRO A 300 -22.08 19.66 41.11
C PRO A 300 -22.94 20.70 41.79
N LEU A 301 -23.41 21.66 41.02
CA LEU A 301 -24.25 22.73 41.55
C LEU A 301 -25.65 22.67 40.96
N PHE A 302 -26.67 22.58 41.80
CA PHE A 302 -28.04 22.62 41.29
C PHE A 302 -28.46 24.04 40.93
N ALA A 303 -29.03 24.20 39.76
CA ALA A 303 -29.56 25.49 39.35
C ALA A 303 -30.90 25.33 38.65
N LYS A 304 -31.74 26.35 38.76
CA LYS A 304 -33.01 26.40 38.07
C LYS A 304 -32.89 27.29 36.86
N ALA A 305 -33.69 27.03 35.83
CA ALA A 305 -33.73 27.93 34.69
C ALA A 305 -34.06 29.32 35.21
N GLY A 306 -33.28 30.31 34.79
CA GLY A 306 -33.46 31.67 35.26
C GLY A 306 -32.53 32.06 36.38
N ASP A 307 -31.95 31.07 37.07
CA ASP A 307 -30.92 31.34 38.07
C ASP A 307 -29.66 31.85 37.38
N THR A 308 -28.78 32.47 38.15
CA THR A 308 -27.49 32.92 37.61
C THR A 308 -26.35 32.15 38.29
N LEU A 309 -25.43 31.66 37.48
CA LEU A 309 -24.25 30.96 37.98
C LEU A 309 -23.04 31.85 37.79
N SER A 310 -22.49 32.36 38.88
CA SER A 310 -21.44 33.37 38.77
C SER A 310 -20.13 32.88 39.37
N GLY A 311 -19.03 33.37 38.83
CA GLY A 311 -17.74 33.04 39.38
C GLY A 311 -16.57 33.42 38.49
N THR A 312 -15.47 32.70 38.65
CA THR A 312 -14.24 33.02 37.94
C THR A 312 -13.46 31.78 37.52
N CYS A 313 -12.91 31.87 36.31
CA CYS A 313 -11.94 30.91 35.82
C CYS A 313 -10.60 31.63 35.71
N LEU A 314 -9.64 31.22 36.54
CA LEU A 314 -8.32 31.84 36.54
C LEU A 314 -7.31 30.85 35.97
N LEU A 315 -6.64 31.27 34.90
CA LEU A 315 -5.61 30.45 34.27
C LEU A 315 -4.23 31.01 34.61
N ILE A 316 -3.41 30.22 35.30
CA ILE A 316 -2.09 30.65 35.72
C ILE A 316 -1.04 29.86 34.95
N ALA A 317 -0.24 30.56 34.15
CA ALA A 317 0.78 29.91 33.33
C ALA A 317 1.84 29.25 34.21
N ASN A 318 2.32 28.07 33.81
CA ASN A 318 3.41 27.41 34.51
C ASN A 318 4.54 27.12 33.54
N LYS A 319 5.67 26.65 34.07
CA LYS A 319 6.88 26.46 33.27
C LYS A 319 6.86 25.14 32.49
N ARG A 320 5.74 24.43 32.57
CA ARG A 320 5.58 23.21 31.79
C ARG A 320 4.76 23.51 30.53
N GLN A 321 4.82 24.76 30.09
CA GLN A 321 4.15 25.19 28.86
C GLN A 321 2.65 24.94 28.91
N SER A 322 2.07 25.10 30.10
CA SER A 322 0.64 24.93 30.25
C SER A 322 0.11 25.85 31.35
N TYR A 323 -1.07 25.52 31.86
CA TYR A 323 -1.72 26.36 32.85
C TYR A 323 -2.26 25.55 34.02
N ASP A 324 -2.19 26.16 35.19
CA ASP A 324 -2.97 25.73 36.34
C ASP A 324 -4.30 26.43 36.24
N ILE A 325 -5.38 25.66 36.27
CA ILE A 325 -6.73 26.20 36.12
C ILE A 325 -7.40 26.22 37.48
N SER A 326 -7.90 27.38 37.87
CA SER A 326 -8.70 27.50 39.09
C SER A 326 -10.09 27.95 38.72
N ILE A 327 -11.10 27.15 39.06
CA ILE A 327 -12.48 27.53 38.77
C ILE A 327 -13.28 27.61 40.05
N VAL A 328 -13.91 28.76 40.26
CA VAL A 328 -14.81 28.93 41.38
C VAL A 328 -16.16 29.39 40.85
N ALA A 329 -17.21 28.68 41.25
CA ALA A 329 -18.56 29.00 40.79
C ALA A 329 -19.56 28.94 41.94
N GLN A 330 -20.57 29.78 41.87
CA GLN A 330 -21.65 29.72 42.84
C GLN A 330 -22.99 30.08 42.20
N VAL A 331 -24.04 29.46 42.71
CA VAL A 331 -25.40 29.80 42.33
C VAL A 331 -25.86 30.94 43.21
N ASP A 332 -26.05 32.11 42.60
CA ASP A 332 -26.32 33.33 43.35
C ASP A 332 -27.60 33.19 44.19
N GLN A 333 -28.60 32.52 43.64
CA GLN A 333 -29.89 32.42 44.31
C GLN A 333 -29.83 31.56 45.57
N THR A 334 -28.86 30.64 45.66
CA THR A 334 -28.82 29.70 46.77
C THR A 334 -27.52 29.80 47.58
N GLY A 335 -26.49 30.38 46.98
CA GLY A 335 -25.20 30.49 47.64
C GLY A 335 -24.41 29.19 47.65
N SER A 336 -24.93 28.16 47.01
CA SER A 336 -24.21 26.88 46.91
C SER A 336 -22.99 27.07 46.01
N LYS A 337 -21.84 26.66 46.53
CA LYS A 337 -20.55 26.97 45.93
C LYS A 337 -19.74 25.74 45.56
N SER A 338 -18.96 25.85 44.49
CA SER A 338 -18.03 24.80 44.09
C SER A 338 -16.70 25.35 43.55
N SER A 339 -15.64 24.59 43.84
CA SER A 339 -14.28 24.91 43.40
C SER A 339 -13.60 23.73 42.71
N ASN A 340 -12.65 24.02 41.80
CA ASN A 340 -11.75 22.96 41.32
C ASN A 340 -10.45 23.57 40.83
N LEU A 341 -9.40 22.77 40.99
CA LEU A 341 -8.07 23.10 40.49
C LEU A 341 -7.69 22.01 39.50
N LEU A 342 -7.33 22.42 38.30
CA LEU A 342 -7.00 21.46 37.26
C LEU A 342 -5.63 21.75 36.68
N ASP A 343 -5.02 20.69 36.15
CA ASP A 343 -3.71 20.76 35.54
C ASP A 343 -3.85 20.52 34.03
N LEU A 344 -3.83 21.60 33.25
CA LEU A 344 -4.08 21.51 31.82
C LEU A 344 -2.98 20.73 31.08
N LYS A 345 -1.84 20.53 31.72
CA LYS A 345 -0.73 19.80 31.10
C LYS A 345 -1.01 18.31 30.93
N ASN A 346 -1.87 17.78 31.79
CA ASN A 346 -2.17 16.35 31.80
C ASN A 346 -3.66 16.10 31.58
N PRO A 347 -4.15 16.38 30.37
CA PRO A 347 -5.59 16.18 30.15
C PRO A 347 -5.90 14.72 29.98
N PHE A 348 -7.17 14.37 30.17
CA PHE A 348 -7.59 13.00 29.94
C PHE A 348 -8.27 12.96 28.58
N PHE A 349 -7.66 12.25 27.64
CA PHE A 349 -8.23 12.13 26.30
C PHE A 349 -9.28 11.02 26.33
N ARG A 350 -10.54 11.42 26.36
CA ARG A 350 -11.68 10.52 26.54
C ARG A 350 -12.27 10.07 25.20
N TYR A 351 -12.10 10.89 24.18
CA TYR A 351 -12.70 10.62 22.86
C TYR A 351 -12.37 9.22 22.33
N THR A 352 -13.40 8.56 21.83
CA THR A 352 -13.26 7.22 21.26
C THR A 352 -14.13 7.08 20.01
N SER B 10 25.81 10.20 39.87
CA SER B 10 25.02 8.98 39.97
C SER B 10 25.12 8.14 38.70
N VAL B 11 25.03 6.83 38.85
CA VAL B 11 25.04 5.91 37.72
C VAL B 11 23.82 6.20 36.85
N PHE B 12 22.70 6.51 37.49
CA PHE B 12 21.45 6.78 36.78
C PHE B 12 21.55 8.06 35.96
N SER B 13 21.96 9.14 36.62
CA SER B 13 22.03 10.44 35.95
C SER B 13 23.03 10.39 34.78
N GLU B 14 24.10 9.61 34.93
CA GLU B 14 25.14 9.54 33.90
C GLU B 14 24.63 8.90 32.61
N ARG B 15 23.68 7.98 32.73
CA ARG B 15 23.16 7.28 31.55
C ARG B 15 21.80 7.81 31.10
N THR B 16 21.30 8.87 31.76
CA THR B 16 19.95 9.36 31.48
C THR B 16 19.89 10.87 31.28
N GLU B 17 19.32 11.29 30.16
CA GLU B 17 19.01 12.72 29.97
C GLU B 17 17.93 13.11 30.96
N GLU B 18 18.13 14.25 31.61
CA GLU B 18 17.23 14.70 32.67
C GLU B 18 15.79 14.74 32.17
N SER B 19 15.58 15.24 30.95
CA SER B 19 14.25 15.35 30.37
C SER B 19 13.50 14.01 30.43
N SER B 20 14.19 12.98 29.97
CA SER B 20 13.64 11.63 29.95
C SER B 20 13.29 11.20 31.36
N ALA B 21 14.19 11.45 32.30
CA ALA B 21 13.97 11.07 33.70
C ALA B 21 12.74 11.76 34.31
N VAL B 22 12.66 13.08 34.10
CA VAL B 22 11.53 13.85 34.59
C VAL B 22 10.24 13.25 34.05
N GLN B 23 10.17 13.12 32.72
CA GLN B 23 9.00 12.54 32.08
C GLN B 23 8.68 11.15 32.66
N TYR B 24 9.72 10.35 32.77
CA TYR B 24 9.61 8.97 33.20
C TYR B 24 9.00 8.85 34.59
N PHE B 25 9.56 9.59 35.53
CA PHE B 25 9.10 9.50 36.91
C PHE B 25 7.81 10.25 37.14
N GLN B 26 7.56 11.30 36.34
CA GLN B 26 6.25 11.93 36.38
C GLN B 26 5.18 10.92 35.96
N PHE B 27 5.44 10.17 34.90
CA PHE B 27 4.51 9.12 34.45
C PHE B 27 4.09 8.17 35.57
N TYR B 28 5.06 7.61 36.30
CA TYR B 28 4.75 6.63 37.33
C TYR B 28 4.25 7.23 38.64
N GLY B 29 4.25 8.55 38.74
CA GLY B 29 3.69 9.23 39.90
C GLY B 29 2.17 9.25 39.94
N TYR B 30 1.53 8.87 38.83
CA TYR B 30 0.07 8.91 38.75
C TYR B 30 -0.53 7.62 39.27
N LEU B 31 -1.55 7.76 40.12
CA LEU B 31 -2.25 6.62 40.66
C LEU B 31 -2.94 5.81 39.58
N SER B 32 -3.41 6.48 38.53
CA SER B 32 -4.09 5.80 37.43
C SER B 32 -3.17 4.78 36.75
N GLN B 33 -1.90 5.12 36.66
CA GLN B 33 -0.93 4.23 36.04
C GLN B 33 -0.63 3.03 36.94
N GLN B 34 -0.44 3.29 38.23
CA GLN B 34 -0.27 2.23 39.21
C GLN B 34 -1.49 1.30 39.14
N GLN B 35 -2.68 1.88 39.05
CA GLN B 35 -3.90 1.10 38.93
C GLN B 35 -3.86 0.23 37.68
N ASN B 36 -3.52 0.84 36.55
CA ASN B 36 -3.40 0.08 35.31
C ASN B 36 -2.48 -1.12 35.48
N MET B 37 -1.31 -0.91 36.07
CA MET B 37 -0.41 -2.04 36.30
C MET B 37 -0.98 -3.06 37.29
N MET B 38 -1.58 -2.56 38.37
CA MET B 38 -2.11 -3.44 39.40
C MET B 38 -3.24 -4.30 38.84
N GLN B 39 -4.02 -3.74 37.93
CA GLN B 39 -5.17 -4.46 37.35
C GLN B 39 -4.78 -5.47 36.28
N ASP B 40 -3.50 -5.54 35.91
CA ASP B 40 -3.02 -6.64 35.07
C ASP B 40 -2.96 -7.87 35.97
N TYR B 41 -4.03 -8.67 35.99
CA TYR B 41 -4.13 -9.76 36.97
C TYR B 41 -3.08 -10.85 36.76
N VAL B 42 -2.74 -11.14 35.51
CA VAL B 42 -1.70 -12.12 35.22
C VAL B 42 -0.42 -11.69 35.95
N ARG B 43 -0.03 -10.44 35.71
CA ARG B 43 1.17 -9.87 36.29
C ARG B 43 1.13 -9.95 37.82
N THR B 44 0.12 -9.30 38.41
CA THR B 44 0.01 -9.14 39.85
C THR B 44 -0.16 -10.48 40.55
N GLY B 45 -1.09 -11.28 40.04
CA GLY B 45 -1.33 -12.61 40.55
C GLY B 45 -0.11 -13.51 40.45
N THR B 46 0.60 -13.44 39.33
CA THR B 46 1.79 -14.28 39.17
C THR B 46 2.90 -13.83 40.13
N TYR B 47 3.11 -12.52 40.28
CA TYR B 47 4.07 -12.06 41.28
C TYR B 47 3.70 -12.58 42.66
N GLN B 48 2.43 -12.39 43.05
CA GLN B 48 2.01 -12.85 44.36
C GLN B 48 2.26 -14.37 44.50
N ARG B 49 1.90 -15.13 43.47
N ARG B 49 1.91 -15.11 43.46
CA ARG B 49 2.12 -16.57 43.50
CA ARG B 49 2.11 -16.56 43.45
C ARG B 49 3.59 -16.93 43.67
C ARG B 49 3.57 -16.92 43.66
N ALA B 50 4.44 -16.29 42.87
CA ALA B 50 5.88 -16.55 42.94
C ALA B 50 6.41 -16.27 44.34
N ILE B 51 5.95 -15.18 44.94
CA ILE B 51 6.43 -14.83 46.27
C ILE B 51 5.86 -15.74 47.37
N LEU B 52 4.54 -15.93 47.39
CA LEU B 52 3.91 -16.69 48.47
C LEU B 52 4.25 -18.18 48.37
N GLN B 53 4.32 -18.73 47.17
CA GLN B 53 4.64 -20.14 47.07
C GLN B 53 6.12 -20.42 47.34
N ASN B 54 6.93 -19.36 47.36
CA ASN B 54 8.32 -19.48 47.78
C ASN B 54 8.53 -18.71 49.10
N HIS B 55 7.59 -18.89 50.02
CA HIS B 55 7.58 -18.11 51.26
C HIS B 55 8.86 -18.31 52.08
N THR B 56 9.47 -19.48 51.97
CA THR B 56 10.68 -19.76 52.74
C THR B 56 11.84 -18.88 52.28
N ASP B 57 11.75 -18.37 51.06
CA ASP B 57 12.77 -17.44 50.55
C ASP B 57 12.57 -16.03 51.11
N PHE B 58 11.49 -15.83 51.85
CA PHE B 58 11.16 -14.51 52.39
C PHE B 58 11.03 -14.52 53.92
N LYS B 59 10.51 -15.61 54.48
CA LYS B 59 10.26 -15.70 55.91
C LYS B 59 11.48 -15.29 56.74
N ASP B 60 11.32 -14.24 57.52
CA ASP B 60 12.37 -13.71 58.39
C ASP B 60 13.59 -13.23 57.62
N LYS B 61 13.38 -12.85 56.36
CA LYS B 61 14.46 -12.35 55.52
C LYS B 61 14.42 -10.82 55.39
N ILE B 62 15.54 -10.28 54.91
CA ILE B 62 15.63 -8.87 54.58
C ILE B 62 15.41 -8.74 53.06
N VAL B 63 14.50 -7.86 52.66
CA VAL B 63 14.11 -7.74 51.26
C VAL B 63 14.38 -6.34 50.74
N LEU B 64 14.81 -6.25 49.48
CA LEU B 64 14.85 -4.97 48.79
C LEU B 64 13.86 -4.99 47.63
N ASP B 65 12.95 -4.02 47.62
CA ASP B 65 11.98 -3.86 46.53
C ASP B 65 12.40 -2.68 45.66
N VAL B 66 12.87 -2.97 44.45
CA VAL B 66 13.40 -1.91 43.59
C VAL B 66 12.28 -1.30 42.74
N GLY B 67 11.94 -0.04 43.03
CA GLY B 67 10.89 0.65 42.31
C GLY B 67 9.53 0.15 42.75
N CYS B 68 9.21 0.35 44.02
CA CYS B 68 8.07 -0.31 44.66
C CYS B 68 6.72 0.22 44.18
N GLY B 69 6.71 1.40 43.56
CA GLY B 69 5.47 2.01 43.12
C GLY B 69 4.49 2.15 44.28
N SER B 70 3.33 1.52 44.14
CA SER B 70 2.32 1.53 45.19
C SER B 70 2.79 0.73 46.40
N GLY B 71 3.74 -0.17 46.18
CA GLY B 71 4.29 -0.99 47.24
C GLY B 71 3.78 -2.42 47.24
N ILE B 72 2.97 -2.77 46.24
CA ILE B 72 2.27 -4.07 46.22
C ILE B 72 3.22 -5.25 46.45
N LEU B 73 4.35 -5.26 45.76
CA LEU B 73 5.28 -6.38 45.88
C LEU B 73 5.84 -6.47 47.29
N SER B 74 6.07 -5.31 47.90
CA SER B 74 6.56 -5.28 49.27
C SER B 74 5.50 -5.88 50.21
N PHE B 75 4.24 -5.59 49.93
CA PHE B 75 3.15 -6.21 50.70
C PHE B 75 3.13 -7.71 50.48
N PHE B 76 3.37 -8.16 49.25
CA PHE B 76 3.50 -9.61 49.04
C PHE B 76 4.66 -10.18 49.85
N ALA B 77 5.79 -9.48 49.87
CA ALA B 77 6.93 -9.91 50.67
C ALA B 77 6.58 -9.95 52.16
N ALA B 78 5.81 -8.98 52.62
CA ALA B 78 5.34 -8.96 54.01
C ALA B 78 4.41 -10.13 54.30
N GLN B 79 3.52 -10.43 53.35
CA GLN B 79 2.62 -11.57 53.49
C GLN B 79 3.40 -12.87 53.62
N ALA B 80 4.55 -12.94 52.97
CA ALA B 80 5.38 -14.15 52.98
C ALA B 80 6.25 -14.24 54.23
N GLY B 81 6.16 -13.23 55.10
CA GLY B 81 6.83 -13.28 56.39
C GLY B 81 8.18 -12.61 56.47
N ALA B 82 8.48 -11.71 55.53
CA ALA B 82 9.76 -11.01 55.54
C ALA B 82 9.94 -10.23 56.84
N ARG B 83 11.17 -10.17 57.33
CA ARG B 83 11.45 -9.47 58.58
C ARG B 83 11.48 -7.97 58.33
N LYS B 84 12.13 -7.56 57.25
CA LYS B 84 12.25 -6.15 56.90
C LYS B 84 12.31 -5.99 55.39
N ILE B 85 11.55 -5.04 54.88
CA ILE B 85 11.50 -4.78 53.45
C ILE B 85 11.85 -3.32 53.19
N TYR B 86 12.91 -3.09 52.43
CA TYR B 86 13.25 -1.73 52.02
C TYR B 86 12.65 -1.49 50.65
N ALA B 87 11.71 -0.56 50.58
CA ALA B 87 10.99 -0.28 49.36
C ALA B 87 11.46 1.04 48.77
N VAL B 88 12.27 0.96 47.73
CA VAL B 88 12.86 2.14 47.12
C VAL B 88 11.99 2.61 45.95
N GLU B 89 11.66 3.89 45.92
CA GLU B 89 10.86 4.46 44.84
C GLU B 89 11.23 5.91 44.60
N ALA B 90 11.49 6.25 43.34
CA ALA B 90 12.02 7.56 42.97
C ALA B 90 10.91 8.58 42.67
N SER B 91 9.77 8.10 42.19
CA SER B 91 8.66 9.00 41.89
C SER B 91 7.94 9.43 43.16
N THR B 92 7.00 10.35 43.03
CA THR B 92 6.21 10.82 44.16
C THR B 92 5.28 9.72 44.70
N MET B 93 5.10 8.66 43.93
CA MET B 93 4.29 7.52 44.39
C MET B 93 4.77 7.03 45.75
N ALA B 94 6.06 7.24 46.02
CA ALA B 94 6.66 6.88 47.30
C ALA B 94 5.82 7.40 48.46
N GLN B 95 5.23 8.57 48.30
CA GLN B 95 4.43 9.17 49.38
C GLN B 95 3.15 8.36 49.58
N HIS B 96 2.64 7.80 48.49
CA HIS B 96 1.40 7.04 48.53
C HIS B 96 1.64 5.67 49.15
N ALA B 97 2.80 5.10 48.83
CA ALA B 97 3.20 3.83 49.40
C ALA B 97 3.28 3.94 50.92
N GLU B 98 3.83 5.04 51.41
CA GLU B 98 3.95 5.22 52.85
C GLU B 98 2.57 5.22 53.48
N VAL B 99 1.62 5.84 52.81
CA VAL B 99 0.24 5.89 53.30
C VAL B 99 -0.30 4.47 53.44
N LEU B 100 -0.07 3.63 52.44
CA LEU B 100 -0.58 2.26 52.48
C LEU B 100 0.15 1.44 53.55
N VAL B 101 1.44 1.67 53.73
CA VAL B 101 2.19 0.93 54.76
C VAL B 101 1.56 1.22 56.12
N LYS B 102 1.24 2.48 56.39
CA LYS B 102 0.62 2.84 57.66
C LYS B 102 -0.82 2.32 57.78
N SER B 103 -1.65 2.52 56.77
CA SER B 103 -3.04 2.09 56.86
C SER B 103 -3.15 0.57 56.93
N ASN B 104 -2.12 -0.14 56.48
CA ASN B 104 -2.10 -1.59 56.56
C ASN B 104 -1.31 -2.10 57.77
N ASN B 105 -0.94 -1.20 58.67
CA ASN B 105 -0.28 -1.55 59.92
C ASN B 105 0.98 -2.38 59.71
N LEU B 106 1.84 -1.92 58.82
CA LEU B 106 3.07 -2.64 58.51
C LEU B 106 4.30 -1.74 58.64
N THR B 107 4.17 -0.68 59.44
CA THR B 107 5.25 0.28 59.66
C THR B 107 6.49 -0.36 60.28
N ASP B 108 6.31 -1.47 60.97
CA ASP B 108 7.42 -2.17 61.62
C ASP B 108 8.19 -3.07 60.65
N ARG B 109 7.67 -3.23 59.44
CA ARG B 109 8.22 -4.21 58.49
C ARG B 109 8.55 -3.64 57.10
N ILE B 110 7.74 -2.70 56.60
CA ILE B 110 8.01 -2.08 55.31
C ILE B 110 8.51 -0.66 55.51
N VAL B 111 9.71 -0.40 54.98
CA VAL B 111 10.35 0.90 55.09
C VAL B 111 10.53 1.51 53.70
N VAL B 112 9.75 2.53 53.40
CA VAL B 112 9.87 3.22 52.13
C VAL B 112 11.09 4.14 52.19
N ILE B 113 11.95 4.02 51.19
CA ILE B 113 13.10 4.89 51.05
C ILE B 113 12.97 5.66 49.74
N PRO B 114 12.63 6.96 49.81
CA PRO B 114 12.46 7.74 48.58
C PRO B 114 13.78 8.03 47.89
N GLY B 115 13.79 7.90 46.56
CA GLY B 115 14.99 8.17 45.80
C GLY B 115 15.30 7.10 44.77
N LYS B 116 16.40 7.31 44.06
CA LYS B 116 16.86 6.40 43.03
C LYS B 116 17.65 5.30 43.71
N VAL B 117 17.48 4.05 43.29
CA VAL B 117 18.20 2.96 43.94
C VAL B 117 19.70 3.17 43.75
N GLU B 118 20.07 3.91 42.70
CA GLU B 118 21.46 4.23 42.41
C GLU B 118 22.03 5.29 43.36
N GLU B 119 21.13 5.95 44.08
CA GLU B 119 21.49 7.15 44.84
C GLU B 119 21.20 7.05 46.34
N VAL B 120 20.22 6.25 46.74
CA VAL B 120 19.84 6.12 48.15
C VAL B 120 20.87 5.29 48.91
N SER B 121 20.76 5.32 50.24
CA SER B 121 21.59 4.50 51.11
C SER B 121 20.71 3.51 51.89
N LEU B 122 21.07 2.23 51.89
CA LEU B 122 20.35 1.23 52.67
C LEU B 122 21.11 0.88 53.95
N PRO B 123 20.39 0.58 55.04
CA PRO B 123 21.08 0.31 56.32
C PRO B 123 21.83 -1.03 56.37
N GLU B 124 21.41 -1.99 55.56
CA GLU B 124 21.98 -3.33 55.62
C GLU B 124 21.90 -4.03 54.26
N GLN B 125 22.67 -5.09 54.10
CA GLN B 125 22.61 -5.91 52.90
C GLN B 125 21.36 -6.78 52.99
N VAL B 126 20.84 -7.22 51.84
CA VAL B 126 19.57 -7.93 51.82
C VAL B 126 19.74 -9.37 51.34
N ASP B 127 18.75 -10.20 51.65
CA ASP B 127 18.74 -11.61 51.27
C ASP B 127 18.19 -11.79 49.86
N ILE B 128 17.29 -10.91 49.47
CA ILE B 128 16.61 -11.06 48.20
C ILE B 128 16.17 -9.70 47.64
N ILE B 129 16.30 -9.57 46.33
CA ILE B 129 15.81 -8.37 45.65
C ILE B 129 14.57 -8.75 44.84
N ILE B 130 13.50 -7.98 45.02
CA ILE B 130 12.32 -8.13 44.18
C ILE B 130 12.11 -6.85 43.40
N SER B 131 11.56 -7.00 42.19
CA SER B 131 11.30 -5.88 41.32
C SER B 131 10.44 -6.30 40.14
N GLU B 132 9.80 -5.32 39.53
CA GLU B 132 9.13 -5.51 38.26
C GLU B 132 9.72 -4.49 37.28
N PRO B 133 10.90 -4.81 36.71
CA PRO B 133 11.61 -3.86 35.85
C PRO B 133 11.47 -4.10 34.36
N MET B 134 10.53 -4.94 33.97
CA MET B 134 10.38 -5.29 32.55
C MET B 134 9.56 -4.24 31.81
N GLY B 135 10.07 -3.82 30.65
CA GLY B 135 9.31 -2.94 29.78
C GLY B 135 8.94 -3.70 28.53
N TYR B 136 8.39 -2.98 27.55
CA TYR B 136 8.12 -3.56 26.24
C TYR B 136 9.38 -4.23 25.71
N MET B 137 9.22 -5.38 25.07
CA MET B 137 10.37 -6.09 24.52
C MET B 137 11.41 -6.37 25.62
N LEU B 138 10.92 -6.48 26.85
CA LEU B 138 11.72 -6.71 28.07
C LEU B 138 12.60 -5.52 28.46
N PHE B 139 13.39 -4.98 27.53
CA PHE B 139 14.45 -4.04 27.89
C PHE B 139 14.04 -2.56 27.93
N ASN B 140 12.90 -2.22 27.34
CA ASN B 140 12.48 -0.82 27.30
C ASN B 140 12.42 -0.24 28.71
N GLU B 141 12.78 1.05 28.82
CA GLU B 141 12.84 1.80 30.08
C GLU B 141 14.20 1.64 30.79
N ARG B 142 14.96 0.62 30.41
CA ARG B 142 16.30 0.39 30.95
C ARG B 142 16.28 0.22 32.46
N MET B 143 15.15 -0.22 33.00
CA MET B 143 15.04 -0.39 34.44
C MET B 143 15.77 -1.64 34.94
N LEU B 144 16.06 -2.56 34.02
CA LEU B 144 16.82 -3.75 34.38
C LEU B 144 18.20 -3.37 34.94
N GLU B 145 18.74 -2.24 34.45
CA GLU B 145 20.05 -1.80 34.89
C GLU B 145 20.04 -1.34 36.35
N SER B 146 18.93 -0.73 36.78
CA SER B 146 18.77 -0.35 38.18
C SER B 146 18.66 -1.60 39.04
N TYR B 147 17.90 -2.57 38.53
CA TYR B 147 17.71 -3.86 39.16
C TYR B 147 19.05 -4.55 39.39
N LEU B 148 19.87 -4.61 38.33
CA LEU B 148 21.18 -5.23 38.44
C LEU B 148 22.08 -4.38 39.33
N HIS B 149 21.97 -3.06 39.20
CA HIS B 149 22.75 -2.15 40.02
C HIS B 149 22.50 -2.41 41.51
N ALA B 150 21.24 -2.64 41.86
CA ALA B 150 20.85 -2.91 43.25
C ALA B 150 21.57 -4.10 43.88
N LYS B 151 22.24 -4.91 43.08
CA LYS B 151 22.90 -6.12 43.54
C LYS B 151 24.09 -5.81 44.46
N LYS B 152 24.48 -4.53 44.52
CA LYS B 152 25.50 -4.09 45.45
C LYS B 152 25.02 -4.24 46.91
N TYR B 153 23.71 -4.34 47.09
CA TYR B 153 23.13 -4.52 48.42
C TYR B 153 22.77 -5.98 48.70
N LEU B 154 23.04 -6.86 47.73
CA LEU B 154 22.64 -8.25 47.86
C LEU B 154 23.75 -9.10 48.50
N LYS B 155 23.38 -9.89 49.50
CA LYS B 155 24.30 -10.84 50.10
C LYS B 155 24.82 -11.80 49.04
N PRO B 156 26.03 -12.35 49.24
CA PRO B 156 26.57 -13.30 48.27
C PRO B 156 25.64 -14.47 47.97
N SER B 157 24.96 -14.99 48.99
CA SER B 157 24.06 -16.12 48.79
C SER B 157 22.63 -15.65 48.50
N GLY B 158 22.47 -14.36 48.18
CA GLY B 158 21.16 -13.80 47.92
C GLY B 158 20.50 -14.16 46.60
N ASN B 159 19.22 -13.85 46.49
CA ASN B 159 18.45 -14.18 45.31
C ASN B 159 17.80 -12.95 44.65
N MET B 160 17.33 -13.17 43.43
CA MET B 160 16.70 -12.14 42.61
C MET B 160 15.36 -12.67 42.12
N PHE B 161 14.32 -11.88 42.32
CA PHE B 161 12.96 -12.21 41.88
C PHE B 161 12.40 -11.07 41.01
N PRO B 162 12.38 -11.25 39.69
CA PRO B 162 12.71 -12.42 38.86
C PRO B 162 14.19 -12.75 38.83
N THR B 163 14.50 -14.01 38.53
CA THR B 163 15.86 -14.53 38.53
C THR B 163 16.47 -14.48 37.13
N ILE B 164 15.67 -14.83 36.13
CA ILE B 164 16.11 -14.78 34.74
C ILE B 164 15.01 -14.24 33.82
N GLY B 165 15.44 -13.71 32.68
CA GLY B 165 14.53 -13.24 31.65
C GLY B 165 14.84 -13.81 30.27
N ASP B 166 13.82 -14.31 29.61
CA ASP B 166 13.94 -14.82 28.25
C ASP B 166 13.24 -13.88 27.28
N VAL B 167 13.98 -13.42 26.28
CA VAL B 167 13.40 -12.69 25.16
C VAL B 167 13.23 -13.68 24.01
N HIS B 168 12.02 -13.74 23.47
CA HIS B 168 11.73 -14.57 22.31
C HIS B 168 11.50 -13.70 21.09
N LEU B 169 12.09 -14.11 19.97
CA LEU B 169 11.84 -13.47 18.69
C LEU B 169 11.46 -14.50 17.63
N ALA B 170 10.50 -14.16 16.78
CA ALA B 170 10.11 -15.03 15.66
C ALA B 170 9.67 -14.25 14.44
N PRO B 171 9.96 -14.75 13.24
CA PRO B 171 9.50 -14.03 12.04
C PRO B 171 8.00 -14.14 11.85
N PHE B 172 7.35 -13.09 11.36
CA PHE B 172 5.91 -13.14 11.13
C PHE B 172 5.52 -12.65 9.74
N THR B 173 4.29 -13.00 9.34
CA THR B 173 3.69 -12.46 8.13
C THR B 173 2.38 -11.77 8.50
N ASP B 174 2.24 -10.52 8.10
CA ASP B 174 1.03 -9.75 8.37
C ASP B 174 0.87 -8.61 7.37
N GLU B 175 0.29 -8.92 6.23
CA GLU B 175 0.09 -7.98 5.13
C GLU B 175 -0.66 -6.72 5.54
N GLN B 176 -1.70 -6.92 6.33
CA GLN B 176 -2.57 -5.82 6.76
C GLN B 176 -1.83 -4.78 7.60
N LEU B 177 -1.02 -5.22 8.55
CA LEU B 177 -0.24 -4.31 9.37
C LEU B 177 0.74 -3.49 8.51
N TYR B 178 1.46 -4.21 7.66
CA TYR B 178 2.43 -3.59 6.77
C TYR B 178 1.78 -2.52 5.91
N MET B 179 0.67 -2.89 5.28
CA MET B 179 -0.05 -1.96 4.44
C MET B 179 -0.65 -0.83 5.29
N GLU B 180 -1.07 -1.16 6.50
CA GLU B 180 -1.57 -0.14 7.43
C GLU B 180 -0.54 0.96 7.65
N GLN B 181 0.68 0.56 7.98
CA GLN B 181 1.78 1.53 8.16
C GLN B 181 2.15 2.26 6.86
N PHE B 182 2.24 1.51 5.77
CA PHE B 182 2.62 2.11 4.49
C PHE B 182 1.59 3.14 4.05
N THR B 183 0.32 2.83 4.28
CA THR B 183 -0.77 3.77 3.96
C THR B 183 -0.55 5.10 4.69
N LYS B 184 -0.19 5.03 5.96
CA LYS B 184 0.08 6.22 6.75
C LYS B 184 1.26 6.97 6.17
N ALA B 185 2.33 6.22 5.87
CA ALA B 185 3.51 6.84 5.29
C ALA B 185 3.22 7.49 3.94
N ASN B 186 2.31 6.91 3.17
CA ASN B 186 2.06 7.40 1.80
C ASN B 186 1.41 8.78 1.72
N PHE B 187 0.99 9.34 2.85
CA PHE B 187 0.51 10.72 2.88
C PHE B 187 1.57 11.64 2.28
N TRP B 188 2.83 11.35 2.59
CA TRP B 188 3.96 12.17 2.17
C TRP B 188 4.38 11.90 0.73
N TYR B 189 3.59 11.09 0.04
CA TYR B 189 3.82 10.78 -1.37
C TYR B 189 3.07 11.78 -2.26
N GLN B 190 2.11 12.50 -1.70
CA GLN B 190 1.30 13.42 -2.49
C GLN B 190 2.09 14.52 -3.18
N PRO B 191 1.87 14.70 -4.50
CA PRO B 191 2.59 15.76 -5.21
C PRO B 191 1.87 17.10 -5.10
N SER B 192 0.64 17.11 -4.58
CA SER B 192 -0.13 18.35 -4.51
C SER B 192 -1.13 18.37 -3.34
N PHE B 193 -0.61 18.30 -2.12
CA PHE B 193 -1.43 18.47 -0.93
C PHE B 193 -1.74 19.95 -0.73
N HIS B 194 -2.98 20.33 -0.98
CA HIS B 194 -3.37 21.74 -1.02
C HIS B 194 -2.42 22.50 -1.94
N GLY B 195 -1.99 21.86 -3.02
CA GLY B 195 -1.12 22.51 -3.97
C GLY B 195 0.36 22.41 -3.66
N VAL B 196 0.70 21.68 -2.59
CA VAL B 196 2.08 21.57 -2.15
C VAL B 196 2.62 20.17 -2.43
N ASP B 197 3.81 20.10 -3.02
CA ASP B 197 4.45 18.84 -3.32
C ASP B 197 5.22 18.32 -2.11
N LEU B 198 4.72 17.23 -1.51
CA LEU B 198 5.31 16.67 -0.30
C LEU B 198 6.26 15.51 -0.61
N SER B 199 6.26 15.04 -1.86
CA SER B 199 6.86 13.75 -2.21
C SER B 199 8.33 13.64 -1.82
N ALA B 200 9.05 14.76 -1.83
CA ALA B 200 10.47 14.75 -1.50
C ALA B 200 10.71 14.18 -0.09
N LEU B 201 9.67 14.17 0.73
CA LEU B 201 9.78 13.67 2.11
C LEU B 201 9.23 12.25 2.29
N ARG B 202 8.79 11.60 1.21
CA ARG B 202 8.17 10.29 1.35
C ARG B 202 9.13 9.27 1.98
N GLY B 203 10.38 9.26 1.53
CA GLY B 203 11.38 8.38 2.09
C GLY B 203 11.56 8.58 3.58
N ALA B 204 11.67 9.84 3.99
CA ALA B 204 11.84 10.17 5.40
C ALA B 204 10.63 9.74 6.22
N ALA B 205 9.45 9.84 5.60
CA ALA B 205 8.22 9.44 6.28
C ALA B 205 8.14 7.93 6.46
N VAL B 206 8.48 7.18 5.42
CA VAL B 206 8.48 5.73 5.50
C VAL B 206 9.41 5.30 6.63
N ASP B 207 10.61 5.87 6.65
CA ASP B 207 11.59 5.55 7.69
C ASP B 207 11.02 5.78 9.08
N GLU B 208 10.35 6.92 9.28
CA GLU B 208 9.83 7.26 10.59
C GLU B 208 8.77 6.26 11.07
N TYR B 209 7.80 5.97 10.22
CA TYR B 209 6.73 5.06 10.60
C TYR B 209 7.26 3.67 10.86
N PHE B 210 8.22 3.23 10.04
CA PHE B 210 8.75 1.89 10.18
C PHE B 210 9.78 1.81 11.31
N ARG B 211 10.21 2.95 11.86
CA ARG B 211 11.04 2.96 13.06
C ARG B 211 10.22 2.62 14.30
N GLN B 212 8.90 2.63 14.16
CA GLN B 212 8.02 2.43 15.31
C GLN B 212 7.72 0.96 15.54
N PRO B 213 8.16 0.41 16.69
CA PRO B 213 7.69 -0.93 17.03
C PRO B 213 6.19 -0.94 17.22
N VAL B 214 5.53 -2.01 16.80
CA VAL B 214 4.09 -2.11 16.91
C VAL B 214 3.75 -2.93 18.14
N VAL B 215 3.11 -2.28 19.11
CA VAL B 215 2.72 -2.94 20.33
C VAL B 215 1.27 -3.38 20.23
N ASP B 216 1.06 -4.68 20.30
CA ASP B 216 -0.29 -5.25 20.30
C ASP B 216 -0.17 -6.75 20.34
N THR B 217 -1.30 -7.44 20.20
CA THR B 217 -1.28 -8.90 20.17
C THR B 217 -1.71 -9.39 18.80
N PHE B 218 -1.59 -10.70 18.58
CA PHE B 218 -1.87 -11.28 17.28
C PHE B 218 -2.11 -12.78 17.39
N ASP B 219 -2.67 -13.36 16.33
CA ASP B 219 -2.87 -14.80 16.23
C ASP B 219 -1.53 -15.48 15.99
N ILE B 220 -1.24 -16.54 16.74
CA ILE B 220 0.06 -17.21 16.64
C ILE B 220 0.31 -17.79 15.25
N ARG B 221 -0.74 -17.89 14.44
CA ARG B 221 -0.62 -18.48 13.12
C ARG B 221 0.11 -17.57 12.14
N ILE B 222 0.35 -16.31 12.52
CA ILE B 222 1.13 -15.41 11.67
C ILE B 222 2.63 -15.73 11.80
N LEU B 223 2.98 -16.52 12.80
CA LEU B 223 4.38 -16.85 13.05
C LEU B 223 4.87 -17.93 12.08
N MET B 224 6.04 -17.72 11.49
CA MET B 224 6.50 -18.54 10.38
C MET B 224 7.64 -19.48 10.76
N ALA B 225 8.08 -19.42 12.01
CA ALA B 225 9.14 -20.30 12.47
C ALA B 225 9.13 -20.34 13.99
N LYS B 226 9.72 -21.40 14.54
CA LYS B 226 9.90 -21.54 15.98
C LYS B 226 10.69 -20.36 16.51
N SER B 227 10.33 -19.84 17.68
CA SER B 227 11.02 -18.67 18.19
C SER B 227 12.48 -18.95 18.56
N VAL B 228 13.30 -17.90 18.48
CA VAL B 228 14.66 -17.93 19.02
C VAL B 228 14.64 -17.23 20.37
N LYS B 229 15.41 -17.79 21.31
CA LYS B 229 15.38 -17.32 22.70
C LYS B 229 16.74 -16.75 23.11
N TYR B 230 16.69 -15.57 23.73
CA TYR B 230 17.87 -14.94 24.30
C TYR B 230 17.66 -14.73 25.78
N THR B 231 18.55 -15.30 26.60
CA THR B 231 18.36 -15.32 28.05
C THR B 231 19.33 -14.39 28.78
N VAL B 232 18.79 -13.61 29.71
CA VAL B 232 19.57 -12.80 30.62
C VAL B 232 19.41 -13.38 32.03
N ASN B 233 20.52 -13.75 32.65
CA ASN B 233 20.52 -14.23 34.03
C ASN B 233 20.78 -13.08 34.98
N PHE B 234 19.75 -12.66 35.70
CA PHE B 234 19.83 -11.46 36.54
C PHE B 234 20.76 -11.66 37.74
N LEU B 235 20.97 -12.90 38.14
CA LEU B 235 21.90 -13.19 39.23
C LEU B 235 23.36 -13.00 38.82
N GLU B 236 23.64 -13.20 37.54
CA GLU B 236 25.02 -13.20 37.06
C GLU B 236 25.36 -11.93 36.30
N ALA B 237 24.38 -11.36 35.62
CA ALA B 237 24.62 -10.22 34.73
C ALA B 237 25.07 -8.97 35.49
N LYS B 238 25.84 -8.13 34.80
CA LYS B 238 26.21 -6.81 35.30
C LYS B 238 25.45 -5.79 34.49
N GLU B 239 25.14 -4.64 35.07
CA GLU B 239 24.31 -3.66 34.37
C GLU B 239 24.99 -3.25 33.05
N GLY B 240 26.31 -3.17 33.07
CA GLY B 240 27.07 -2.85 31.87
C GLY B 240 26.77 -3.81 30.73
N ASP B 241 26.34 -5.02 31.04
CA ASP B 241 26.01 -6.01 30.02
C ASP B 241 24.83 -5.57 29.16
N LEU B 242 24.03 -4.64 29.65
CA LEU B 242 22.82 -4.25 28.94
C LEU B 242 22.97 -3.01 28.07
N HIS B 243 24.19 -2.47 28.01
CA HIS B 243 24.43 -1.28 27.19
C HIS B 243 24.40 -1.68 25.72
N ARG B 244 24.88 -2.89 25.42
CA ARG B 244 24.88 -3.39 24.05
C ARG B 244 24.43 -4.84 24.06
N ILE B 245 23.24 -5.09 23.53
CA ILE B 245 22.67 -6.43 23.55
C ILE B 245 22.62 -6.97 22.12
N GLU B 246 23.41 -8.00 21.84
CA GLU B 246 23.47 -8.58 20.49
C GLU B 246 22.79 -9.95 20.47
N ILE B 247 21.70 -10.04 19.70
CA ILE B 247 20.92 -11.26 19.61
C ILE B 247 20.99 -11.85 18.20
N PRO B 248 21.91 -12.80 17.98
CA PRO B 248 21.94 -13.46 16.67
C PRO B 248 20.77 -14.42 16.55
N PHE B 249 20.32 -14.65 15.33
CA PHE B 249 19.24 -15.61 15.12
C PHE B 249 19.39 -16.35 13.80
N LYS B 250 18.90 -17.59 13.82
CA LYS B 250 18.88 -18.44 12.65
C LYS B 250 17.57 -19.22 12.68
N PHE B 251 16.58 -18.76 11.91
CA PHE B 251 15.27 -19.40 11.88
C PHE B 251 15.17 -20.42 10.77
N HIS B 252 14.57 -21.57 11.10
CA HIS B 252 14.25 -22.59 10.11
C HIS B 252 12.79 -22.44 9.75
N MET B 253 12.54 -21.88 8.57
CA MET B 253 11.20 -21.48 8.16
C MET B 253 10.27 -22.68 8.04
N LEU B 254 9.13 -22.60 8.72
CA LEU B 254 8.15 -23.68 8.71
C LEU B 254 7.09 -23.46 7.63
N HIS B 255 6.94 -22.22 7.19
CA HIS B 255 5.97 -21.88 6.16
C HIS B 255 6.58 -20.99 5.10
N SER B 256 6.02 -21.07 3.89
CA SER B 256 6.46 -20.20 2.80
C SER B 256 5.62 -18.93 2.80
N GLY B 257 6.26 -17.81 2.47
CA GLY B 257 5.55 -16.57 2.37
C GLY B 257 6.43 -15.35 2.58
N LEU B 258 5.76 -14.22 2.77
CA LEU B 258 6.44 -12.97 3.02
C LEU B 258 6.69 -12.77 4.51
N VAL B 259 7.94 -12.53 4.86
CA VAL B 259 8.31 -12.16 6.21
C VAL B 259 8.27 -10.64 6.27
N HIS B 260 7.32 -10.12 7.04
CA HIS B 260 7.11 -8.68 7.15
C HIS B 260 7.87 -8.09 8.31
N GLY B 261 8.41 -8.95 9.17
CA GLY B 261 9.20 -8.51 10.29
C GLY B 261 9.36 -9.56 11.38
N LEU B 262 9.84 -9.10 12.53
CA LEU B 262 10.08 -9.99 13.66
C LEU B 262 9.16 -9.61 14.81
N ALA B 263 8.57 -10.64 15.43
CA ALA B 263 7.76 -10.49 16.62
C ALA B 263 8.59 -10.83 17.84
N PHE B 264 8.32 -10.10 18.92
CA PHE B 264 9.07 -10.18 20.16
C PHE B 264 8.12 -10.33 21.34
N TRP B 265 8.49 -11.22 22.26
CA TRP B 265 7.84 -11.27 23.57
C TRP B 265 8.87 -11.74 24.58
N PHE B 266 8.49 -11.85 25.85
CA PHE B 266 9.44 -12.27 26.86
C PHE B 266 8.79 -13.03 28.01
N ASP B 267 9.57 -13.89 28.65
CA ASP B 267 9.17 -14.59 29.86
C ASP B 267 10.15 -14.21 30.95
N VAL B 268 9.73 -14.22 32.20
CA VAL B 268 10.68 -14.15 33.31
C VAL B 268 10.38 -15.30 34.25
N ALA B 269 11.43 -15.79 34.92
CA ALA B 269 11.25 -16.87 35.89
C ALA B 269 11.70 -16.47 37.28
N PHE B 270 10.86 -16.79 38.26
CA PHE B 270 11.18 -16.66 39.67
C PHE B 270 11.65 -18.03 40.16
N ILE B 271 12.96 -18.18 40.30
CA ILE B 271 13.57 -19.45 40.65
C ILE B 271 13.77 -19.49 42.15
N GLY B 272 12.75 -19.96 42.86
CA GLY B 272 12.79 -19.99 44.31
C GLY B 272 13.23 -21.34 44.82
N SER B 273 13.36 -21.46 46.13
CA SER B 273 13.79 -22.69 46.75
C SER B 273 12.72 -23.78 46.67
N ILE B 274 11.45 -23.37 46.66
CA ILE B 274 10.35 -24.33 46.66
C ILE B 274 9.95 -24.64 45.24
N MET B 275 9.82 -23.61 44.40
CA MET B 275 9.47 -23.85 43.01
C MET B 275 9.81 -22.67 42.11
N THR B 276 9.87 -22.95 40.82
CA THR B 276 10.10 -21.92 39.83
C THR B 276 8.75 -21.49 39.26
N VAL B 277 8.49 -20.19 39.30
CA VAL B 277 7.24 -19.65 38.77
C VAL B 277 7.53 -18.80 37.55
N TRP B 278 6.79 -19.03 36.47
CA TRP B 278 7.02 -18.30 35.23
C TRP B 278 5.96 -17.25 34.98
N LEU B 279 6.40 -16.09 34.52
CA LEU B 279 5.50 -15.06 34.02
C LEU B 279 5.81 -14.87 32.55
N SER B 280 4.82 -15.14 31.71
CA SER B 280 5.02 -15.13 30.27
C SER B 280 4.13 -14.09 29.58
N THR B 281 4.69 -13.44 28.57
CA THR B 281 3.92 -12.51 27.74
C THR B 281 3.81 -13.07 26.31
N ALA B 282 4.03 -14.37 26.16
CA ALA B 282 3.93 -15.01 24.85
C ALA B 282 2.51 -14.93 24.31
N PRO B 283 2.37 -14.90 22.97
CA PRO B 283 1.05 -14.81 22.33
C PRO B 283 0.22 -16.09 22.48
N THR B 284 0.84 -17.16 22.96
CA THR B 284 0.13 -18.39 23.28
C THR B 284 -0.47 -18.32 24.69
N GLU B 285 -0.15 -17.25 25.42
CA GLU B 285 -0.56 -17.12 26.82
C GLU B 285 -1.57 -15.98 27.01
N PRO B 286 -2.27 -15.98 28.15
CA PRO B 286 -3.21 -14.87 28.42
C PRO B 286 -2.53 -13.50 28.29
N LEU B 287 -3.27 -12.54 27.75
CA LEU B 287 -2.73 -11.21 27.46
C LEU B 287 -2.34 -10.45 28.73
N THR B 288 -1.23 -9.71 28.64
CA THR B 288 -0.78 -8.81 29.69
C THR B 288 -0.71 -7.38 29.15
N HIS B 289 -0.41 -6.42 30.01
CA HIS B 289 -0.30 -5.03 29.58
C HIS B 289 0.96 -4.81 28.72
N TRP B 290 1.81 -5.82 28.63
CA TRP B 290 2.97 -5.75 27.75
C TRP B 290 2.62 -6.14 26.32
N TYR B 291 1.48 -6.82 26.16
CA TYR B 291 1.05 -7.31 24.86
C TYR B 291 2.21 -8.05 24.20
N GLN B 292 2.41 -7.83 22.90
CA GLN B 292 3.65 -8.27 22.25
C GLN B 292 4.17 -7.12 21.37
N VAL B 293 5.40 -7.27 20.89
CA VAL B 293 6.01 -6.21 20.07
C VAL B 293 6.47 -6.73 18.72
N ARG B 294 6.10 -6.03 17.65
CA ARG B 294 6.56 -6.42 16.32
C ARG B 294 7.36 -5.30 15.65
N CYS B 295 8.50 -5.70 15.09
CA CYS B 295 9.34 -4.78 14.31
C CYS B 295 9.19 -5.14 12.84
N LEU B 296 8.64 -4.19 12.08
CA LEU B 296 8.39 -4.36 10.66
C LEU B 296 9.62 -4.09 9.78
N PHE B 297 9.72 -4.81 8.68
CA PHE B 297 10.68 -4.47 7.63
C PHE B 297 10.05 -3.46 6.67
N GLN B 298 10.85 -2.54 6.14
CA GLN B 298 10.32 -1.61 5.14
C GLN B 298 9.95 -2.40 3.89
N SER B 299 10.71 -3.46 3.61
CA SER B 299 10.36 -4.35 2.52
C SER B 299 10.45 -5.78 3.01
N PRO B 300 9.34 -6.54 2.89
CA PRO B 300 9.34 -7.92 3.41
C PRO B 300 10.30 -8.83 2.67
N LEU B 301 10.66 -9.95 3.29
CA LEU B 301 11.54 -10.91 2.67
C LEU B 301 10.76 -12.16 2.31
N PHE B 302 10.78 -12.54 1.04
CA PHE B 302 10.09 -13.76 0.65
C PHE B 302 10.95 -14.95 1.02
N ALA B 303 10.33 -15.93 1.66
CA ALA B 303 11.03 -17.15 2.03
C ALA B 303 10.16 -18.38 1.78
N LYS B 304 10.81 -19.50 1.49
CA LYS B 304 10.12 -20.77 1.34
C LYS B 304 10.31 -21.63 2.58
N ALA B 305 9.34 -22.50 2.86
CA ALA B 305 9.48 -23.45 3.94
C ALA B 305 10.77 -24.23 3.74
N GLY B 306 11.55 -24.38 4.80
CA GLY B 306 12.83 -25.08 4.71
C GLY B 306 14.02 -24.15 4.56
N ASP B 307 13.76 -22.92 4.14
CA ASP B 307 14.81 -21.90 4.08
C ASP B 307 15.27 -21.52 5.48
N THR B 308 16.43 -20.88 5.56
CA THR B 308 16.92 -20.35 6.82
C THR B 308 16.96 -18.83 6.76
N LEU B 309 16.40 -18.20 7.80
CA LEU B 309 16.42 -16.75 7.91
C LEU B 309 17.40 -16.37 9.01
N SER B 310 18.53 -15.77 8.63
CA SER B 310 19.59 -15.54 9.60
C SER B 310 19.89 -14.08 9.77
N GLY B 311 20.36 -13.71 10.95
CA GLY B 311 20.78 -12.35 11.17
C GLY B 311 21.00 -11.96 12.60
N THR B 312 20.86 -10.68 12.87
CA THR B 312 21.13 -10.14 14.19
C THR B 312 20.15 -9.04 14.56
N CYS B 313 19.74 -9.08 15.83
CA CYS B 313 19.00 -7.99 16.44
C CYS B 313 19.92 -7.35 17.47
N LEU B 314 20.32 -6.11 17.19
CA LEU B 314 21.24 -5.38 18.05
C LEU B 314 20.56 -4.23 18.76
N LEU B 315 20.59 -4.26 20.09
CA LEU B 315 20.03 -3.17 20.90
C LEU B 315 21.13 -2.34 21.55
N ILE B 316 21.15 -1.06 21.20
CA ILE B 316 22.14 -0.13 21.74
C ILE B 316 21.43 0.83 22.69
N ALA B 317 21.77 0.79 23.97
CA ALA B 317 21.09 1.63 24.95
C ALA B 317 21.35 3.11 24.66
N ASN B 318 20.32 3.94 24.85
CA ASN B 318 20.47 5.38 24.66
C ASN B 318 20.06 6.13 25.93
N LYS B 319 20.26 7.44 25.91
CA LYS B 319 20.08 8.26 27.10
C LYS B 319 18.62 8.59 27.37
N ARG B 320 17.71 8.09 26.53
CA ARG B 320 16.28 8.31 26.74
C ARG B 320 15.65 7.09 27.40
N GLN B 321 16.45 6.35 28.16
CA GLN B 321 15.98 5.19 28.91
C GLN B 321 15.37 4.16 27.98
N SER B 322 15.93 4.03 26.78
CA SER B 322 15.45 3.06 25.82
C SER B 322 16.59 2.56 24.95
N TYR B 323 16.27 1.95 23.83
CA TYR B 323 17.27 1.35 22.97
C TYR B 323 17.10 1.76 21.51
N ASP B 324 18.22 1.91 20.83
CA ASP B 324 18.24 2.00 19.38
C ASP B 324 18.32 0.57 18.87
N ILE B 325 17.33 0.15 18.08
CA ILE B 325 17.29 -1.22 17.61
C ILE B 325 17.67 -1.32 16.15
N SER B 326 18.66 -2.17 15.87
CA SER B 326 18.99 -2.47 14.48
C SER B 326 18.74 -3.94 14.22
N ILE B 327 17.92 -4.23 13.22
CA ILE B 327 17.65 -5.61 12.86
C ILE B 327 18.14 -5.84 11.45
N VAL B 328 19.01 -6.83 11.32
CA VAL B 328 19.47 -7.23 10.00
C VAL B 328 19.13 -8.70 9.85
N ALA B 329 18.42 -9.02 8.77
CA ALA B 329 18.01 -10.38 8.50
C ALA B 329 18.20 -10.70 7.01
N GLN B 330 18.53 -11.95 6.73
CA GLN B 330 18.65 -12.36 5.34
C GLN B 330 18.16 -13.80 5.16
N VAL B 331 17.60 -14.05 3.98
CA VAL B 331 17.25 -15.40 3.58
C VAL B 331 18.50 -16.00 2.95
N ASP B 332 19.08 -16.96 3.65
CA ASP B 332 20.37 -17.50 3.28
C ASP B 332 20.41 -18.08 1.86
N GLN B 333 19.31 -18.73 1.46
CA GLN B 333 19.27 -19.41 0.16
C GLN B 333 19.31 -18.45 -1.04
N THR B 334 18.87 -17.22 -0.85
CA THR B 334 18.75 -16.27 -1.95
C THR B 334 19.60 -15.02 -1.76
N GLY B 335 20.04 -14.78 -0.53
CA GLY B 335 20.80 -13.59 -0.24
C GLY B 335 19.93 -12.36 -0.08
N SER B 336 18.62 -12.54 -0.07
CA SER B 336 17.70 -11.42 0.13
C SER B 336 17.87 -10.93 1.55
N LYS B 337 18.19 -9.65 1.66
CA LYS B 337 18.63 -9.06 2.92
C LYS B 337 17.73 -7.89 3.27
N SER B 338 17.53 -7.68 4.55
CA SER B 338 16.77 -6.54 5.02
C SER B 338 17.44 -5.99 6.27
N SER B 339 17.51 -4.67 6.33
CA SER B 339 18.12 -4.00 7.46
C SER B 339 17.06 -3.05 7.96
N ASN B 340 17.00 -2.85 9.26
CA ASN B 340 16.02 -1.94 9.81
C ASN B 340 16.47 -1.30 11.11
N LEU B 341 15.98 -0.09 11.30
CA LEU B 341 16.22 0.71 12.49
C LEU B 341 14.92 1.04 13.19
N LEU B 342 14.83 0.73 14.47
CA LEU B 342 13.63 1.05 15.22
C LEU B 342 13.98 1.82 16.49
N ASP B 343 13.05 2.66 16.90
CA ASP B 343 13.20 3.50 18.07
C ASP B 343 12.22 3.00 19.12
N LEU B 344 12.73 2.21 20.06
CA LEU B 344 11.90 1.53 21.04
C LEU B 344 11.19 2.48 22.00
N LYS B 345 11.69 3.71 22.08
CA LYS B 345 11.11 4.71 22.97
C LYS B 345 9.75 5.21 22.46
N ASN B 346 9.56 5.13 21.15
N ASN B 346 9.52 5.13 21.17
CA ASN B 346 8.36 5.66 20.49
CA ASN B 346 8.29 5.69 20.59
C ASN B 346 7.58 4.60 19.70
C ASN B 346 7.54 4.66 19.74
N PRO B 347 6.97 3.63 20.40
CA PRO B 347 6.21 2.58 19.72
C PRO B 347 4.83 3.02 19.28
N PHE B 348 4.23 2.25 18.38
CA PHE B 348 2.85 2.46 17.95
C PHE B 348 1.93 1.50 18.67
N PHE B 349 1.08 2.04 19.54
CA PHE B 349 0.12 1.24 20.28
C PHE B 349 -1.10 0.99 19.41
N ARG B 350 -1.18 -0.21 18.86
CA ARG B 350 -2.20 -0.55 17.88
C ARG B 350 -3.42 -1.12 18.58
N TYR B 351 -3.21 -1.73 19.75
CA TYR B 351 -4.31 -2.24 20.57
C TYR B 351 -5.28 -1.09 20.87
N THR B 352 -4.75 0.13 20.81
CA THR B 352 -5.49 1.38 21.02
C THR B 352 -5.40 1.80 22.47
N SER C 10 20.89 -9.56 -41.09
CA SER C 10 21.23 -10.29 -39.87
C SER C 10 20.49 -11.63 -39.84
N VAL C 11 21.05 -12.59 -39.12
CA VAL C 11 20.43 -13.90 -38.98
C VAL C 11 19.04 -13.78 -38.35
N PHE C 12 18.89 -12.84 -37.42
CA PHE C 12 17.59 -12.68 -36.75
C PHE C 12 16.54 -12.17 -37.72
N SER C 13 16.85 -11.10 -38.43
CA SER C 13 15.88 -10.49 -39.34
C SER C 13 15.44 -11.46 -40.44
N GLU C 14 16.38 -12.29 -40.90
CA GLU C 14 16.10 -13.20 -42.00
C GLU C 14 15.09 -14.29 -41.61
N ARG C 15 15.08 -14.68 -40.34
CA ARG C 15 14.19 -15.75 -39.89
C ARG C 15 12.94 -15.22 -39.17
N THR C 16 12.79 -13.90 -39.11
CA THR C 16 11.71 -13.29 -38.34
C THR C 16 10.93 -12.23 -39.12
N GLU C 17 9.63 -12.41 -39.16
CA GLU C 17 8.73 -11.38 -39.67
C GLU C 17 8.83 -10.15 -38.77
N GLU C 18 8.99 -8.99 -39.38
CA GLU C 18 9.20 -7.75 -38.62
C GLU C 18 8.10 -7.50 -37.60
N SER C 19 6.85 -7.72 -38.00
CA SER C 19 5.70 -7.53 -37.11
C SER C 19 5.89 -8.34 -35.83
N SER C 20 6.25 -9.60 -36.01
CA SER C 20 6.47 -10.51 -34.88
C SER C 20 7.56 -9.96 -33.98
N ALA C 21 8.66 -9.51 -34.57
CA ALA C 21 9.78 -8.97 -33.80
C ALA C 21 9.34 -7.75 -32.99
N VAL C 22 8.63 -6.83 -33.64
CA VAL C 22 8.11 -5.64 -32.97
C VAL C 22 7.30 -6.05 -31.76
N GLN C 23 6.27 -6.88 -31.98
CA GLN C 23 5.43 -7.35 -30.89
C GLN C 23 6.27 -8.02 -29.79
N TYR C 24 7.19 -8.86 -30.23
CA TYR C 24 8.02 -9.66 -29.33
C TYR C 24 8.82 -8.77 -28.39
N PHE C 25 9.55 -7.81 -28.94
CA PHE C 25 10.39 -6.97 -28.10
C PHE C 25 9.59 -5.90 -27.35
N GLN C 26 8.45 -5.50 -27.89
CA GLN C 26 7.53 -4.64 -27.14
C GLN C 26 7.08 -5.37 -25.87
N PHE C 27 6.71 -6.64 -26.03
CA PHE C 27 6.31 -7.48 -24.89
C PHE C 27 7.33 -7.45 -23.74
N TYR C 28 8.60 -7.70 -24.04
CA TYR C 28 9.62 -7.78 -23.01
C TYR C 28 10.12 -6.41 -22.55
N GLY C 29 9.65 -5.35 -23.20
CA GLY C 29 9.97 -4.00 -22.79
C GLY C 29 9.23 -3.58 -21.53
N TYR C 30 8.26 -4.39 -21.12
CA TYR C 30 7.45 -4.08 -19.94
C TYR C 30 8.07 -4.60 -18.66
N LEU C 31 8.13 -3.75 -17.63
CA LEU C 31 8.64 -4.16 -16.34
C LEU C 31 7.75 -5.24 -15.74
N SER C 32 6.46 -5.19 -16.03
CA SER C 32 5.52 -6.17 -15.50
C SER C 32 5.83 -7.59 -16.00
N GLN C 33 6.27 -7.71 -17.24
CA GLN C 33 6.64 -9.02 -17.78
C GLN C 33 7.96 -9.53 -17.20
N GLN C 34 8.94 -8.64 -17.13
CA GLN C 34 10.21 -8.98 -16.49
C GLN C 34 9.91 -9.44 -15.07
N GLN C 35 9.03 -8.69 -14.41
CA GLN C 35 8.61 -9.00 -13.05
C GLN C 35 7.94 -10.38 -13.00
N ASN C 36 7.04 -10.62 -13.95
CA ASN C 36 6.35 -11.90 -14.03
C ASN C 36 7.37 -13.04 -14.05
N MET C 37 8.38 -12.91 -14.90
CA MET C 37 9.43 -13.94 -14.93
C MET C 37 10.26 -13.99 -13.65
N MET C 38 10.62 -12.82 -13.13
CA MET C 38 11.46 -12.73 -11.94
C MET C 38 10.76 -13.33 -10.71
N GLN C 39 9.45 -13.18 -10.65
CA GLN C 39 8.64 -13.65 -9.51
C GLN C 39 8.40 -15.16 -9.55
N ASP C 40 8.80 -15.80 -10.64
CA ASP C 40 8.77 -17.25 -10.73
C ASP C 40 9.94 -17.77 -9.91
N TYR C 41 9.66 -18.15 -8.66
CA TYR C 41 10.74 -18.45 -7.72
C TYR C 41 11.56 -19.67 -8.16
N VAL C 42 10.90 -20.67 -8.71
CA VAL C 42 11.59 -21.86 -9.20
C VAL C 42 12.64 -21.48 -10.23
N ARG C 43 12.20 -20.75 -11.24
CA ARG C 43 13.07 -20.31 -12.33
C ARG C 43 14.25 -19.49 -11.82
N THR C 44 13.94 -18.37 -11.20
CA THR C 44 14.95 -17.41 -10.77
C THR C 44 15.87 -18.00 -9.71
N GLY C 45 15.26 -18.64 -8.71
CA GLY C 45 16.00 -19.29 -7.65
C GLY C 45 16.91 -20.38 -8.16
N THR C 46 16.43 -21.17 -9.10
CA THR C 46 17.24 -22.24 -9.66
C THR C 46 18.40 -21.67 -10.49
N TYR C 47 18.16 -20.64 -11.29
CA TYR C 47 19.27 -20.00 -11.99
C TYR C 47 20.31 -19.51 -10.97
N GLN C 48 19.86 -18.80 -9.94
CA GLN C 48 20.79 -18.30 -8.92
C GLN C 48 21.58 -19.43 -8.29
N ARG C 49 20.90 -20.50 -7.90
CA ARG C 49 21.54 -21.67 -7.31
C ARG C 49 22.57 -22.28 -8.24
N ALA C 50 22.19 -22.48 -9.49
CA ALA C 50 23.06 -23.07 -10.49
C ALA C 50 24.33 -22.23 -10.65
N ILE C 51 24.15 -20.91 -10.68
CA ILE C 51 25.30 -20.01 -10.86
C ILE C 51 26.20 -19.98 -9.62
N LEU C 52 25.60 -19.76 -8.45
CA LEU C 52 26.38 -19.61 -7.22
C LEU C 52 27.05 -20.90 -6.75
N GLN C 53 26.35 -22.03 -6.90
CA GLN C 53 26.89 -23.32 -6.46
C GLN C 53 27.97 -23.83 -7.41
N ASN C 54 28.07 -23.22 -8.58
CA ASN C 54 29.16 -23.50 -9.52
C ASN C 54 30.05 -22.27 -9.66
N HIS C 55 30.41 -21.69 -8.51
CA HIS C 55 31.14 -20.43 -8.48
C HIS C 55 32.49 -20.50 -9.20
N THR C 56 33.11 -21.68 -9.26
CA THR C 56 34.39 -21.82 -9.93
C THR C 56 34.23 -21.63 -11.44
N ASP C 57 33.02 -21.81 -11.96
CA ASP C 57 32.77 -21.58 -13.37
C ASP C 57 32.60 -20.08 -13.71
N PHE C 58 32.57 -19.23 -12.68
CA PHE C 58 32.34 -17.81 -12.88
C PHE C 58 33.46 -16.93 -12.33
N LYS C 59 34.05 -17.35 -11.22
CA LYS C 59 35.08 -16.58 -10.55
C LYS C 59 36.18 -16.12 -11.52
N ASP C 60 36.30 -14.81 -11.67
CA ASP C 60 37.32 -14.19 -12.52
C ASP C 60 37.17 -14.58 -13.99
N LYS C 61 35.94 -14.89 -14.40
CA LYS C 61 35.67 -15.32 -15.78
C LYS C 61 35.02 -14.20 -16.61
N ILE C 62 35.03 -14.38 -17.92
CA ILE C 62 34.32 -13.49 -18.84
C ILE C 62 32.99 -14.16 -19.16
N VAL C 63 31.90 -13.41 -18.99
CA VAL C 63 30.55 -13.96 -19.12
C VAL C 63 29.76 -13.22 -20.19
N LEU C 64 28.95 -13.96 -20.95
CA LEU C 64 27.95 -13.35 -21.83
C LEU C 64 26.53 -13.70 -21.39
N ASP C 65 25.71 -12.67 -21.14
CA ASP C 65 24.30 -12.87 -20.79
C ASP C 65 23.43 -12.54 -22.00
N VAL C 66 22.82 -13.57 -22.58
CA VAL C 66 22.05 -13.38 -23.81
C VAL C 66 20.59 -13.03 -23.48
N GLY C 67 20.21 -11.79 -23.75
CA GLY C 67 18.86 -11.34 -23.47
C GLY C 67 18.67 -11.11 -21.98
N CYS C 68 19.43 -10.17 -21.44
CA CYS C 68 19.57 -10.03 -20.00
C CYS C 68 18.29 -9.53 -19.32
N GLY C 69 17.37 -8.95 -20.09
CA GLY C 69 16.16 -8.39 -19.53
C GLY C 69 16.48 -7.37 -18.45
N SER C 70 16.01 -7.61 -17.23
CA SER C 70 16.29 -6.72 -16.11
C SER C 70 17.76 -6.77 -15.74
N GLY C 71 18.43 -7.86 -16.12
CA GLY C 71 19.84 -8.03 -15.83
C GLY C 71 20.11 -9.00 -14.68
N ILE C 72 19.03 -9.60 -14.17
CA ILE C 72 19.10 -10.42 -12.96
C ILE C 72 20.18 -11.50 -13.03
N LEU C 73 20.25 -12.22 -14.15
CA LEU C 73 21.21 -13.31 -14.30
C LEU C 73 22.65 -12.77 -14.28
N SER C 74 22.86 -11.59 -14.85
CA SER C 74 24.18 -10.95 -14.82
C SER C 74 24.58 -10.60 -13.39
N PHE C 75 23.63 -10.13 -12.59
CA PHE C 75 23.91 -9.84 -11.19
C PHE C 75 24.27 -11.14 -10.49
N PHE C 76 23.56 -12.21 -10.79
CA PHE C 76 23.94 -13.52 -10.26
C PHE C 76 25.36 -13.88 -10.68
N ALA C 77 25.71 -13.65 -11.94
CA ALA C 77 27.07 -13.90 -12.40
C ALA C 77 28.06 -13.05 -11.60
N ALA C 78 27.66 -11.82 -11.30
CA ALA C 78 28.48 -10.93 -10.49
C ALA C 78 28.64 -11.46 -9.06
N GLN C 79 27.55 -11.98 -8.49
CA GLN C 79 27.62 -12.56 -7.15
C GLN C 79 28.61 -13.72 -7.11
N ALA C 80 28.74 -14.42 -8.23
CA ALA C 80 29.62 -15.58 -8.32
C ALA C 80 31.08 -15.19 -8.61
N GLY C 81 31.33 -13.90 -8.79
CA GLY C 81 32.69 -13.42 -8.92
C GLY C 81 33.21 -13.24 -10.33
N ALA C 82 32.31 -13.12 -11.31
CA ALA C 82 32.72 -12.93 -12.70
C ALA C 82 33.57 -11.67 -12.84
N ARG C 83 34.56 -11.72 -13.73
CA ARG C 83 35.46 -10.60 -13.92
C ARG C 83 34.77 -9.52 -14.77
N LYS C 84 34.11 -9.94 -15.85
CA LYS C 84 33.39 -9.02 -16.71
C LYS C 84 32.19 -9.73 -17.33
N ILE C 85 31.04 -9.06 -17.33
CA ILE C 85 29.82 -9.63 -17.86
C ILE C 85 29.27 -8.73 -18.96
N TYR C 86 29.14 -9.26 -20.16
CA TYR C 86 28.50 -8.54 -21.25
C TYR C 86 27.02 -8.93 -21.30
N ALA C 87 26.15 -7.98 -21.02
CA ALA C 87 24.70 -8.26 -20.94
C ALA C 87 23.98 -7.67 -22.15
N VAL C 88 23.62 -8.53 -23.09
CA VAL C 88 23.01 -8.08 -24.34
C VAL C 88 21.49 -8.10 -24.24
N GLU C 89 20.86 -7.00 -24.63
CA GLU C 89 19.39 -6.94 -24.59
C GLU C 89 18.83 -6.06 -25.71
N ALA C 90 17.87 -6.61 -26.45
CA ALA C 90 17.36 -5.99 -27.66
C ALA C 90 16.17 -5.07 -27.41
N SER C 91 15.39 -5.36 -26.37
CA SER C 91 14.25 -4.51 -26.05
C SER C 91 14.72 -3.24 -25.33
N THR C 92 13.79 -2.32 -25.10
CA THR C 92 14.12 -1.07 -24.41
C THR C 92 14.46 -1.36 -22.95
N MET C 93 14.13 -2.56 -22.48
CA MET C 93 14.46 -2.98 -21.12
C MET C 93 15.95 -2.76 -20.85
N ALA C 94 16.77 -2.80 -21.91
CA ALA C 94 18.20 -2.57 -21.80
C ALA C 94 18.52 -1.31 -21.00
N GLN C 95 17.72 -0.25 -21.15
CA GLN C 95 18.01 0.97 -20.42
C GLN C 95 17.70 0.78 -18.94
N HIS C 96 16.74 -0.09 -18.63
CA HIS C 96 16.38 -0.30 -17.24
C HIS C 96 17.48 -1.11 -16.58
N ALA C 97 18.03 -2.07 -17.32
CA ALA C 97 19.15 -2.87 -16.85
C ALA C 97 20.34 -1.97 -16.54
N GLU C 98 20.60 -1.01 -17.43
CA GLU C 98 21.73 -0.09 -17.26
C GLU C 98 21.56 0.72 -15.96
N VAL C 99 20.33 1.11 -15.67
CA VAL C 99 20.04 1.83 -14.44
C VAL C 99 20.42 0.99 -13.22
N LEU C 100 20.06 -0.29 -13.26
CA LEU C 100 20.33 -1.19 -12.15
C LEU C 100 21.82 -1.48 -12.00
N VAL C 101 22.53 -1.56 -13.12
CA VAL C 101 23.96 -1.81 -13.09
C VAL C 101 24.62 -0.65 -12.35
N LYS C 102 24.17 0.56 -12.65
CA LYS C 102 24.71 1.75 -12.03
C LYS C 102 24.33 1.80 -10.55
N SER C 103 23.06 1.58 -10.25
CA SER C 103 22.57 1.66 -8.87
C SER C 103 23.15 0.57 -7.98
N ASN C 104 23.59 -0.53 -8.57
CA ASN C 104 24.20 -1.62 -7.80
C ASN C 104 25.73 -1.55 -7.84
N ASN C 105 26.26 -0.42 -8.32
CA ASN C 105 27.70 -0.15 -8.30
C ASN C 105 28.51 -1.25 -8.98
N LEU C 106 28.07 -1.66 -10.18
CA LEU C 106 28.74 -2.74 -10.90
C LEU C 106 29.10 -2.35 -12.34
N THR C 107 29.20 -1.06 -12.60
CA THR C 107 29.54 -0.58 -13.94
C THR C 107 30.92 -1.06 -14.38
N ASP C 108 31.76 -1.40 -13.41
CA ASP C 108 33.11 -1.87 -13.69
C ASP C 108 33.15 -3.35 -14.09
N ARG C 109 32.02 -4.04 -13.94
CA ARG C 109 31.96 -5.48 -14.10
C ARG C 109 30.86 -5.91 -15.09
N ILE C 110 29.76 -5.17 -15.12
CA ILE C 110 28.67 -5.46 -16.04
C ILE C 110 28.56 -4.39 -17.12
N VAL C 111 28.58 -4.81 -18.38
CA VAL C 111 28.43 -3.90 -19.51
C VAL C 111 27.14 -4.23 -20.27
N VAL C 112 26.16 -3.34 -20.20
CA VAL C 112 24.91 -3.52 -20.92
C VAL C 112 25.10 -3.14 -22.39
N ILE C 113 24.70 -4.05 -23.27
CA ILE C 113 24.80 -3.85 -24.71
C ILE C 113 23.40 -3.90 -25.33
N PRO C 114 22.87 -2.73 -25.74
CA PRO C 114 21.54 -2.74 -26.36
C PRO C 114 21.59 -3.26 -27.79
N GLY C 115 20.66 -4.14 -28.14
CA GLY C 115 20.59 -4.69 -29.48
C GLY C 115 20.44 -6.20 -29.49
N LYS C 116 20.34 -6.75 -30.69
CA LYS C 116 20.20 -8.20 -30.85
C LYS C 116 21.57 -8.85 -30.89
N VAL C 117 21.69 -10.01 -30.23
CA VAL C 117 22.96 -10.70 -30.12
C VAL C 117 23.49 -11.10 -31.49
N GLU C 118 22.58 -11.22 -32.46
CA GLU C 118 22.95 -11.53 -33.84
C GLU C 118 23.54 -10.30 -34.54
N GLU C 119 23.36 -9.12 -33.96
CA GLU C 119 23.67 -7.87 -34.66
C GLU C 119 24.71 -7.00 -33.96
N VAL C 120 24.79 -7.08 -32.63
CA VAL C 120 25.73 -6.24 -31.89
C VAL C 120 27.15 -6.78 -32.07
N SER C 121 28.13 -5.98 -31.66
CA SER C 121 29.52 -6.42 -31.70
C SER C 121 30.07 -6.55 -30.29
N LEU C 122 30.65 -7.70 -29.98
CA LEU C 122 31.31 -7.88 -28.70
C LEU C 122 32.80 -7.76 -28.92
N PRO C 123 33.51 -7.11 -27.99
CA PRO C 123 34.95 -6.90 -28.14
C PRO C 123 35.79 -8.15 -27.88
N GLU C 124 35.22 -9.11 -27.17
CA GLU C 124 36.02 -10.22 -26.66
C GLU C 124 35.29 -11.56 -26.64
N GLN C 125 36.06 -12.64 -26.66
CA GLN C 125 35.49 -13.98 -26.49
C GLN C 125 35.21 -14.23 -25.02
N VAL C 126 34.25 -15.09 -24.74
CA VAL C 126 33.80 -15.29 -23.36
C VAL C 126 34.05 -16.73 -22.92
N ASP C 127 34.07 -16.93 -21.60
CA ASP C 127 34.29 -18.25 -21.02
C ASP C 127 32.98 -19.02 -20.89
N ILE C 128 31.89 -18.30 -20.68
CA ILE C 128 30.61 -18.93 -20.44
C ILE C 128 29.46 -18.04 -20.88
N ILE C 129 28.44 -18.66 -21.46
CA ILE C 129 27.23 -17.95 -21.84
C ILE C 129 26.10 -18.34 -20.89
N ILE C 130 25.40 -17.34 -20.35
CA ILE C 130 24.19 -17.58 -19.58
C ILE C 130 22.99 -16.96 -20.30
N SER C 131 21.83 -17.59 -20.14
CA SER C 131 20.61 -17.12 -20.78
C SER C 131 19.38 -17.85 -20.26
N GLU C 132 18.22 -17.21 -20.40
CA GLU C 132 16.94 -17.88 -20.19
C GLU C 132 16.09 -17.70 -21.44
N PRO C 133 16.34 -18.56 -22.45
CA PRO C 133 15.65 -18.45 -23.75
C PRO C 133 14.52 -19.46 -23.97
N MET C 134 14.07 -20.13 -22.91
CA MET C 134 13.06 -21.18 -23.03
C MET C 134 11.65 -20.59 -23.12
N GLY C 135 10.86 -21.12 -24.06
CA GLY C 135 9.46 -20.77 -24.16
C GLY C 135 8.57 -21.98 -23.90
N TYR C 136 7.27 -21.84 -24.15
CA TYR C 136 6.36 -22.96 -24.08
C TYR C 136 6.92 -24.12 -24.91
N MET C 137 6.77 -25.34 -24.41
CA MET C 137 7.32 -26.51 -25.10
C MET C 137 8.80 -26.33 -25.38
N LEU C 138 9.47 -25.59 -24.51
CA LEU C 138 10.90 -25.30 -24.64
C LEU C 138 11.22 -24.36 -25.81
N PHE C 139 10.74 -24.69 -27.01
CA PHE C 139 11.22 -24.05 -28.22
C PHE C 139 10.48 -22.78 -28.65
N ASN C 140 9.28 -22.55 -28.12
CA ASN C 140 8.50 -21.40 -28.55
C ASN C 140 9.27 -20.10 -28.38
N GLU C 141 9.06 -19.16 -29.32
CA GLU C 141 9.73 -17.85 -29.37
C GLU C 141 11.06 -17.94 -30.13
N ARG C 142 11.56 -19.16 -30.29
CA ARG C 142 12.77 -19.41 -31.08
C ARG C 142 14.01 -18.69 -30.53
N MET C 143 14.01 -18.37 -29.24
CA MET C 143 15.16 -17.67 -28.66
C MET C 143 16.36 -18.59 -28.44
N LEU C 144 16.12 -19.90 -28.42
CA LEU C 144 17.24 -20.84 -28.30
C LEU C 144 18.23 -20.67 -29.46
N GLU C 145 17.72 -20.25 -30.60
CA GLU C 145 18.58 -20.05 -31.77
C GLU C 145 19.52 -18.86 -31.58
N SER C 146 19.04 -17.82 -30.89
CA SER C 146 19.89 -16.69 -30.54
C SER C 146 20.96 -17.14 -29.56
N TYR C 147 20.53 -17.96 -28.60
CA TYR C 147 21.40 -18.54 -27.59
C TYR C 147 22.52 -19.35 -28.25
N LEU C 148 22.16 -20.23 -29.18
CA LEU C 148 23.16 -21.02 -29.89
C LEU C 148 24.00 -20.13 -30.80
N HIS C 149 23.35 -19.16 -31.43
CA HIS C 149 24.05 -18.21 -32.31
C HIS C 149 25.16 -17.49 -31.54
N ALA C 150 24.87 -17.13 -30.30
CA ALA C 150 25.87 -16.44 -29.46
C ALA C 150 27.17 -17.22 -29.25
N LYS C 151 27.20 -18.51 -29.58
CA LYS C 151 28.42 -19.30 -29.36
C LYS C 151 29.57 -18.89 -30.27
N LYS C 152 29.30 -18.02 -31.24
CA LYS C 152 30.38 -17.46 -32.05
C LYS C 152 31.32 -16.62 -31.18
N TYR C 153 30.83 -16.23 -30.00
CA TYR C 153 31.63 -15.46 -29.05
C TYR C 153 32.22 -16.32 -27.93
N LEU C 154 31.94 -17.62 -27.96
CA LEU C 154 32.36 -18.54 -26.91
C LEU C 154 33.71 -19.18 -27.22
N LYS C 155 34.60 -19.16 -26.23
CA LYS C 155 35.88 -19.86 -26.38
C LYS C 155 35.62 -21.33 -26.63
N PRO C 156 36.54 -22.02 -27.32
CA PRO C 156 36.36 -23.46 -27.56
C PRO C 156 36.13 -24.28 -26.30
N SER C 157 36.79 -23.91 -25.22
CA SER C 157 36.64 -24.64 -23.96
C SER C 157 35.56 -24.02 -23.06
N GLY C 158 34.74 -23.16 -23.64
CA GLY C 158 33.68 -22.49 -22.89
C GLY C 158 32.47 -23.32 -22.53
N ASN C 159 31.61 -22.77 -21.67
CA ASN C 159 30.42 -23.47 -21.20
C ASN C 159 29.12 -22.68 -21.48
N MET C 160 28.00 -23.39 -21.36
CA MET C 160 26.67 -22.85 -21.61
C MET C 160 25.79 -23.14 -20.40
N PHE C 161 25.13 -22.11 -19.89
CA PHE C 161 24.23 -22.21 -18.75
C PHE C 161 22.86 -21.62 -19.11
N PRO C 162 21.86 -22.47 -19.40
CA PRO C 162 21.86 -23.94 -19.30
C PRO C 162 22.72 -24.67 -20.32
N THR C 163 23.11 -25.88 -19.95
CA THR C 163 23.98 -26.70 -20.78
C THR C 163 23.14 -27.60 -21.68
N ILE C 164 22.09 -28.19 -21.12
CA ILE C 164 21.22 -29.01 -21.97
C ILE C 164 19.75 -28.74 -21.72
N GLY C 165 18.94 -29.00 -22.74
CA GLY C 165 17.50 -28.90 -22.61
C GLY C 165 16.81 -30.19 -23.05
N ASP C 166 15.92 -30.69 -22.21
CA ASP C 166 15.11 -31.87 -22.52
C ASP C 166 13.65 -31.49 -22.71
N VAL C 167 13.07 -31.80 -23.87
CA VAL C 167 11.64 -31.67 -24.03
C VAL C 167 11.01 -33.04 -23.81
N HIS C 168 10.00 -33.08 -22.95
CA HIS C 168 9.28 -34.30 -22.65
C HIS C 168 7.88 -34.30 -23.27
N LEU C 169 7.53 -35.45 -23.84
CA LEU C 169 6.21 -35.70 -24.40
C LEU C 169 5.57 -36.92 -23.76
N ALA C 170 4.28 -36.85 -23.46
CA ALA C 170 3.56 -38.03 -22.95
C ALA C 170 2.12 -38.08 -23.42
N PRO C 171 1.59 -39.28 -23.69
CA PRO C 171 0.19 -39.35 -24.07
C PRO C 171 -0.73 -39.09 -22.88
N PHE C 172 -1.86 -38.42 -23.09
CA PHE C 172 -2.78 -38.19 -21.98
C PHE C 172 -4.23 -38.54 -22.36
N THR C 173 -5.04 -38.72 -21.32
CA THR C 173 -6.47 -38.87 -21.49
C THR C 173 -7.15 -37.75 -20.71
N ASP C 174 -8.05 -37.03 -21.38
CA ASP C 174 -8.80 -35.94 -20.76
C ASP C 174 -10.08 -35.73 -21.55
N GLU C 175 -11.09 -36.52 -21.22
CA GLU C 175 -12.37 -36.52 -21.92
C GLU C 175 -13.01 -35.15 -21.94
N GLN C 176 -12.97 -34.46 -20.80
CA GLN C 176 -13.60 -33.16 -20.67
C GLN C 176 -12.93 -32.12 -21.58
N LEU C 177 -11.61 -32.12 -21.62
CA LEU C 177 -10.88 -31.20 -22.49
C LEU C 177 -11.26 -31.45 -23.94
N TYR C 178 -11.27 -32.72 -24.35
CA TYR C 178 -11.62 -33.08 -25.72
C TYR C 178 -13.04 -32.60 -26.04
N MET C 179 -14.00 -32.92 -25.17
CA MET C 179 -15.41 -32.56 -25.40
C MET C 179 -15.64 -31.04 -25.43
N GLU C 180 -14.88 -30.34 -24.61
CA GLU C 180 -14.94 -28.88 -24.54
C GLU C 180 -14.87 -28.22 -25.92
N GLN C 181 -14.02 -28.74 -26.79
CA GLN C 181 -13.82 -28.15 -28.11
C GLN C 181 -15.13 -28.14 -28.88
N PHE C 182 -15.83 -29.26 -28.84
CA PHE C 182 -17.11 -29.41 -29.53
C PHE C 182 -18.19 -28.59 -28.83
N THR C 183 -18.17 -28.58 -27.51
CA THR C 183 -19.13 -27.77 -26.77
C THR C 183 -19.04 -26.31 -27.23
N LYS C 184 -17.83 -25.79 -27.32
CA LYS C 184 -17.64 -24.44 -27.80
C LYS C 184 -18.01 -24.29 -29.28
N ALA C 185 -17.53 -25.21 -30.12
CA ALA C 185 -17.81 -25.13 -31.55
C ALA C 185 -19.32 -25.22 -31.85
N ASN C 186 -20.04 -25.96 -31.02
CA ASN C 186 -21.47 -26.18 -31.28
C ASN C 186 -22.30 -24.92 -31.10
N PHE C 187 -21.69 -23.85 -30.62
CA PHE C 187 -22.35 -22.55 -30.65
C PHE C 187 -22.84 -22.28 -32.06
N TRP C 188 -22.03 -22.64 -33.05
CA TRP C 188 -22.39 -22.36 -34.43
C TRP C 188 -23.41 -23.34 -34.98
N TYR C 189 -23.70 -24.39 -34.23
CA TYR C 189 -24.63 -25.39 -34.73
C TYR C 189 -26.05 -25.13 -34.22
N GLN C 190 -26.65 -24.07 -34.73
CA GLN C 190 -28.02 -23.71 -34.39
C GLN C 190 -28.61 -23.02 -35.63
N PRO C 191 -29.87 -23.35 -35.97
CA PRO C 191 -30.47 -22.84 -37.20
C PRO C 191 -31.06 -21.45 -37.14
N SER C 192 -31.17 -20.86 -35.96
CA SER C 192 -31.77 -19.54 -35.86
C SER C 192 -31.21 -18.76 -34.70
N PHE C 193 -29.92 -18.46 -34.78
CA PHE C 193 -29.30 -17.55 -33.84
C PHE C 193 -29.74 -16.13 -34.21
N HIS C 194 -30.65 -15.57 -33.43
CA HIS C 194 -31.25 -14.29 -33.78
C HIS C 194 -31.74 -14.30 -35.23
N GLY C 195 -32.29 -15.44 -35.64
CA GLY C 195 -32.83 -15.58 -36.99
C GLY C 195 -31.85 -16.05 -38.04
N VAL C 196 -30.61 -16.32 -37.64
CA VAL C 196 -29.56 -16.71 -38.59
C VAL C 196 -29.14 -18.17 -38.40
N ASP C 197 -29.03 -18.90 -39.50
CA ASP C 197 -28.53 -20.27 -39.47
C ASP C 197 -27.01 -20.22 -39.50
N LEU C 198 -26.38 -20.56 -38.39
CA LEU C 198 -24.93 -20.49 -38.24
C LEU C 198 -24.23 -21.81 -38.54
N SER C 199 -25.00 -22.87 -38.75
CA SER C 199 -24.46 -24.24 -38.75
C SER C 199 -23.34 -24.47 -39.77
N ALA C 200 -23.40 -23.78 -40.90
CA ALA C 200 -22.42 -23.95 -41.96
C ALA C 200 -20.98 -23.67 -41.51
N LEU C 201 -20.80 -22.96 -40.40
CA LEU C 201 -19.46 -22.65 -39.92
C LEU C 201 -19.00 -23.55 -38.77
N ARG C 202 -19.81 -24.53 -38.39
CA ARG C 202 -19.44 -25.38 -37.26
C ARG C 202 -18.11 -26.12 -37.49
N GLY C 203 -17.94 -26.68 -38.68
CA GLY C 203 -16.72 -27.40 -39.02
C GLY C 203 -15.46 -26.54 -38.90
N ALA C 204 -15.54 -25.32 -39.43
CA ALA C 204 -14.42 -24.40 -39.39
C ALA C 204 -14.07 -24.02 -37.95
N ALA C 205 -15.09 -23.92 -37.11
CA ALA C 205 -14.88 -23.56 -35.71
C ALA C 205 -14.16 -24.70 -34.99
N VAL C 206 -14.58 -25.93 -35.26
CA VAL C 206 -13.90 -27.10 -34.70
C VAL C 206 -12.42 -27.10 -35.09
N ASP C 207 -12.15 -26.94 -36.37
CA ASP C 207 -10.78 -26.94 -36.89
C ASP C 207 -9.94 -25.89 -36.17
N GLU C 208 -10.52 -24.71 -36.00
CA GLU C 208 -9.83 -23.60 -35.36
C GLU C 208 -9.44 -23.98 -33.94
N TYR C 209 -10.38 -24.55 -33.19
CA TYR C 209 -10.10 -24.88 -31.80
C TYR C 209 -8.99 -25.93 -31.69
N PHE C 210 -9.01 -26.92 -32.59
CA PHE C 210 -8.04 -28.01 -32.52
C PHE C 210 -6.65 -27.59 -33.00
N ARG C 211 -6.56 -26.46 -33.69
CA ARG C 211 -5.26 -25.92 -34.09
C ARG C 211 -4.50 -25.26 -32.94
N GLN C 212 -5.18 -25.02 -31.83
CA GLN C 212 -4.58 -24.33 -30.68
C GLN C 212 -4.02 -25.27 -29.63
N PRO C 213 -2.69 -25.24 -29.41
CA PRO C 213 -2.19 -25.95 -28.22
C PRO C 213 -2.77 -25.36 -26.95
N VAL C 214 -3.06 -26.22 -25.99
CA VAL C 214 -3.68 -25.80 -24.74
C VAL C 214 -2.61 -25.60 -23.67
N VAL C 215 -2.51 -24.37 -23.18
CA VAL C 215 -1.55 -24.05 -22.13
C VAL C 215 -2.25 -24.06 -20.80
N ASP C 216 -1.80 -24.96 -19.93
CA ASP C 216 -2.28 -25.01 -18.55
C ASP C 216 -1.60 -26.18 -17.86
N THR C 217 -2.04 -26.46 -16.64
CA THR C 217 -1.50 -27.58 -15.89
C THR C 217 -2.59 -28.61 -15.68
N PHE C 218 -2.20 -29.76 -15.14
CA PHE C 218 -3.12 -30.88 -15.00
C PHE C 218 -2.63 -31.86 -13.96
N ASP C 219 -3.51 -32.74 -13.51
CA ASP C 219 -3.15 -33.81 -12.60
C ASP C 219 -2.36 -34.87 -13.35
N ILE C 220 -1.24 -35.30 -12.78
CA ILE C 220 -0.35 -36.25 -13.45
C ILE C 220 -1.03 -37.57 -13.75
N ARG C 221 -2.17 -37.83 -13.13
CA ARG C 221 -2.87 -39.09 -13.35
C ARG C 221 -3.54 -39.20 -14.72
N ILE C 222 -3.61 -38.10 -15.47
CA ILE C 222 -4.15 -38.16 -16.82
C ILE C 222 -3.11 -38.75 -17.77
N LEU C 223 -1.87 -38.83 -17.32
CA LEU C 223 -0.77 -39.33 -18.14
C LEU C 223 -0.81 -40.86 -18.19
N MET C 224 -0.67 -41.41 -19.39
CA MET C 224 -0.90 -42.83 -19.61
C MET C 224 0.38 -43.61 -19.88
N ALA C 225 1.51 -42.92 -19.93
CA ALA C 225 2.77 -43.58 -20.17
C ALA C 225 3.94 -42.71 -19.77
N LYS C 226 5.08 -43.36 -19.56
CA LYS C 226 6.32 -42.65 -19.27
C LYS C 226 6.62 -41.73 -20.45
N SER C 227 7.09 -40.54 -20.15
CA SER C 227 7.34 -39.56 -21.20
C SER C 227 8.49 -39.99 -22.08
N VAL C 228 8.47 -39.53 -23.33
CA VAL C 228 9.61 -39.66 -24.20
C VAL C 228 10.34 -38.34 -24.15
N LYS C 229 11.68 -38.42 -24.14
CA LYS C 229 12.52 -37.27 -23.95
C LYS C 229 13.36 -36.98 -25.19
N TYR C 230 13.37 -35.72 -25.60
CA TYR C 230 14.22 -35.29 -26.71
C TYR C 230 15.19 -34.23 -26.20
N THR C 231 16.48 -34.51 -26.36
CA THR C 231 17.52 -33.70 -25.74
C THR C 231 18.27 -32.85 -26.74
N VAL C 232 18.41 -31.57 -26.41
CA VAL C 232 19.26 -30.66 -27.15
C VAL C 232 20.43 -30.30 -26.26
N ASN C 233 21.63 -30.62 -26.73
CA ASN C 233 22.86 -30.25 -26.05
C ASN C 233 23.35 -28.92 -26.61
N PHE C 234 23.20 -27.87 -25.81
CA PHE C 234 23.49 -26.52 -26.27
C PHE C 234 24.98 -26.30 -26.56
N LEU C 235 25.84 -27.09 -25.95
CA LEU C 235 27.27 -27.01 -26.23
C LEU C 235 27.61 -27.54 -27.61
N GLU C 236 26.81 -28.50 -28.10
CA GLU C 236 27.12 -29.18 -29.34
C GLU C 236 26.27 -28.68 -30.50
N ALA C 237 25.03 -28.28 -30.18
CA ALA C 237 24.05 -27.97 -31.22
C ALA C 237 24.39 -26.72 -32.03
N LYS C 238 23.89 -26.70 -33.27
CA LYS C 238 23.94 -25.52 -34.13
C LYS C 238 22.55 -24.95 -34.16
N GLU C 239 22.41 -23.64 -34.35
CA GLU C 239 21.08 -23.05 -34.34
C GLU C 239 20.22 -23.69 -35.43
N GLY C 240 20.85 -24.01 -36.56
CA GLY C 240 20.16 -24.66 -37.66
C GLY C 240 19.44 -25.95 -37.26
N ASP C 241 19.93 -26.60 -36.20
CA ASP C 241 19.32 -27.82 -35.70
C ASP C 241 17.90 -27.58 -35.21
N LEU C 242 17.54 -26.33 -34.92
CA LEU C 242 16.24 -26.04 -34.32
C LEU C 242 15.20 -25.59 -35.36
N HIS C 243 15.58 -25.55 -36.63
CA HIS C 243 14.67 -25.15 -37.69
C HIS C 243 13.64 -26.25 -37.96
N ARG C 244 14.10 -27.49 -37.83
CA ARG C 244 13.25 -28.65 -38.03
C ARG C 244 13.54 -29.67 -36.94
N ILE C 245 12.59 -29.84 -36.02
CA ILE C 245 12.82 -30.73 -34.90
C ILE C 245 11.91 -31.93 -35.04
N GLU C 246 12.51 -33.09 -35.32
CA GLU C 246 11.74 -34.32 -35.50
C GLU C 246 11.88 -35.16 -34.25
N ILE C 247 10.76 -35.36 -33.57
CA ILE C 247 10.75 -36.09 -32.32
C ILE C 247 9.97 -37.37 -32.52
N PRO C 248 10.68 -38.48 -32.82
CA PRO C 248 9.97 -39.75 -32.90
C PRO C 248 9.58 -40.20 -31.50
N PHE C 249 8.50 -40.95 -31.38
CA PHE C 249 8.14 -41.48 -30.08
C PHE C 249 7.52 -42.86 -30.19
N LYS C 250 7.75 -43.63 -29.14
CA LYS C 250 7.17 -44.95 -28.98
C LYS C 250 6.86 -45.08 -27.49
N PHE C 251 5.60 -44.87 -27.13
CA PHE C 251 5.20 -44.92 -25.74
C PHE C 251 4.77 -46.32 -25.35
N HIS C 252 5.21 -46.76 -24.17
CA HIS C 252 4.79 -48.04 -23.63
C HIS C 252 3.67 -47.75 -22.64
N MET C 253 2.45 -48.02 -23.07
CA MET C 253 1.27 -47.61 -22.32
C MET C 253 1.23 -48.29 -20.96
N LEU C 254 1.11 -47.47 -19.92
CA LEU C 254 1.04 -47.96 -18.55
C LEU C 254 -0.41 -48.14 -18.12
N HIS C 255 -1.32 -47.47 -18.82
CA HIS C 255 -2.74 -47.52 -18.51
C HIS C 255 -3.57 -47.77 -19.77
N SER C 256 -4.72 -48.40 -19.60
CA SER C 256 -5.65 -48.63 -20.70
C SER C 256 -6.65 -47.48 -20.79
N GLY C 257 -6.98 -47.07 -22.01
CA GLY C 257 -7.98 -46.05 -22.20
C GLY C 257 -7.86 -45.27 -23.49
N LEU C 258 -8.62 -44.17 -23.58
CA LEU C 258 -8.59 -43.32 -24.75
C LEU C 258 -7.53 -42.24 -24.62
N VAL C 259 -6.62 -42.20 -25.58
CA VAL C 259 -5.59 -41.17 -25.67
C VAL C 259 -6.11 -40.02 -26.51
N HIS C 260 -6.27 -38.86 -25.88
CA HIS C 260 -6.82 -37.68 -26.53
C HIS C 260 -5.74 -36.77 -27.10
N GLY C 261 -4.49 -37.01 -26.73
CA GLY C 261 -3.39 -36.21 -27.25
C GLY C 261 -2.08 -36.33 -26.50
N LEU C 262 -1.19 -35.39 -26.78
CA LEU C 262 0.14 -35.39 -26.18
C LEU C 262 0.34 -34.17 -25.29
N ALA C 263 0.91 -34.42 -24.12
CA ALA C 263 1.31 -33.40 -23.18
C ALA C 263 2.80 -33.15 -23.33
N PHE C 264 3.18 -31.89 -23.15
CA PHE C 264 4.54 -31.42 -23.36
C PHE C 264 5.01 -30.63 -22.14
N TRP C 265 6.24 -30.92 -21.73
CA TRP C 265 6.94 -30.07 -20.76
C TRP C 265 8.43 -30.13 -21.04
N PHE C 266 9.25 -29.42 -20.25
CA PHE C 266 10.70 -29.45 -20.47
C PHE C 266 11.52 -29.23 -19.23
N ASP C 267 12.74 -29.75 -19.27
CA ASP C 267 13.76 -29.53 -18.25
C ASP C 267 14.98 -28.88 -18.88
N VAL C 268 15.73 -28.12 -18.11
CA VAL C 268 17.07 -27.71 -18.54
C VAL C 268 18.05 -28.05 -17.44
N ALA C 269 19.28 -28.37 -17.83
CA ALA C 269 20.33 -28.67 -16.87
C ALA C 269 21.53 -27.76 -17.07
N PHE C 270 22.00 -27.25 -15.94
CA PHE C 270 23.23 -26.47 -15.82
C PHE C 270 24.33 -27.40 -15.34
N ILE C 271 25.19 -27.81 -16.26
CA ILE C 271 26.25 -28.77 -15.97
C ILE C 271 27.55 -28.04 -15.66
N GLY C 272 27.76 -27.73 -14.38
CA GLY C 272 28.92 -26.98 -13.95
C GLY C 272 30.05 -27.86 -13.45
N SER C 273 31.17 -27.23 -13.11
CA SER C 273 32.36 -27.95 -12.66
C SER C 273 32.16 -28.59 -11.30
N ILE C 274 31.31 -27.97 -10.47
CA ILE C 274 31.06 -28.48 -9.13
C ILE C 274 29.85 -29.41 -9.11
N MET C 275 28.77 -29.01 -9.77
CA MET C 275 27.57 -29.84 -9.78
C MET C 275 26.61 -29.52 -10.93
N THR C 276 25.71 -30.46 -11.21
CA THR C 276 24.67 -30.25 -12.20
C THR C 276 23.38 -29.83 -11.51
N VAL C 277 22.82 -28.72 -11.95
CA VAL C 277 21.56 -28.24 -11.36
C VAL C 277 20.44 -28.30 -12.41
N TRP C 278 19.30 -28.85 -12.00
CA TRP C 278 18.17 -29.03 -12.90
C TRP C 278 17.03 -28.04 -12.64
N LEU C 279 16.47 -27.53 -13.73
CA LEU C 279 15.24 -26.74 -13.71
C LEU C 279 14.17 -27.49 -14.50
N SER C 280 13.09 -27.88 -13.82
CA SER C 280 12.04 -28.69 -14.43
C SER C 280 10.69 -27.98 -14.43
N THR C 281 9.95 -28.14 -15.54
CA THR C 281 8.59 -27.61 -15.64
C THR C 281 7.61 -28.78 -15.71
N ALA C 282 8.05 -29.95 -15.25
CA ALA C 282 7.21 -31.14 -15.28
C ALA C 282 5.98 -30.98 -14.40
N PRO C 283 4.89 -31.68 -14.72
CA PRO C 283 3.67 -31.61 -13.91
C PRO C 283 3.83 -32.29 -12.55
N THR C 284 4.93 -33.01 -12.35
CA THR C 284 5.25 -33.59 -11.05
C THR C 284 5.94 -32.58 -10.13
N GLU C 285 6.25 -31.41 -10.69
CA GLU C 285 7.00 -30.38 -9.95
C GLU C 285 6.13 -29.15 -9.69
N PRO C 286 6.55 -28.29 -8.75
CA PRO C 286 5.81 -27.06 -8.52
C PRO C 286 5.59 -26.27 -9.81
N LEU C 287 4.45 -25.62 -9.92
CA LEU C 287 4.08 -24.93 -11.14
C LEU C 287 5.02 -23.76 -11.45
N THR C 288 5.30 -23.56 -12.73
CA THR C 288 6.08 -22.41 -13.19
C THR C 288 5.24 -21.58 -14.16
N HIS C 289 5.76 -20.44 -14.59
CA HIS C 289 5.03 -19.59 -15.52
C HIS C 289 4.96 -20.21 -16.91
N TRP C 290 5.67 -21.32 -17.13
CA TRP C 290 5.57 -22.06 -18.39
C TRP C 290 4.39 -23.06 -18.39
N TYR C 291 3.85 -23.36 -17.21
CA TYR C 291 2.77 -24.35 -17.07
C TYR C 291 3.15 -25.62 -17.81
N GLN C 292 2.19 -26.25 -18.48
CA GLN C 292 2.50 -27.30 -19.45
C GLN C 292 1.65 -27.09 -20.71
N VAL C 293 1.98 -27.83 -21.77
CA VAL C 293 1.27 -27.67 -23.03
C VAL C 293 0.67 -28.99 -23.50
N ARG C 294 -0.59 -28.96 -23.92
CA ARG C 294 -1.22 -30.14 -24.48
C ARG C 294 -1.73 -29.92 -25.89
N CYS C 295 -1.37 -30.86 -26.76
CA CYS C 295 -1.84 -30.89 -28.14
C CYS C 295 -2.78 -32.08 -28.34
N LEU C 296 -4.01 -31.78 -28.74
CA LEU C 296 -5.02 -32.82 -28.93
C LEU C 296 -4.87 -33.54 -30.27
N PHE C 297 -5.24 -34.81 -30.28
CA PHE C 297 -5.46 -35.55 -31.52
C PHE C 297 -6.84 -35.17 -32.02
N GLN C 298 -7.02 -35.15 -33.33
CA GLN C 298 -8.33 -34.87 -33.90
C GLN C 298 -9.34 -35.95 -33.50
N SER C 299 -8.86 -37.17 -33.40
CA SER C 299 -9.67 -38.31 -32.96
C SER C 299 -8.93 -39.11 -31.90
N PRO C 300 -9.60 -39.44 -30.78
CA PRO C 300 -8.86 -40.17 -29.75
C PRO C 300 -8.44 -41.56 -30.21
N LEU C 301 -7.39 -42.09 -29.61
CA LEU C 301 -6.92 -43.44 -29.94
C LEU C 301 -7.07 -44.37 -28.73
N PHE C 302 -7.76 -45.49 -28.90
CA PHE C 302 -7.86 -46.44 -27.81
C PHE C 302 -6.59 -47.26 -27.69
N ALA C 303 -6.07 -47.35 -26.46
CA ALA C 303 -4.88 -48.15 -26.22
C ALA C 303 -5.03 -48.98 -24.95
N LYS C 304 -4.39 -50.14 -24.93
CA LYS C 304 -4.38 -51.00 -23.77
C LYS C 304 -3.05 -50.84 -23.05
N ALA C 305 -3.05 -51.06 -21.74
CA ALA C 305 -1.79 -51.12 -21.01
C ALA C 305 -0.95 -52.20 -21.66
N GLY C 306 0.31 -51.89 -21.97
CA GLY C 306 1.18 -52.83 -22.63
C GLY C 306 1.25 -52.62 -24.13
N ASP C 307 0.27 -51.91 -24.70
CA ASP C 307 0.35 -51.53 -26.10
C ASP C 307 1.44 -50.49 -26.29
N THR C 308 1.87 -50.29 -27.53
CA THR C 308 2.83 -49.26 -27.84
C THR C 308 2.16 -48.20 -28.70
N LEU C 309 2.33 -46.93 -28.34
CA LEU C 309 1.80 -45.83 -29.13
C LEU C 309 2.96 -45.14 -29.84
N SER C 310 3.04 -45.30 -31.16
CA SER C 310 4.22 -44.84 -31.89
C SER C 310 3.87 -43.77 -32.91
N GLY C 311 4.84 -42.89 -33.17
CA GLY C 311 4.65 -41.88 -34.18
C GLY C 311 5.69 -40.78 -34.12
N THR C 312 5.33 -39.60 -34.61
CA THR C 312 6.28 -38.51 -34.66
C THR C 312 5.62 -37.16 -34.36
N CYS C 313 6.38 -36.35 -33.64
CA CYS C 313 6.05 -34.95 -33.48
C CYS C 313 7.09 -34.14 -34.23
N LEU C 314 6.66 -33.46 -35.29
CA LEU C 314 7.55 -32.67 -36.11
C LEU C 314 7.28 -31.19 -35.87
N LEU C 315 8.29 -30.48 -35.39
CA LEU C 315 8.18 -29.05 -35.14
C LEU C 315 8.90 -28.32 -36.26
N ILE C 316 8.14 -27.53 -37.01
CA ILE C 316 8.68 -26.78 -38.13
C ILE C 316 8.67 -25.30 -37.78
N ALA C 317 9.85 -24.71 -37.70
CA ALA C 317 9.99 -23.29 -37.36
C ALA C 317 9.38 -22.41 -38.44
N ASN C 318 8.73 -21.33 -38.02
CA ASN C 318 8.16 -20.36 -38.95
C ASN C 318 8.67 -18.96 -38.64
N LYS C 319 8.30 -18.00 -39.49
CA LYS C 319 8.80 -16.63 -39.39
C LYS C 319 8.11 -15.82 -38.30
N ARG C 320 7.19 -16.44 -37.58
CA ARG C 320 6.51 -15.77 -36.48
C ARG C 320 7.13 -16.14 -35.14
N GLN C 321 8.40 -16.51 -35.17
CA GLN C 321 9.13 -16.84 -33.94
C GLN C 321 8.43 -17.97 -33.20
N SER C 322 7.85 -18.89 -33.95
CA SER C 322 7.21 -20.03 -33.33
C SER C 322 7.30 -21.24 -34.24
N TYR C 323 6.47 -22.24 -33.96
CA TYR C 323 6.53 -23.50 -34.68
C TYR C 323 5.15 -23.96 -35.13
N ASP C 324 5.10 -24.59 -36.30
CA ASP C 324 3.97 -25.42 -36.68
C ASP C 324 4.25 -26.83 -36.17
N ILE C 325 3.28 -27.37 -35.43
CA ILE C 325 3.43 -28.67 -34.81
C ILE C 325 2.65 -29.69 -35.62
N SER C 326 3.34 -30.72 -36.08
CA SER C 326 2.67 -31.81 -36.77
C SER C 326 2.82 -33.08 -35.93
N ILE C 327 1.69 -33.66 -35.54
CA ILE C 327 1.70 -34.87 -34.75
C ILE C 327 0.99 -36.00 -35.49
N VAL C 328 1.71 -37.10 -35.64
CA VAL C 328 1.14 -38.34 -36.18
C VAL C 328 1.37 -39.44 -35.16
N ALA C 329 0.30 -40.15 -34.80
CA ALA C 329 0.40 -41.23 -33.82
C ALA C 329 -0.45 -42.43 -34.23
N GLN C 330 0.03 -43.62 -33.88
CA GLN C 330 -0.74 -44.83 -34.11
C GLN C 330 -0.51 -45.84 -32.99
N VAL C 331 -1.55 -46.64 -32.74
CA VAL C 331 -1.46 -47.78 -31.84
C VAL C 331 -0.98 -48.96 -32.66
N ASP C 332 0.25 -49.39 -32.42
CA ASP C 332 0.88 -50.40 -33.27
C ASP C 332 0.08 -51.71 -33.31
N GLN C 333 -0.49 -52.10 -32.18
CA GLN C 333 -1.19 -53.37 -32.08
C GLN C 333 -2.50 -53.40 -32.87
N THR C 334 -3.08 -52.24 -33.13
CA THR C 334 -4.40 -52.16 -33.77
C THR C 334 -4.38 -51.42 -35.10
N GLY C 335 -3.34 -50.62 -35.31
CA GLY C 335 -3.23 -49.83 -36.52
C GLY C 335 -4.10 -48.58 -36.52
N SER C 336 -4.76 -48.32 -35.40
CA SER C 336 -5.57 -47.11 -35.26
C SER C 336 -4.68 -45.88 -35.25
N LYS C 337 -4.96 -44.93 -36.15
CA LYS C 337 -4.07 -43.81 -36.40
C LYS C 337 -4.78 -42.47 -36.23
N SER C 338 -4.06 -41.47 -35.72
CA SER C 338 -4.60 -40.12 -35.62
C SER C 338 -3.49 -39.07 -35.81
N SER C 339 -3.86 -37.94 -36.39
CA SER C 339 -2.94 -36.83 -36.61
C SER C 339 -3.49 -35.46 -36.17
N ASN C 340 -2.61 -34.50 -35.95
CA ASN C 340 -3.06 -33.10 -35.80
C ASN C 340 -1.97 -32.12 -36.22
N LEU C 341 -2.40 -30.95 -36.69
CA LEU C 341 -1.52 -29.86 -37.05
C LEU C 341 -1.88 -28.65 -36.20
N LEU C 342 -0.91 -28.12 -35.45
CA LEU C 342 -1.19 -27.03 -34.53
C LEU C 342 -0.28 -25.84 -34.75
N ASP C 343 -0.77 -24.68 -34.36
CA ASP C 343 -0.04 -23.42 -34.48
C ASP C 343 0.36 -22.92 -33.10
N LEU C 344 1.62 -23.15 -32.72
CA LEU C 344 2.11 -22.84 -31.38
C LEU C 344 2.13 -21.34 -31.11
N LYS C 345 2.07 -20.53 -32.17
CA LYS C 345 2.07 -19.08 -32.03
C LYS C 345 0.79 -18.58 -31.37
N ASN C 346 -0.28 -19.36 -31.53
CA ASN C 346 -1.59 -18.96 -31.03
C ASN C 346 -2.17 -19.99 -30.05
N PRO C 347 -1.56 -20.10 -28.86
CA PRO C 347 -2.07 -21.09 -27.92
C PRO C 347 -3.35 -20.64 -27.22
N PHE C 348 -4.07 -21.59 -26.64
CA PHE C 348 -5.26 -21.26 -25.86
C PHE C 348 -4.88 -21.35 -24.38
N PHE C 349 -4.90 -20.22 -23.68
CA PHE C 349 -4.58 -20.21 -22.26
C PHE C 349 -5.82 -20.60 -21.44
N ARG C 350 -5.81 -21.86 -21.00
CA ARG C 350 -6.96 -22.47 -20.34
C ARG C 350 -6.90 -22.36 -18.82
N TYR C 351 -5.69 -22.22 -18.28
CA TYR C 351 -5.48 -22.23 -16.84
C TYR C 351 -6.41 -21.32 -16.03
N THR C 352 -6.88 -21.87 -14.91
CA THR C 352 -7.76 -21.16 -14.00
C THR C 352 -7.32 -21.39 -12.55
N SER D 10 -3.56 4.99 -48.64
CA SER D 10 -4.90 4.84 -48.08
C SER D 10 -5.01 5.55 -46.72
N VAL D 11 -6.22 6.01 -46.39
CA VAL D 11 -6.44 6.69 -45.13
C VAL D 11 -6.12 5.77 -43.95
N PHE D 12 -6.46 4.48 -44.10
CA PHE D 12 -6.21 3.52 -43.04
C PHE D 12 -4.71 3.29 -42.83
N SER D 13 -4.02 2.94 -43.91
CA SER D 13 -2.59 2.63 -43.83
C SER D 13 -1.78 3.82 -43.32
N GLU D 14 -2.20 5.02 -43.70
CA GLU D 14 -1.47 6.23 -43.34
C GLU D 14 -1.52 6.48 -41.84
N ARG D 15 -2.59 6.05 -41.18
CA ARG D 15 -2.74 6.28 -39.75
C ARG D 15 -2.46 5.03 -38.91
N THR D 16 -2.04 3.95 -39.57
CA THR D 16 -1.88 2.66 -38.89
C THR D 16 -0.54 1.96 -39.21
N GLU D 17 0.23 1.64 -38.18
CA GLU D 17 1.40 0.79 -38.31
C GLU D 17 0.99 -0.62 -38.74
N GLU D 18 1.70 -1.18 -39.72
CA GLU D 18 1.37 -2.50 -40.24
C GLU D 18 1.28 -3.57 -39.16
N SER D 19 2.22 -3.56 -38.21
CA SER D 19 2.22 -4.55 -37.13
C SER D 19 0.86 -4.59 -36.45
N SER D 20 0.38 -3.41 -36.08
CA SER D 20 -0.91 -3.26 -35.41
C SER D 20 -2.05 -3.77 -36.29
N ALA D 21 -2.05 -3.37 -37.55
CA ALA D 21 -3.10 -3.77 -38.49
C ALA D 21 -3.16 -5.29 -38.65
N VAL D 22 -2.00 -5.89 -38.88
CA VAL D 22 -1.88 -7.33 -39.01
C VAL D 22 -2.45 -8.02 -37.78
N GLN D 23 -1.92 -7.64 -36.62
CA GLN D 23 -2.39 -8.20 -35.35
C GLN D 23 -3.91 -8.03 -35.19
N TYR D 24 -4.38 -6.83 -35.52
CA TYR D 24 -5.78 -6.45 -35.36
C TYR D 24 -6.72 -7.34 -36.20
N PHE D 25 -6.43 -7.44 -37.50
CA PHE D 25 -7.32 -8.19 -38.37
C PHE D 25 -7.13 -9.70 -38.18
N GLN D 26 -5.92 -10.12 -37.80
CA GLN D 26 -5.72 -11.51 -37.42
C GLN D 26 -6.62 -11.82 -36.21
N PHE D 27 -6.60 -10.92 -35.23
CA PHE D 27 -7.47 -11.06 -34.07
C PHE D 27 -8.92 -11.24 -34.52
N TYR D 28 -9.40 -10.35 -35.38
CA TYR D 28 -10.80 -10.49 -35.77
C TYR D 28 -11.04 -11.58 -36.82
N GLY D 29 -9.97 -12.18 -37.33
CA GLY D 29 -10.12 -13.34 -38.20
C GLY D 29 -10.54 -14.65 -37.52
N TYR D 30 -10.53 -14.68 -36.19
CA TYR D 30 -10.89 -15.90 -35.46
C TYR D 30 -12.38 -16.03 -35.19
N LEU D 31 -12.93 -17.20 -35.48
CA LEU D 31 -14.34 -17.48 -35.23
C LEU D 31 -14.67 -17.39 -33.75
N SER D 32 -13.72 -17.77 -32.90
CA SER D 32 -13.95 -17.72 -31.44
C SER D 32 -14.21 -16.28 -30.96
N GLN D 33 -13.54 -15.31 -31.60
CA GLN D 33 -13.73 -13.92 -31.24
C GLN D 33 -15.10 -13.39 -31.71
N GLN D 34 -15.45 -13.72 -32.95
CA GLN D 34 -16.77 -13.38 -33.47
C GLN D 34 -17.81 -14.00 -32.55
N GLN D 35 -17.58 -15.25 -32.14
CA GLN D 35 -18.48 -15.93 -31.21
C GLN D 35 -18.59 -15.15 -29.92
N ASN D 36 -17.45 -14.75 -29.37
CA ASN D 36 -17.43 -13.99 -28.13
C ASN D 36 -18.31 -12.73 -28.25
N MET D 37 -18.14 -11.99 -29.34
CA MET D 37 -18.96 -10.79 -29.54
C MET D 37 -20.45 -11.12 -29.74
N MET D 38 -20.72 -12.15 -30.53
CA MET D 38 -22.09 -12.51 -30.83
C MET D 38 -22.82 -12.93 -29.56
N GLN D 39 -22.11 -13.57 -28.63
CA GLN D 39 -22.72 -14.05 -27.39
C GLN D 39 -22.92 -12.94 -26.36
N ASP D 40 -22.46 -11.73 -26.64
CA ASP D 40 -22.84 -10.59 -25.82
C ASP D 40 -24.29 -10.27 -26.18
N TYR D 41 -25.23 -10.82 -25.42
CA TYR D 41 -26.64 -10.74 -25.80
C TYR D 41 -27.19 -9.33 -25.72
N VAL D 42 -26.74 -8.55 -24.74
CA VAL D 42 -27.16 -7.16 -24.64
C VAL D 42 -26.82 -6.47 -25.97
N ARG D 43 -25.57 -6.62 -26.38
CA ARG D 43 -25.08 -6.03 -27.63
C ARG D 43 -25.89 -6.48 -28.84
N THR D 44 -25.87 -7.80 -29.08
CA THR D 44 -26.46 -8.38 -30.26
C THR D 44 -27.97 -8.16 -30.29
N GLY D 45 -28.62 -8.46 -29.17
CA GLY D 45 -30.05 -8.24 -29.02
C GLY D 45 -30.44 -6.77 -29.18
N THR D 46 -29.65 -5.86 -28.62
CA THR D 46 -29.96 -4.45 -28.75
C THR D 46 -29.78 -4.00 -30.21
N TYR D 47 -28.72 -4.44 -30.87
CA TYR D 47 -28.57 -4.14 -32.29
C TYR D 47 -29.77 -4.66 -33.10
N GLN D 48 -30.12 -5.91 -32.88
CA GLN D 48 -31.25 -6.49 -33.61
C GLN D 48 -32.52 -5.68 -33.35
N ARG D 49 -32.75 -5.34 -32.09
CA ARG D 49 -33.89 -4.53 -31.71
C ARG D 49 -33.86 -3.17 -32.44
N ALA D 50 -32.71 -2.50 -32.42
CA ALA D 50 -32.57 -1.21 -33.07
C ALA D 50 -32.90 -1.30 -34.56
N ILE D 51 -32.41 -2.34 -35.21
CA ILE D 51 -32.65 -2.50 -36.64
C ILE D 51 -34.09 -2.90 -36.94
N LEU D 52 -34.60 -3.94 -36.26
CA LEU D 52 -35.93 -4.46 -36.59
C LEU D 52 -37.05 -3.50 -36.16
N GLN D 53 -36.90 -2.84 -35.03
CA GLN D 53 -37.95 -1.93 -34.58
C GLN D 53 -37.98 -0.66 -35.44
N ASN D 54 -36.90 -0.42 -36.18
CA ASN D 54 -36.87 0.68 -37.15
C ASN D 54 -36.80 0.11 -38.57
N HIS D 55 -37.65 -0.89 -38.84
CA HIS D 55 -37.60 -1.61 -40.12
C HIS D 55 -37.82 -0.69 -41.32
N THR D 56 -38.55 0.41 -41.11
CA THR D 56 -38.85 1.34 -42.21
C THR D 56 -37.59 2.07 -42.69
N ASP D 57 -36.57 2.15 -41.85
CA ASP D 57 -35.30 2.75 -42.23
C ASP D 57 -34.47 1.79 -43.08
N PHE D 58 -34.97 0.56 -43.25
CA PHE D 58 -34.26 -0.48 -43.97
C PHE D 58 -35.05 -1.02 -45.16
N LYS D 59 -36.38 -1.03 -45.04
CA LYS D 59 -37.25 -1.58 -46.08
C LYS D 59 -36.91 -1.04 -47.48
N ASP D 60 -36.48 -1.94 -48.36
CA ASP D 60 -36.14 -1.61 -49.76
C ASP D 60 -35.01 -0.59 -49.85
N LYS D 61 -34.15 -0.55 -48.84
CA LYS D 61 -33.06 0.42 -48.81
C LYS D 61 -31.73 -0.22 -49.18
N ILE D 62 -30.76 0.62 -49.51
CA ILE D 62 -29.39 0.19 -49.75
C ILE D 62 -28.60 0.42 -48.48
N VAL D 63 -27.91 -0.62 -48.01
CA VAL D 63 -27.24 -0.59 -46.73
C VAL D 63 -25.73 -0.81 -46.87
N LEU D 64 -24.96 -0.11 -46.05
CA LEU D 64 -23.54 -0.44 -45.91
C LEU D 64 -23.24 -0.92 -44.50
N ASP D 65 -22.68 -2.11 -44.37
CA ASP D 65 -22.26 -2.65 -43.07
C ASP D 65 -20.75 -2.55 -42.96
N VAL D 66 -20.26 -1.64 -42.12
CA VAL D 66 -18.82 -1.41 -42.03
C VAL D 66 -18.20 -2.37 -41.02
N GLY D 67 -17.41 -3.32 -41.53
CA GLY D 67 -16.78 -4.31 -40.67
C GLY D 67 -17.76 -5.37 -40.23
N CYS D 68 -18.30 -6.12 -41.19
CA CYS D 68 -19.46 -6.98 -40.94
C CYS D 68 -19.12 -8.21 -40.08
N GLY D 69 -17.85 -8.55 -39.97
CA GLY D 69 -17.44 -9.73 -39.22
C GLY D 69 -18.16 -10.96 -39.73
N SER D 70 -18.93 -11.62 -38.86
CA SER D 70 -19.70 -12.79 -39.24
C SER D 70 -20.82 -12.43 -40.21
N GLY D 71 -21.22 -11.16 -40.21
CA GLY D 71 -22.28 -10.67 -41.07
C GLY D 71 -23.59 -10.48 -40.34
N ILE D 72 -23.58 -10.68 -39.03
CA ILE D 72 -24.79 -10.70 -38.22
C ILE D 72 -25.67 -9.44 -38.43
N LEU D 73 -25.05 -8.26 -38.42
CA LEU D 73 -25.81 -7.03 -38.58
C LEU D 73 -26.44 -6.94 -39.97
N SER D 74 -25.72 -7.44 -40.97
CA SER D 74 -26.26 -7.47 -42.33
C SER D 74 -27.48 -8.38 -42.39
N PHE D 75 -27.43 -9.50 -41.67
CA PHE D 75 -28.58 -10.40 -41.59
C PHE D 75 -29.74 -9.67 -40.90
N PHE D 76 -29.45 -8.91 -39.85
CA PHE D 76 -30.50 -8.10 -39.25
C PHE D 76 -31.07 -7.11 -40.28
N ALA D 77 -30.20 -6.48 -41.07
CA ALA D 77 -30.65 -5.56 -42.11
C ALA D 77 -31.53 -6.27 -43.14
N ALA D 78 -31.16 -7.50 -43.48
CA ALA D 78 -31.94 -8.29 -44.42
C ALA D 78 -33.31 -8.64 -43.83
N GLN D 79 -33.33 -9.00 -42.55
CA GLN D 79 -34.58 -9.31 -41.85
C GLN D 79 -35.54 -8.12 -41.87
N ALA D 80 -34.97 -6.92 -41.84
CA ALA D 80 -35.74 -5.69 -41.80
C ALA D 80 -36.21 -5.24 -43.20
N GLY D 81 -35.82 -6.00 -44.22
CA GLY D 81 -36.32 -5.77 -45.56
C GLY D 81 -35.44 -4.95 -46.49
N ALA D 82 -34.14 -4.85 -46.18
CA ALA D 82 -33.21 -4.12 -47.05
C ALA D 82 -33.17 -4.73 -48.44
N ARG D 83 -33.04 -3.89 -49.45
CA ARG D 83 -32.98 -4.37 -50.84
C ARG D 83 -31.61 -4.95 -51.13
N LYS D 84 -30.56 -4.24 -50.72
CA LYS D 84 -29.21 -4.70 -50.93
C LYS D 84 -28.29 -4.19 -49.83
N ILE D 85 -27.44 -5.08 -49.33
CA ILE D 85 -26.54 -4.75 -48.23
C ILE D 85 -25.12 -5.03 -48.67
N TYR D 86 -24.28 -3.99 -48.67
CA TYR D 86 -22.87 -4.19 -48.93
C TYR D 86 -22.17 -4.37 -47.59
N ALA D 87 -21.62 -5.57 -47.40
CA ALA D 87 -21.00 -5.92 -46.14
C ALA D 87 -19.49 -5.95 -46.29
N VAL D 88 -18.83 -4.90 -45.82
CA VAL D 88 -17.39 -4.74 -46.02
C VAL D 88 -16.64 -5.36 -44.85
N GLU D 89 -15.65 -6.19 -45.16
CA GLU D 89 -14.86 -6.80 -44.08
C GLU D 89 -13.42 -7.05 -44.51
N ALA D 90 -12.48 -6.58 -43.70
CA ALA D 90 -11.07 -6.59 -44.07
C ALA D 90 -10.34 -7.87 -43.64
N SER D 91 -10.80 -8.49 -42.56
CA SER D 91 -10.17 -9.73 -42.11
C SER D 91 -10.66 -10.89 -42.96
N THR D 92 -10.05 -12.06 -42.73
CA THR D 92 -10.43 -13.27 -43.46
C THR D 92 -11.84 -13.72 -43.08
N MET D 93 -12.39 -13.18 -42.00
CA MET D 93 -13.75 -13.50 -41.60
C MET D 93 -14.72 -13.31 -42.77
N ALA D 94 -14.38 -12.39 -43.67
CA ALA D 94 -15.18 -12.12 -44.86
C ALA D 94 -15.55 -13.41 -45.62
N GLN D 95 -14.64 -14.37 -45.64
CA GLN D 95 -14.90 -15.62 -46.37
C GLN D 95 -15.98 -16.41 -45.63
N HIS D 96 -15.98 -16.30 -44.30
CA HIS D 96 -16.94 -17.04 -43.48
C HIS D 96 -18.31 -16.40 -43.58
N ALA D 97 -18.33 -15.08 -43.65
CA ALA D 97 -19.59 -14.36 -43.82
C ALA D 97 -20.25 -14.78 -45.13
N GLU D 98 -19.45 -14.90 -46.18
CA GLU D 98 -19.98 -15.32 -47.49
C GLU D 98 -20.58 -16.72 -47.40
N VAL D 99 -19.94 -17.60 -46.64
CA VAL D 99 -20.47 -18.95 -46.43
C VAL D 99 -21.87 -18.84 -45.83
N LEU D 100 -22.02 -17.98 -44.84
CA LEU D 100 -23.31 -17.83 -44.17
C LEU D 100 -24.37 -17.19 -45.06
N VAL D 101 -23.94 -16.25 -45.92
CA VAL D 101 -24.87 -15.61 -46.84
C VAL D 101 -25.47 -16.67 -47.76
N LYS D 102 -24.62 -17.56 -48.26
CA LYS D 102 -25.09 -18.64 -49.14
C LYS D 102 -25.95 -19.65 -48.39
N SER D 103 -25.49 -20.11 -47.23
CA SER D 103 -26.23 -21.13 -46.49
C SER D 103 -27.58 -20.58 -46.00
N ASN D 104 -27.70 -19.26 -45.90
CA ASN D 104 -28.97 -18.63 -45.51
C ASN D 104 -29.77 -18.12 -46.71
N ASN D 105 -29.32 -18.47 -47.91
CA ASN D 105 -30.02 -18.12 -49.15
C ASN D 105 -30.33 -16.62 -49.28
N LEU D 106 -29.30 -15.79 -49.06
CA LEU D 106 -29.47 -14.34 -49.10
C LEU D 106 -28.47 -13.71 -50.09
N THR D 107 -28.02 -14.50 -51.06
CA THR D 107 -27.05 -14.04 -52.05
C THR D 107 -27.58 -12.87 -52.87
N ASP D 108 -28.90 -12.76 -52.98
CA ASP D 108 -29.51 -11.69 -53.76
C ASP D 108 -29.59 -10.40 -52.96
N ARG D 109 -29.27 -10.44 -51.67
CA ARG D 109 -29.49 -9.30 -50.80
C ARG D 109 -28.24 -8.86 -50.03
N ILE D 110 -27.39 -9.80 -49.62
CA ILE D 110 -26.16 -9.46 -48.91
C ILE D 110 -24.96 -9.70 -49.83
N VAL D 111 -24.17 -8.65 -50.04
CA VAL D 111 -22.98 -8.71 -50.86
C VAL D 111 -21.74 -8.41 -50.03
N VAL D 112 -20.93 -9.44 -49.77
CA VAL D 112 -19.72 -9.26 -49.02
C VAL D 112 -18.66 -8.61 -49.90
N ILE D 113 -18.05 -7.56 -49.38
CA ILE D 113 -16.97 -6.86 -50.07
C ILE D 113 -15.71 -7.01 -49.19
N PRO D 114 -14.78 -7.88 -49.61
CA PRO D 114 -13.57 -8.05 -48.81
C PRO D 114 -12.61 -6.87 -48.98
N GLY D 115 -12.07 -6.40 -47.86
CA GLY D 115 -11.14 -5.28 -47.87
C GLY D 115 -11.48 -4.23 -46.83
N LYS D 116 -10.65 -3.19 -46.76
CA LYS D 116 -10.89 -2.09 -45.84
C LYS D 116 -11.84 -1.07 -46.47
N VAL D 117 -12.73 -0.52 -45.65
CA VAL D 117 -13.74 0.40 -46.14
C VAL D 117 -13.09 1.65 -46.74
N GLU D 118 -11.86 1.93 -46.33
CA GLU D 118 -11.10 3.06 -46.86
C GLU D 118 -10.55 2.79 -48.26
N GLU D 119 -10.59 1.54 -48.69
CA GLU D 119 -9.88 1.14 -49.91
C GLU D 119 -10.77 0.52 -50.99
N VAL D 120 -11.87 -0.10 -50.59
CA VAL D 120 -12.72 -0.80 -51.55
C VAL D 120 -13.56 0.17 -52.39
N SER D 121 -14.15 -0.37 -53.46
CA SER D 121 -15.07 0.41 -54.29
C SER D 121 -16.47 -0.19 -54.21
N LEU D 122 -17.46 0.65 -53.97
CA LEU D 122 -18.86 0.24 -53.98
C LEU D 122 -19.56 0.69 -55.25
N PRO D 123 -20.52 -0.10 -55.75
CA PRO D 123 -21.16 0.27 -57.02
C PRO D 123 -22.09 1.48 -56.90
N GLU D 124 -22.60 1.76 -55.70
CA GLU D 124 -23.60 2.81 -55.53
C GLU D 124 -23.53 3.43 -54.12
N GLN D 125 -24.14 4.60 -53.98
CA GLN D 125 -24.29 5.24 -52.69
C GLN D 125 -25.37 4.53 -51.87
N VAL D 126 -25.29 4.63 -50.55
CA VAL D 126 -26.17 3.87 -49.68
C VAL D 126 -27.09 4.79 -48.90
N ASP D 127 -28.20 4.23 -48.43
CA ASP D 127 -29.20 4.99 -47.66
C ASP D 127 -28.83 5.04 -46.20
N ILE D 128 -28.16 4.00 -45.72
CA ILE D 128 -27.89 3.90 -44.30
C ILE D 128 -26.61 3.09 -44.06
N ILE D 129 -25.84 3.54 -43.08
CA ILE D 129 -24.64 2.81 -42.66
C ILE D 129 -24.89 2.17 -41.31
N ILE D 130 -24.57 0.88 -41.21
CA ILE D 130 -24.58 0.19 -39.93
C ILE D 130 -23.17 -0.29 -39.60
N SER D 131 -22.87 -0.35 -38.31
CA SER D 131 -21.58 -0.80 -37.83
C SER D 131 -21.59 -1.00 -36.32
N GLU D 132 -20.67 -1.81 -35.85
CA GLU D 132 -20.38 -1.89 -34.42
C GLU D 132 -18.89 -1.60 -34.24
N PRO D 133 -18.53 -0.30 -34.24
CA PRO D 133 -17.13 0.12 -34.18
C PRO D 133 -16.65 0.58 -32.81
N MET D 134 -17.43 0.31 -31.76
CA MET D 134 -17.09 0.79 -30.43
C MET D 134 -16.07 -0.10 -29.75
N GLY D 135 -15.04 0.51 -29.18
CA GLY D 135 -14.08 -0.20 -28.36
C GLY D 135 -14.18 0.27 -26.92
N TYR D 136 -13.23 -0.18 -26.09
CA TYR D 136 -13.13 0.29 -24.71
C TYR D 136 -13.12 1.82 -24.71
N MET D 137 -13.79 2.43 -23.74
CA MET D 137 -13.91 3.89 -23.68
C MET D 137 -14.45 4.46 -24.98
N LEU D 138 -15.26 3.66 -25.67
CA LEU D 138 -15.82 4.03 -26.96
C LEU D 138 -14.76 4.07 -28.08
N PHE D 139 -13.66 4.78 -27.84
CA PHE D 139 -12.75 5.15 -28.92
C PHE D 139 -11.65 4.13 -29.25
N ASN D 140 -11.36 3.21 -28.34
CA ASN D 140 -10.27 2.25 -28.58
C ASN D 140 -10.48 1.49 -29.89
N GLU D 141 -9.37 1.20 -30.56
CA GLU D 141 -9.30 0.49 -31.85
C GLU D 141 -9.45 1.45 -33.03
N ARG D 142 -9.93 2.66 -32.76
CA ARG D 142 -10.04 3.72 -33.77
C ARG D 142 -10.93 3.34 -34.95
N MET D 143 -11.87 2.41 -34.73
CA MET D 143 -12.75 2.00 -35.81
C MET D 143 -13.83 3.04 -36.09
N LEU D 144 -14.08 3.94 -35.13
CA LEU D 144 -15.04 5.02 -35.37
C LEU D 144 -14.63 5.85 -36.58
N GLU D 145 -13.33 5.97 -36.81
CA GLU D 145 -12.81 6.74 -37.92
C GLU D 145 -13.13 6.08 -39.27
N SER D 146 -13.11 4.75 -39.31
CA SER D 146 -13.52 4.02 -40.51
C SER D 146 -15.02 4.21 -40.73
N TYR D 147 -15.76 4.13 -39.64
CA TYR D 147 -17.20 4.32 -39.65
C TYR D 147 -17.54 5.69 -40.25
N LEU D 148 -16.86 6.72 -39.76
CA LEU D 148 -17.07 8.08 -40.26
C LEU D 148 -16.57 8.23 -41.68
N HIS D 149 -15.43 7.60 -41.98
CA HIS D 149 -14.86 7.61 -43.32
C HIS D 149 -15.85 7.08 -44.34
N ALA D 150 -16.56 6.04 -43.94
CA ALA D 150 -17.55 5.40 -44.80
C ALA D 150 -18.67 6.33 -45.28
N LYS D 151 -18.81 7.52 -44.68
CA LYS D 151 -19.89 8.43 -45.09
C LYS D 151 -19.70 8.98 -46.49
N LYS D 152 -18.53 8.74 -47.09
CA LYS D 152 -18.33 9.11 -48.48
C LYS D 152 -19.25 8.31 -49.39
N TYR D 153 -19.77 7.20 -48.86
CA TYR D 153 -20.71 6.36 -49.61
C TYR D 153 -22.16 6.64 -49.20
N LEU D 154 -22.37 7.58 -48.29
CA LEU D 154 -23.70 7.83 -47.78
C LEU D 154 -24.41 8.91 -48.58
N LYS D 155 -25.62 8.61 -49.03
CA LYS D 155 -26.45 9.60 -49.70
C LYS D 155 -26.71 10.78 -48.78
N PRO D 156 -26.95 11.96 -49.35
CA PRO D 156 -27.35 13.09 -48.50
C PRO D 156 -28.58 12.71 -47.68
N SER D 157 -28.66 13.17 -46.43
CA SER D 157 -29.80 12.86 -45.57
C SER D 157 -29.87 11.36 -45.24
N GLY D 158 -28.79 10.64 -45.51
CA GLY D 158 -28.73 9.23 -45.19
C GLY D 158 -28.59 9.08 -43.68
N ASN D 159 -28.73 7.86 -43.17
CA ASN D 159 -28.68 7.66 -41.72
C ASN D 159 -27.55 6.73 -41.30
N MET D 160 -27.26 6.78 -40.01
CA MET D 160 -26.20 5.98 -39.42
C MET D 160 -26.69 5.28 -38.14
N PHE D 161 -26.41 3.98 -38.06
CA PHE D 161 -26.80 3.15 -36.94
C PHE D 161 -25.55 2.46 -36.38
N PRO D 162 -25.02 2.93 -35.24
CA PRO D 162 -25.52 3.96 -34.32
C PRO D 162 -25.42 5.39 -34.87
N THR D 163 -26.28 6.26 -34.34
CA THR D 163 -26.37 7.64 -34.79
C THR D 163 -25.52 8.53 -33.93
N ILE D 164 -25.55 8.30 -32.62
CA ILE D 164 -24.68 9.09 -31.75
C ILE D 164 -24.02 8.24 -30.67
N GLY D 165 -22.90 8.75 -30.16
CA GLY D 165 -22.21 8.14 -29.04
C GLY D 165 -21.92 9.09 -27.89
N ASP D 166 -22.27 8.68 -26.68
CA ASP D 166 -22.00 9.44 -25.48
C ASP D 166 -20.92 8.76 -24.65
N VAL D 167 -19.85 9.48 -24.37
CA VAL D 167 -18.86 9.03 -23.42
C VAL D 167 -19.13 9.68 -22.07
N HIS D 168 -19.26 8.85 -21.04
CA HIS D 168 -19.47 9.33 -19.69
C HIS D 168 -18.21 9.14 -18.86
N LEU D 169 -17.86 10.18 -18.09
CA LEU D 169 -16.78 10.10 -17.11
C LEU D 169 -17.23 10.59 -15.73
N ALA D 170 -16.78 9.89 -14.69
CA ALA D 170 -17.09 10.30 -13.32
C ALA D 170 -15.96 9.94 -12.35
N PRO D 171 -15.71 10.79 -11.33
CA PRO D 171 -14.67 10.44 -10.37
C PRO D 171 -15.08 9.29 -9.47
N PHE D 172 -14.13 8.44 -9.08
CA PHE D 172 -14.46 7.31 -8.20
C PHE D 172 -13.48 7.18 -7.03
N THR D 173 -13.92 6.45 -6.01
CA THR D 173 -13.05 6.06 -4.90
C THR D 173 -12.99 4.53 -4.81
N ASP D 174 -11.79 3.99 -4.84
CA ASP D 174 -11.59 2.55 -4.71
C ASP D 174 -10.18 2.27 -4.21
N GLU D 175 -10.02 2.33 -2.89
CA GLU D 175 -8.72 2.14 -2.25
C GLU D 175 -8.12 0.78 -2.61
N GLN D 176 -8.97 -0.23 -2.64
CA GLN D 176 -8.51 -1.60 -2.88
C GLN D 176 -7.84 -1.75 -4.25
N LEU D 177 -8.45 -1.17 -5.29
CA LEU D 177 -7.86 -1.21 -6.62
C LEU D 177 -6.52 -0.48 -6.63
N TYR D 178 -6.52 0.71 -6.04
CA TYR D 178 -5.33 1.54 -5.99
C TYR D 178 -4.18 0.77 -5.34
N MET D 179 -4.43 0.22 -4.15
CA MET D 179 -3.40 -0.53 -3.46
C MET D 179 -3.06 -1.82 -4.21
N GLU D 180 -4.04 -2.41 -4.87
CA GLU D 180 -3.79 -3.58 -5.70
C GLU D 180 -2.69 -3.27 -6.73
N GLN D 181 -2.85 -2.15 -7.44
CA GLN D 181 -1.86 -1.70 -8.42
C GLN D 181 -0.53 -1.27 -7.78
N PHE D 182 -0.63 -0.53 -6.68
CA PHE D 182 0.56 -0.03 -6.00
C PHE D 182 1.40 -1.21 -5.49
N THR D 183 0.72 -2.23 -4.98
CA THR D 183 1.37 -3.45 -4.52
C THR D 183 2.20 -4.08 -5.64
N LYS D 184 1.62 -4.14 -6.83
CA LYS D 184 2.31 -4.71 -7.98
C LYS D 184 3.52 -3.85 -8.29
N ALA D 185 3.31 -2.54 -8.31
CA ALA D 185 4.42 -1.62 -8.59
C ALA D 185 5.52 -1.74 -7.54
N ASN D 186 5.14 -2.00 -6.28
CA ASN D 186 6.11 -2.01 -5.18
C ASN D 186 7.09 -3.18 -5.22
N PHE D 187 6.89 -4.13 -6.14
CA PHE D 187 7.88 -5.18 -6.36
C PHE D 187 9.24 -4.53 -6.64
N TRP D 188 9.21 -3.45 -7.41
CA TRP D 188 10.42 -2.74 -7.84
C TRP D 188 10.96 -1.81 -6.75
N TYR D 189 10.37 -1.89 -5.58
CA TYR D 189 10.80 -1.14 -4.40
C TYR D 189 11.81 -1.94 -3.57
N GLN D 190 11.92 -3.24 -3.86
CA GLN D 190 12.82 -4.10 -3.09
C GLN D 190 14.30 -3.73 -3.20
N PRO D 191 14.97 -3.58 -2.05
CA PRO D 191 16.40 -3.24 -2.07
C PRO D 191 17.30 -4.48 -2.19
N SER D 192 16.72 -5.67 -2.05
CA SER D 192 17.52 -6.90 -2.10
C SER D 192 16.71 -8.10 -2.61
N PHE D 193 16.24 -8.01 -3.85
CA PHE D 193 15.60 -9.14 -4.51
C PHE D 193 16.67 -10.13 -4.97
N HIS D 194 16.76 -11.27 -4.28
CA HIS D 194 17.84 -12.22 -4.51
C HIS D 194 19.19 -11.50 -4.46
N GLY D 195 19.31 -10.52 -3.57
CA GLY D 195 20.55 -9.80 -3.39
C GLY D 195 20.71 -8.59 -4.30
N VAL D 196 19.70 -8.29 -5.10
CA VAL D 196 19.78 -7.19 -6.06
C VAL D 196 18.87 -6.04 -5.64
N ASP D 197 19.42 -4.83 -5.68
CA ASP D 197 18.65 -3.63 -5.37
C ASP D 197 17.89 -3.15 -6.60
N LEU D 198 16.57 -3.26 -6.55
CA LEU D 198 15.72 -2.90 -7.70
C LEU D 198 15.16 -1.49 -7.56
N SER D 199 15.38 -0.87 -6.39
CA SER D 199 14.66 0.34 -6.00
C SER D 199 14.80 1.48 -7.01
N ALA D 200 15.94 1.53 -7.70
CA ALA D 200 16.18 2.59 -8.67
C ALA D 200 15.10 2.62 -9.76
N LEU D 201 14.39 1.51 -9.94
CA LEU D 201 13.35 1.43 -10.97
C LEU D 201 11.93 1.58 -10.43
N ARG D 202 11.79 1.86 -9.13
CA ARG D 202 10.47 1.94 -8.52
C ARG D 202 9.59 2.96 -9.25
N GLY D 203 10.15 4.13 -9.54
CA GLY D 203 9.42 5.18 -10.24
C GLY D 203 8.93 4.75 -11.61
N ALA D 204 9.79 4.09 -12.37
CA ALA D 204 9.43 3.62 -13.71
C ALA D 204 8.32 2.56 -13.64
N ALA D 205 8.35 1.73 -12.61
CA ALA D 205 7.36 0.68 -12.45
C ALA D 205 5.99 1.27 -12.10
N VAL D 206 5.97 2.24 -11.19
CA VAL D 206 4.73 2.91 -10.83
C VAL D 206 4.12 3.54 -12.08
N ASP D 207 4.94 4.24 -12.85
CA ASP D 207 4.46 4.86 -14.08
C ASP D 207 3.83 3.84 -15.02
N GLU D 208 4.50 2.71 -15.20
CA GLU D 208 4.01 1.69 -16.14
C GLU D 208 2.66 1.13 -15.70
N TYR D 209 2.56 0.74 -14.44
CA TYR D 209 1.34 0.12 -13.94
C TYR D 209 0.16 1.08 -13.97
N PHE D 210 0.41 2.34 -13.61
CA PHE D 210 -0.67 3.32 -13.55
C PHE D 210 -1.02 3.87 -14.93
N ARG D 211 -0.17 3.58 -15.91
CA ARG D 211 -0.47 3.90 -17.31
C ARG D 211 -1.53 2.95 -17.87
N GLN D 212 -1.84 1.88 -17.15
CA GLN D 212 -2.78 0.89 -17.63
C GLN D 212 -4.21 1.20 -17.19
N PRO D 213 -5.11 1.48 -18.14
CA PRO D 213 -6.52 1.58 -17.75
C PRO D 213 -7.04 0.25 -17.22
N VAL D 214 -7.89 0.29 -16.20
CA VAL D 214 -8.42 -0.92 -15.60
C VAL D 214 -9.79 -1.22 -16.21
N VAL D 215 -9.88 -2.36 -16.90
CA VAL D 215 -11.12 -2.78 -17.52
C VAL D 215 -11.81 -3.76 -16.60
N ASP D 216 -13.00 -3.38 -16.13
CA ASP D 216 -13.83 -4.28 -15.33
C ASP D 216 -15.08 -3.51 -14.92
N THR D 217 -15.87 -4.12 -14.05
CA THR D 217 -17.07 -3.45 -13.56
C THR D 217 -16.91 -3.18 -12.07
N PHE D 218 -17.85 -2.43 -11.51
CA PHE D 218 -17.78 -2.00 -10.12
C PHE D 218 -19.17 -1.59 -9.64
N ASP D 219 -19.32 -1.50 -8.32
CA ASP D 219 -20.56 -1.03 -7.71
C ASP D 219 -20.67 0.48 -7.92
N ILE D 220 -21.85 0.95 -8.32
CA ILE D 220 -22.05 2.36 -8.62
C ILE D 220 -21.79 3.26 -7.40
N ARG D 221 -21.76 2.68 -6.21
CA ARG D 221 -21.57 3.45 -4.99
C ARG D 221 -20.16 4.00 -4.85
N ILE D 222 -19.24 3.55 -5.70
CA ILE D 222 -17.89 4.10 -5.67
C ILE D 222 -17.85 5.45 -6.37
N LEU D 223 -18.90 5.79 -7.11
CA LEU D 223 -18.93 7.05 -7.85
C LEU D 223 -19.24 8.23 -6.92
N MET D 224 -18.46 9.29 -7.07
CA MET D 224 -18.47 10.40 -6.12
C MET D 224 -19.15 11.65 -6.67
N ALA D 225 -19.59 11.59 -7.91
CA ALA D 225 -20.27 12.72 -8.53
C ALA D 225 -21.04 12.27 -9.76
N LYS D 226 -22.03 13.06 -10.16
CA LYS D 226 -22.76 12.81 -11.39
C LYS D 226 -21.79 12.85 -12.57
N SER D 227 -21.97 11.94 -13.52
CA SER D 227 -21.05 11.83 -14.64
C SER D 227 -21.13 13.05 -15.54
N VAL D 228 -20.01 13.34 -16.21
CA VAL D 228 -19.98 14.32 -17.28
C VAL D 228 -20.06 13.57 -18.61
N LYS D 229 -20.75 14.17 -19.57
CA LYS D 229 -21.07 13.56 -20.86
C LYS D 229 -20.34 14.28 -21.99
N TYR D 230 -19.71 13.51 -22.87
CA TYR D 230 -19.13 14.04 -24.10
C TYR D 230 -19.76 13.32 -25.28
N THR D 231 -20.40 14.07 -26.18
CA THR D 231 -21.19 13.47 -27.24
C THR D 231 -20.55 13.63 -28.61
N VAL D 232 -20.49 12.53 -29.35
CA VAL D 232 -20.07 12.54 -30.74
C VAL D 232 -21.29 12.20 -31.62
N ASN D 233 -21.63 13.13 -32.50
CA ASN D 233 -22.70 12.93 -33.46
C ASN D 233 -22.13 12.39 -34.75
N PHE D 234 -22.36 11.10 -35.02
CA PHE D 234 -21.73 10.42 -36.15
C PHE D 234 -22.24 10.94 -37.49
N LEU D 235 -23.43 11.55 -37.49
CA LEU D 235 -23.97 12.13 -38.70
C LEU D 235 -23.18 13.38 -39.12
N GLU D 236 -22.62 14.08 -38.12
CA GLU D 236 -21.94 15.35 -38.37
C GLU D 236 -20.42 15.25 -38.27
N ALA D 237 -19.92 14.37 -37.41
CA ALA D 237 -18.50 14.32 -37.12
C ALA D 237 -17.72 13.86 -38.35
N LYS D 238 -16.49 14.33 -38.47
CA LYS D 238 -15.58 13.87 -39.51
C LYS D 238 -14.47 13.09 -38.82
N GLU D 239 -13.87 12.12 -39.51
CA GLU D 239 -12.89 11.24 -38.87
C GLU D 239 -11.76 12.02 -38.23
N GLY D 240 -11.35 13.10 -38.88
CA GLY D 240 -10.30 13.95 -38.33
C GLY D 240 -10.61 14.45 -36.93
N ASP D 241 -11.89 14.54 -36.61
CA ASP D 241 -12.31 15.00 -35.28
C ASP D 241 -11.84 14.07 -34.17
N LEU D 242 -11.51 12.83 -34.52
CA LEU D 242 -11.18 11.84 -33.50
C LEU D 242 -9.67 11.68 -33.27
N HIS D 243 -8.86 12.49 -33.96
CA HIS D 243 -7.41 12.40 -33.80
C HIS D 243 -6.98 13.01 -32.46
N ARG D 244 -7.67 14.07 -32.07
CA ARG D 244 -7.43 14.76 -30.80
C ARG D 244 -8.76 15.10 -30.15
N ILE D 245 -9.06 14.41 -29.06
CA ILE D 245 -10.34 14.58 -28.38
C ILE D 245 -10.12 15.24 -27.03
N GLU D 246 -10.62 16.46 -26.89
CA GLU D 246 -10.50 17.21 -25.65
C GLU D 246 -11.83 17.24 -24.89
N ILE D 247 -11.83 16.63 -23.71
CA ILE D 247 -13.03 16.53 -22.87
C ILE D 247 -12.82 17.31 -21.56
N PRO D 248 -13.29 18.57 -21.52
CA PRO D 248 -13.21 19.30 -20.26
C PRO D 248 -14.22 18.75 -19.27
N PHE D 249 -13.95 18.85 -17.97
CA PHE D 249 -14.92 18.43 -16.99
C PHE D 249 -14.90 19.28 -15.72
N LYS D 250 -16.08 19.38 -15.13
CA LYS D 250 -16.29 20.07 -13.87
C LYS D 250 -17.28 19.25 -13.05
N PHE D 251 -16.77 18.48 -12.10
CA PHE D 251 -17.61 17.65 -11.26
C PHE D 251 -17.99 18.39 -9.98
N HIS D 252 -19.26 18.28 -9.61
CA HIS D 252 -19.73 18.79 -8.34
C HIS D 252 -19.81 17.62 -7.37
N MET D 253 -18.85 17.55 -6.46
CA MET D 253 -18.69 16.39 -5.60
C MET D 253 -19.89 16.18 -4.70
N LEU D 254 -20.45 14.97 -4.74
CA LEU D 254 -21.60 14.62 -3.92
C LEU D 254 -21.18 13.96 -2.62
N HIS D 255 -19.97 13.43 -2.59
CA HIS D 255 -19.47 12.75 -1.40
C HIS D 255 -18.06 13.22 -1.06
N SER D 256 -17.70 13.16 0.21
CA SER D 256 -16.36 13.50 0.66
C SER D 256 -15.50 12.25 0.67
N GLY D 257 -14.23 12.40 0.28
CA GLY D 257 -13.32 11.27 0.29
C GLY D 257 -12.18 11.38 -0.68
N LEU D 258 -11.50 10.25 -0.88
CA LEU D 258 -10.39 10.14 -1.82
C LEU D 258 -10.87 9.82 -3.22
N VAL D 259 -10.46 10.66 -4.17
CA VAL D 259 -10.69 10.40 -5.59
C VAL D 259 -9.45 9.68 -6.10
N HIS D 260 -9.63 8.42 -6.48
CA HIS D 260 -8.52 7.59 -6.93
C HIS D 260 -8.36 7.64 -8.44
N GLY D 261 -9.36 8.19 -9.12
CA GLY D 261 -9.29 8.33 -10.56
C GLY D 261 -10.64 8.56 -11.20
N LEU D 262 -10.69 8.39 -12.52
CA LEU D 262 -11.92 8.62 -13.26
C LEU D 262 -12.41 7.33 -13.89
N ALA D 263 -13.71 7.08 -13.76
CA ALA D 263 -14.37 5.96 -14.41
C ALA D 263 -15.01 6.44 -15.70
N PHE D 264 -14.96 5.57 -16.69
CA PHE D 264 -15.40 5.85 -18.06
C PHE D 264 -16.33 4.76 -18.53
N TRP D 265 -17.41 5.17 -19.17
CA TRP D 265 -18.26 4.25 -19.91
C TRP D 265 -18.89 4.99 -21.08
N PHE D 266 -19.69 4.30 -21.88
CA PHE D 266 -20.30 4.97 -23.02
C PHE D 266 -21.65 4.38 -23.39
N ASP D 267 -22.48 5.21 -24.02
CA ASP D 267 -23.75 4.78 -24.60
C ASP D 267 -23.72 5.09 -26.08
N VAL D 268 -24.46 4.33 -26.88
CA VAL D 268 -24.70 4.74 -28.26
C VAL D 268 -26.20 4.72 -28.50
N ALA D 269 -26.67 5.61 -29.37
CA ALA D 269 -28.07 5.66 -29.72
C ALA D 269 -28.29 5.51 -31.21
N PHE D 270 -29.26 4.64 -31.51
CA PHE D 270 -29.79 4.41 -32.84
C PHE D 270 -31.08 5.21 -32.98
N ILE D 271 -30.98 6.34 -33.67
CA ILE D 271 -32.10 7.27 -33.79
C ILE D 271 -32.85 7.00 -35.09
N GLY D 272 -33.82 6.09 -35.02
CA GLY D 272 -34.56 5.71 -36.21
C GLY D 272 -35.86 6.46 -36.39
N SER D 273 -36.52 6.20 -37.50
CA SER D 273 -37.76 6.89 -37.82
C SER D 273 -38.91 6.47 -36.91
N ILE D 274 -38.87 5.23 -36.43
CA ILE D 274 -39.93 4.70 -35.58
C ILE D 274 -39.60 4.94 -34.11
N MET D 275 -38.36 4.69 -33.72
CA MET D 275 -37.97 4.93 -32.34
C MET D 275 -36.47 5.04 -32.13
N THR D 276 -36.09 5.62 -31.01
CA THR D 276 -34.69 5.71 -30.63
C THR D 276 -34.35 4.56 -29.71
N VAL D 277 -33.34 3.79 -30.06
CA VAL D 277 -32.93 2.66 -29.24
C VAL D 277 -31.53 2.91 -28.70
N TRP D 278 -31.38 2.69 -27.39
CA TRP D 278 -30.11 2.94 -26.71
C TRP D 278 -29.38 1.65 -26.37
N LEU D 279 -28.06 1.65 -26.60
CA LEU D 279 -27.17 0.60 -26.14
C LEU D 279 -26.22 1.22 -25.13
N SER D 280 -26.30 0.76 -23.88
CA SER D 280 -25.53 1.35 -22.79
C SER D 280 -24.55 0.37 -22.16
N THR D 281 -23.37 0.87 -21.79
CA THR D 281 -22.39 0.09 -21.05
C THR D 281 -22.20 0.69 -19.65
N ALA D 282 -23.16 1.47 -19.19
CA ALA D 282 -23.10 2.09 -17.88
C ALA D 282 -23.12 1.04 -16.76
N PRO D 283 -22.50 1.36 -15.61
CA PRO D 283 -22.48 0.41 -14.49
C PRO D 283 -23.85 0.24 -13.83
N THR D 284 -24.79 1.09 -14.20
CA THR D 284 -26.17 0.96 -13.76
C THR D 284 -26.95 -0.01 -14.64
N GLU D 285 -26.31 -0.46 -15.72
CA GLU D 285 -26.96 -1.32 -16.70
C GLU D 285 -26.34 -2.72 -16.73
N PRO D 286 -27.05 -3.68 -17.34
CA PRO D 286 -26.50 -5.03 -17.49
C PRO D 286 -25.11 -5.04 -18.12
N LEU D 287 -24.25 -5.94 -17.65
CA LEU D 287 -22.86 -5.99 -18.09
C LEU D 287 -22.75 -6.35 -19.58
N THR D 288 -21.79 -5.72 -20.25
CA THR D 288 -21.45 -6.06 -21.63
C THR D 288 -19.98 -6.46 -21.68
N HIS D 289 -19.52 -6.90 -22.85
CA HIS D 289 -18.12 -7.28 -23.00
C HIS D 289 -17.19 -6.06 -22.97
N TRP D 290 -17.78 -4.86 -22.97
CA TRP D 290 -16.99 -3.64 -22.84
C TRP D 290 -16.72 -3.32 -21.37
N TYR D 291 -17.49 -3.93 -20.47
CA TYR D 291 -17.38 -3.65 -19.03
C TYR D 291 -17.38 -2.13 -18.79
N GLN D 292 -16.53 -1.66 -17.88
CA GLN D 292 -16.25 -0.24 -17.78
C GLN D 292 -14.76 -0.03 -17.65
N VAL D 293 -14.31 1.21 -17.81
CA VAL D 293 -12.88 1.50 -17.78
C VAL D 293 -12.55 2.54 -16.72
N ARG D 294 -11.55 2.26 -15.90
CA ARG D 294 -11.13 3.23 -14.90
C ARG D 294 -9.68 3.62 -15.06
N CYS D 295 -9.43 4.93 -15.03
CA CYS D 295 -8.08 5.47 -15.06
C CYS D 295 -7.72 5.97 -13.67
N LEU D 296 -6.71 5.33 -13.09
CA LEU D 296 -6.22 5.64 -11.76
C LEU D 296 -5.26 6.83 -11.75
N PHE D 297 -5.31 7.60 -10.67
CA PHE D 297 -4.28 8.58 -10.40
C PHE D 297 -3.14 7.91 -9.64
N GLN D 298 -1.90 8.33 -9.87
CA GLN D 298 -0.78 7.79 -9.11
C GLN D 298 -0.95 8.16 -7.63
N SER D 299 -1.55 9.32 -7.39
CA SER D 299 -1.88 9.74 -6.03
C SER D 299 -3.31 10.30 -6.00
N PRO D 300 -4.15 9.77 -5.09
CA PRO D 300 -5.54 10.24 -5.04
C PRO D 300 -5.68 11.69 -4.59
N LEU D 301 -6.83 12.29 -4.91
CA LEU D 301 -7.12 13.66 -4.52
C LEU D 301 -8.21 13.67 -3.46
N PHE D 302 -7.95 14.30 -2.32
CA PHE D 302 -8.97 14.40 -1.29
C PHE D 302 -9.95 15.50 -1.65
N ALA D 303 -11.25 15.21 -1.55
CA ALA D 303 -12.26 16.22 -1.80
C ALA D 303 -13.39 16.14 -0.78
N LYS D 304 -14.02 17.28 -0.53
CA LYS D 304 -15.20 17.36 0.32
C LYS D 304 -16.45 17.48 -0.54
N ALA D 305 -17.57 16.99 -0.02
CA ALA D 305 -18.85 17.19 -0.67
C ALA D 305 -19.06 18.68 -0.88
N GLY D 306 -19.48 19.06 -2.08
CA GLY D 306 -19.69 20.46 -2.41
C GLY D 306 -18.53 21.09 -3.16
N ASP D 307 -17.36 20.45 -3.09
CA ASP D 307 -16.20 20.89 -3.85
C ASP D 307 -16.43 20.65 -5.34
N THR D 308 -15.64 21.34 -6.16
CA THR D 308 -15.69 21.10 -7.60
C THR D 308 -14.36 20.51 -8.03
N LEU D 309 -14.43 19.42 -8.80
CA LEU D 309 -13.25 18.78 -9.33
C LEU D 309 -13.18 19.08 -10.82
N SER D 310 -12.21 19.89 -11.22
CA SER D 310 -12.16 20.41 -12.57
C SER D 310 -10.93 19.96 -13.32
N GLY D 311 -11.07 19.85 -14.64
CA GLY D 311 -9.91 19.54 -15.46
C GLY D 311 -10.22 19.12 -16.87
N THR D 312 -9.30 18.35 -17.44
CA THR D 312 -9.42 17.93 -18.83
C THR D 312 -8.93 16.52 -19.05
N CYS D 313 -9.66 15.80 -19.89
CA CYS D 313 -9.24 14.51 -20.40
C CYS D 313 -8.93 14.67 -21.88
N LEU D 314 -7.66 14.52 -22.24
CA LEU D 314 -7.20 14.66 -23.62
C LEU D 314 -6.83 13.30 -24.20
N LEU D 315 -7.52 12.90 -25.26
CA LEU D 315 -7.25 11.65 -25.94
C LEU D 315 -6.58 11.91 -27.28
N ILE D 316 -5.35 11.44 -27.43
CA ILE D 316 -4.63 11.61 -28.69
C ILE D 316 -4.44 10.26 -29.38
N ALA D 317 -5.03 10.14 -30.57
CA ALA D 317 -4.96 8.90 -31.32
C ALA D 317 -3.53 8.61 -31.74
N ASN D 318 -3.15 7.33 -31.71
CA ASN D 318 -1.82 6.92 -32.12
C ASN D 318 -1.87 5.89 -33.24
N LYS D 319 -0.70 5.54 -33.75
CA LYS D 319 -0.62 4.68 -34.91
C LYS D 319 -0.82 3.21 -34.56
N ARG D 320 -1.05 2.92 -33.27
CA ARG D 320 -1.32 1.55 -32.86
C ARG D 320 -2.82 1.34 -32.66
N GLN D 321 -3.62 2.13 -33.37
CA GLN D 321 -5.07 2.01 -33.34
C GLN D 321 -5.62 2.17 -31.93
N SER D 322 -5.01 3.04 -31.16
CA SER D 322 -5.46 3.30 -29.79
C SER D 322 -5.22 4.77 -29.45
N TYR D 323 -5.24 5.08 -28.16
CA TYR D 323 -5.11 6.46 -27.71
C TYR D 323 -4.10 6.63 -26.58
N ASP D 324 -3.40 7.75 -26.63
CA ASP D 324 -2.64 8.23 -25.49
C ASP D 324 -3.59 9.11 -24.68
N ILE D 325 -3.74 8.78 -23.41
CA ILE D 325 -4.69 9.47 -22.53
C ILE D 325 -3.96 10.40 -21.58
N SER D 326 -4.38 11.66 -21.56
CA SER D 326 -3.87 12.60 -20.58
C SER D 326 -5.05 13.06 -19.71
N ILE D 327 -4.93 12.88 -18.39
CA ILE D 327 -5.96 13.35 -17.49
C ILE D 327 -5.35 14.35 -16.51
N VAL D 328 -5.90 15.56 -16.50
CA VAL D 328 -5.49 16.56 -15.54
C VAL D 328 -6.74 16.97 -14.76
N ALA D 329 -6.65 16.88 -13.43
CA ALA D 329 -7.76 17.19 -12.55
C ALA D 329 -7.29 17.98 -11.33
N GLN D 330 -8.15 18.87 -10.84
CA GLN D 330 -7.83 19.61 -9.64
C GLN D 330 -9.05 19.84 -8.77
N VAL D 331 -8.83 19.88 -7.46
CA VAL D 331 -9.86 20.27 -6.52
C VAL D 331 -9.76 21.79 -6.43
N ASP D 332 -10.76 22.49 -6.97
CA ASP D 332 -10.68 23.94 -7.12
C ASP D 332 -10.50 24.67 -5.80
N GLN D 333 -11.15 24.17 -4.75
CA GLN D 333 -11.13 24.85 -3.45
C GLN D 333 -9.76 24.84 -2.77
N THR D 334 -8.93 23.86 -3.11
CA THR D 334 -7.65 23.67 -2.41
C THR D 334 -6.44 23.76 -3.33
N GLY D 335 -6.66 23.66 -4.64
CA GLY D 335 -5.58 23.68 -5.58
C GLY D 335 -4.86 22.34 -5.70
N SER D 336 -5.40 21.30 -5.08
CA SER D 336 -4.79 19.98 -5.19
C SER D 336 -4.94 19.50 -6.63
N LYS D 337 -3.81 19.20 -7.27
CA LYS D 337 -3.78 18.96 -8.70
C LYS D 337 -3.20 17.59 -8.99
N SER D 338 -3.70 16.97 -10.05
CA SER D 338 -3.18 15.68 -10.50
C SER D 338 -3.14 15.62 -12.01
N SER D 339 -2.05 15.05 -12.53
CA SER D 339 -1.89 14.87 -13.95
C SER D 339 -1.57 13.41 -14.12
N ASN D 340 -2.06 12.81 -15.19
CA ASN D 340 -1.74 11.41 -15.44
C ASN D 340 -1.73 11.11 -16.93
N LEU D 341 -0.88 10.16 -17.30
CA LEU D 341 -0.73 9.74 -18.68
C LEU D 341 -1.02 8.24 -18.73
N LEU D 342 -1.94 7.81 -19.59
CA LEU D 342 -2.30 6.40 -19.68
C LEU D 342 -2.24 5.88 -21.11
N ASP D 343 -1.97 4.59 -21.22
CA ASP D 343 -1.82 3.90 -22.49
C ASP D 343 -2.97 2.92 -22.71
N LEU D 344 -3.96 3.34 -23.48
CA LEU D 344 -5.17 2.54 -23.67
C LEU D 344 -4.86 1.25 -24.44
N LYS D 345 -3.69 1.21 -25.09
CA LYS D 345 -3.28 0.03 -25.85
C LYS D 345 -2.92 -1.13 -24.91
N ASN D 346 -2.57 -0.80 -23.67
CA ASN D 346 -2.15 -1.81 -22.70
C ASN D 346 -3.04 -1.80 -21.45
N PRO D 347 -4.31 -2.18 -21.59
CA PRO D 347 -5.19 -2.19 -20.41
C PRO D 347 -5.01 -3.39 -19.49
N PHE D 348 -5.45 -3.24 -18.25
CA PHE D 348 -5.42 -4.33 -17.29
C PHE D 348 -6.81 -4.95 -17.15
N PHE D 349 -6.95 -6.18 -17.61
CA PHE D 349 -8.21 -6.90 -17.53
C PHE D 349 -8.33 -7.54 -16.14
N ARG D 350 -9.12 -6.91 -15.28
CA ARG D 350 -9.21 -7.28 -13.88
C ARG D 350 -10.33 -8.27 -13.61
C1 765 E . 2.17 24.58 13.58
C2 765 E . 2.70 23.86 12.34
C3 765 E . 2.41 24.48 10.98
N1 765 E . 2.58 25.93 11.01
C4 765 E . 1.03 24.08 10.67
O1 765 E . 0.12 24.94 10.71
C5 765 E . 3.39 24.72 15.85
C6 765 E . 4.76 24.58 15.41
C7 765 E . 5.47 23.36 15.97
O2 765 E . 6.10 22.73 14.91
C8 765 E . 6.42 23.84 16.92
O3 765 E . 7.62 23.06 16.85
C9 765 E . 6.66 25.18 16.56
O4 765 E . 5.44 25.66 15.92
N2 765 E . 7.02 26.05 17.68
C10 765 E . 8.01 26.97 17.56
C11 765 E . 8.06 27.63 18.79
N3 765 E . 7.11 27.09 19.58
C12 765 E . 6.48 26.13 18.89
N4 765 E . 8.86 27.34 16.59
C13 765 E . 9.76 28.31 16.81
N5 765 E . 9.83 28.95 17.99
C14 765 E . 9.00 28.64 18.99
N6 765 E . 9.06 29.30 20.23
N7 765 E . 2.44 24.07 14.95
C15 765 E . 1.33 23.44 15.59
C16 765 E . 2.43 22.67 15.08
O5 765 E . 0.77 22.94 10.34
H1 765 E . 1.15 24.65 13.47
H2 765 E . 2.51 25.49 13.53
H3 765 E . 3.68 23.79 12.42
H4 765 E . 2.33 22.96 12.33
H5 765 E . 3.00 24.14 10.32
H6 765 E . 1.78 26.34 11.37
H7 765 E . 3.30 26.16 11.55
H9 765 E . 3.17 25.65 15.91
H10 765 E . 3.30 24.32 16.74
H11 765 E . 4.81 24.62 14.44
H12 765 E . 4.83 22.74 16.40
H13 765 E . 6.58 23.29 14.47
H14 765 E . 5.99 23.82 17.78
H15 765 E . 8.02 23.22 16.10
H16 765 E . 7.38 25.21 15.90
H17 765 E . 5.75 25.58 19.23
H18 765 E . 10.39 28.57 16.08
H19 765 E . 8.44 29.11 20.88
H20 765 E . 9.71 29.89 20.38
H21 765 E . 1.29 23.53 16.55
H22 765 E . 0.49 23.38 15.05
H23 765 E . 2.24 22.17 14.26
H24 765 E . 3.04 22.28 15.78
C1 EDO F . -22.44 19.31 13.91
O1 EDO F . -21.83 19.01 12.69
C2 EDO F . -21.76 18.49 15.02
O2 EDO F . -20.56 17.96 14.50
H11 EDO F . -23.38 19.07 13.88
H12 EDO F . -22.35 20.25 14.11
HO1 EDO F . -22.30 19.32 12.05
H21 EDO F . -21.56 19.06 15.78
H22 EDO F . -22.34 17.77 15.29
HO2 EDO F . -20.57 17.11 14.58
C1 PEG G . 4.05 17.81 24.36
O1 PEG G . 3.26 16.85 25.00
C2 PEG G . 3.37 18.19 23.05
O2 PEG G . 2.05 18.57 23.32
C3 PEG G . 1.21 18.65 22.21
C4 PEG G . -0.24 18.62 22.69
O4 PEG G . -1.10 18.74 21.59
H11 PEG G . 4.12 18.59 24.93
H12 PEG G . 4.93 17.44 24.18
HO1 PEG G . 2.82 17.20 25.63
H21 PEG G . 3.84 18.93 22.64
H22 PEG G . 3.37 17.43 22.45
H31 PEG G . 1.37 19.47 21.73
H32 PEG G . 1.37 17.89 21.62
H41 PEG G . -0.39 19.36 23.31
H42 PEG G . -0.41 17.78 23.16
HO4 PEG G . -1.91 18.77 21.86
C1 PEG H . -5.31 45.40 8.12
O1 PEG H . -4.26 45.81 8.95
C2 PEG H . -6.61 45.85 8.77
O2 PEG H . -7.67 45.10 8.23
C3 PEG H . -8.50 45.75 7.31
C4 PEG H . -9.94 45.65 7.80
O4 PEG H . -9.97 46.16 9.12
H11 PEG H . -5.30 44.43 8.02
H12 PEG H . -5.22 45.82 7.25
HO1 PEG H . -4.38 45.49 9.74
H21 PEG H . -6.76 46.79 8.61
H22 PEG H . -6.56 45.69 9.73
H31 PEG H . -8.24 46.70 7.24
H32 PEG H . -8.42 45.33 6.44
H41 PEG H . -10.22 44.73 7.80
H42 PEG H . -10.52 46.18 7.23
HO4 PEG H . -10.59 45.78 9.55
C1 PEG I . -5.22 27.24 -4.54
O1 PEG I . -3.90 27.54 -4.92
C2 PEG I . -6.13 28.37 -5.02
O2 PEG I . -7.36 28.27 -4.35
C3 PEG I . -8.36 29.11 -4.86
C4 PEG I . -8.13 30.53 -4.33
O4 PEG I . -8.04 31.40 -5.42
H11 PEG I . -5.49 26.40 -4.96
H12 PEG I . -5.27 27.17 -3.58
HO1 PEG I . -3.87 27.67 -5.76
H21 PEG I . -5.72 29.22 -4.82
H22 PEG I . -6.27 28.29 -5.98
H31 PEG I . -9.23 28.79 -4.56
H32 PEG I . -8.33 29.11 -5.83
H41 PEG I . -8.87 30.79 -3.76
H42 PEG I . -7.30 30.55 -3.82
HO4 PEG I . -8.75 31.34 -5.88
C4 DXE J . -18.43 30.71 13.44
O2 DXE J . -17.76 31.43 14.45
C3 DXE J . -18.47 32.49 14.99
C2 DXE J . -18.31 33.72 14.10
O1 DXE J . -18.91 34.83 14.70
C1 DXE J . -19.72 35.58 13.83
H41 DXE J . -18.73 31.33 12.76
H42 DXE J . -17.83 30.06 13.05
H43 DXE J . -19.20 30.27 13.82
H31 DXE J . -19.41 32.26 15.05
H32 DXE J . -18.14 32.69 15.89
H21 DXE J . -17.37 33.90 13.98
H22 DXE J . -18.72 33.55 13.24
H11 DXE J . -20.38 34.99 13.43
H12 DXE J . -20.16 36.29 14.32
H13 DXE J . -19.17 35.96 13.13
C1 M2M K . -11.64 16.64 43.85
O1 M2M K . -11.98 15.51 44.64
C2 M2M K . -13.13 15.64 45.46
C3 M2M K . -14.41 15.54 44.62
O2 M2M K . -15.53 15.80 45.44
C4 M2M K . -16.01 14.68 46.18
C5 M2M K . -17.25 15.11 47.01
O3 M2M K . -18.05 16.00 46.27
C6 M2M K . -19.43 15.67 46.19
H11 M2M K . -12.28 17.25 44.25
H12 M2M K . -10.93 17.30 43.74
H13 M2M K . -11.45 16.15 43.04
H21 M2M K . -13.12 14.93 46.13
H22 M2M K . -13.10 16.50 45.92
H31 M2M K . -14.48 14.64 44.25
H32 M2M K . -14.38 16.17 43.89
H41 M2M K . -15.32 14.36 46.77
H42 M2M K . -16.27 13.97 45.56
H51 M2M K . -16.95 15.54 47.83
H52 M2M K . -17.77 14.32 47.24
H61 M2M K . -19.82 15.70 47.08
H62 M2M K . -19.52 14.77 45.83
H63 M2M K . -19.88 16.30 45.61
C1 765 L . 6.74 -1.21 39.41
C2 765 L . 5.61 -0.94 40.40
C3 765 L . 5.38 -1.94 41.51
N1 765 L . 6.63 -2.57 41.94
C4 765 L . 4.43 -2.92 40.97
O1 765 L . 4.85 -4.07 40.64
C5 765 L . 8.39 0.43 38.32
C6 765 L . 8.53 1.42 39.36
C7 765 L . 8.11 2.81 38.92
O2 765 L . 7.28 3.33 39.90
C8 765 L . 9.31 3.59 38.80
O3 765 L . 9.10 4.91 39.26
C9 765 L . 10.25 2.94 39.62
O4 765 L . 9.87 1.53 39.67
N2 765 L . 11.65 3.14 39.20
C10 765 L . 12.62 3.43 40.10
C11 765 L . 13.81 3.53 39.39
N3 765 L . 13.52 3.28 38.09
C12 765 L . 12.20 3.04 37.99
N4 765 L . 12.66 3.64 41.43
C13 765 L . 13.82 3.94 42.05
N5 765 L . 14.97 4.03 41.38
C14 765 L . 15.00 3.83 40.05
N6 765 L . 16.21 3.94 39.34
N7 765 L . 7.08 -0.22 38.33
C15 765 L . 6.56 -0.54 37.03
C16 765 L . 6.02 0.55 37.81
O5 765 L . 3.24 -2.64 40.85
H1 765 L . 6.54 -2.10 38.95
H2 765 L . 7.54 -1.34 39.94
H3 765 L . 5.77 -0.06 40.82
H4 765 L . 4.77 -0.87 39.89
H5 765 L . 5.00 -1.52 42.28
H6 765 L . 7.23 -1.90 42.28
H7 765 L . 6.45 -3.20 42.60
H9 765 L . 9.08 -0.23 38.42
H10 765 L . 8.52 0.86 37.46
H11 765 L . 8.05 1.15 40.16
H12 765 L . 7.64 2.78 38.03
H13 765 L . 7.62 3.19 40.68
H14 765 L . 9.61 3.53 37.88
H15 765 L . 8.79 4.89 40.07
H16 765 L . 10.17 3.30 40.53
H17 765 L . 11.72 2.83 37.16
H18 765 L . 13.82 4.08 43.04
H19 765 L . 16.23 3.74 38.43
H20 765 L . 16.95 4.20 39.75
H21 765 L . 7.11 -0.29 36.28
H22 765 L . 5.97 -1.35 36.99
H23 765 L . 5.13 0.39 38.19
H24 765 L . 6.25 1.48 37.48
C1 EDO M . 7.90 -21.07 29.35
O1 EDO M . 6.79 -20.67 30.10
C2 EDO M . 8.88 -21.75 30.29
O2 EDO M . 8.26 -22.87 30.87
H11 EDO M . 8.32 -20.30 28.94
H12 EDO M . 7.63 -21.70 28.67
HO1 EDO M . 6.22 -20.31 29.58
H21 EDO M . 9.67 -22.05 29.79
H22 EDO M . 9.16 -21.13 30.98
HO2 EDO M . 8.85 -23.36 31.22
C1 EDO N . 7.39 6.23 30.75
O1 EDO N . 7.09 5.06 30.04
C2 EDO N . 7.65 7.35 29.75
O2 EDO N . 6.57 7.44 28.86
H11 EDO N . 8.18 6.08 31.29
H12 EDO N . 6.64 6.47 31.31
HO1 EDO N . 7.33 4.37 30.49
H21 EDO N . 8.47 7.17 29.25
H22 EDO N . 7.74 8.20 30.22
HO2 EDO N . 6.84 7.73 28.11
C1 PEG O . -4.43 -4.29 31.99
O1 PEG O . -3.48 -3.48 32.62
C2 PEG O . -3.74 -5.56 31.53
O2 PEG O . -3.98 -5.73 30.16
C3 PEG O . -5.13 -6.48 29.87
C4 PEG O . -5.46 -6.28 28.40
O4 PEG O . -5.85 -7.54 27.89
H11 PEG O . -5.15 -4.50 32.61
H12 PEG O . -4.80 -3.82 31.23
HO1 PEG O . -3.70 -3.38 33.44
H21 PEG O . -2.78 -5.50 31.68
H22 PEG O . -4.10 -6.33 32.02
H31 PEG O . -4.95 -7.42 30.05
H32 PEG O . -5.86 -6.19 30.42
H41 PEG O . -4.68 -5.97 27.92
H42 PEG O . -6.19 -5.66 28.31
HO4 PEG O . -6.39 -7.90 28.43
O1 PG4 P . 20.58 11.29 47.16
C1 PG4 P . 20.88 12.60 46.73
C2 PG4 P . 20.57 12.71 45.24
O2 PG4 P . 21.76 12.84 44.51
C3 PG4 P . 22.58 11.70 44.50
C4 PG4 P . 23.54 11.72 43.32
O3 PG4 P . 24.76 11.18 43.77
C5 PG4 P . 25.06 9.85 43.41
C6 PG4 P . 25.54 9.08 44.63
O4 PG4 P . 25.86 7.77 44.25
C7 PG4 P . 26.36 6.97 45.29
C8 PG4 P . 25.19 6.52 46.18
O5 PG4 P . 25.26 7.25 47.39
HO1 PG4 P . 20.31 11.31 48.07
H11 PG4 P . 20.28 13.30 47.29
H12 PG4 P . 21.93 12.79 46.90
H21 PG4 P . 20.05 11.81 44.91
H22 PG4 P . 19.94 13.57 45.07
H31 PG4 P . 23.14 11.66 45.42
H32 PG4 P . 21.94 10.82 44.43
H41 PG4 P . 23.15 11.13 42.50
H42 PG4 P . 23.70 12.75 42.99
H51 PG4 P . 24.16 9.37 43.01
H52 PG4 P . 25.84 9.84 42.65
H61 PG4 P . 26.43 9.56 45.04
H62 PG4 P . 24.75 9.06 45.38
H71 PG4 P . 27.07 7.54 45.87
H72 PG4 P . 26.85 6.09 44.87
H81 PG4 P . 24.26 6.73 45.68
H82 PG4 P . 25.28 5.46 46.39
HO5 PG4 P . 24.77 6.79 48.05
C1 765 Q . 15.20 -13.33 -20.09
C2 765 Q . 15.23 -12.25 -19.00
C3 765 Q . 16.32 -12.32 -17.95
N1 765 Q . 17.60 -12.74 -18.51
C4 765 Q . 15.80 -13.25 -16.93
O1 765 Q . 16.24 -14.43 -16.91
C5 765 Q . 14.54 -13.13 -22.58
C6 765 Q . 15.05 -11.80 -22.87
C7 765 Q . 13.97 -10.84 -23.32
O2 765 Q . 14.10 -9.68 -22.57
C8 765 Q . 14.21 -10.58 -24.71
O3 765 Q . 13.98 -9.20 -25.01
C9 765 Q . 15.58 -10.90 -24.92
O4 765 Q . 15.92 -11.91 -23.93
N2 765 Q . 15.90 -11.34 -26.28
C10 765 Q . 17.01 -10.92 -26.92
C11 765 Q . 17.02 -11.56 -28.16
N3 765 Q . 15.93 -12.35 -28.20
C12 765 Q . 15.25 -12.23 -27.05
N4 765 Q . 18.00 -10.06 -26.63
C13 765 Q . 18.99 -9.82 -27.52
N5 765 Q . 19.02 -10.43 -28.71
C14 765 Q . 18.05 -11.30 -29.06
N6 765 Q . 18.08 -11.93 -30.32
N7 765 Q . 14.17 -13.28 -21.17
C15 765 Q . 13.04 -14.12 -20.93
C16 765 Q . 12.92 -12.70 -20.84
O5 765 Q . 14.95 -12.87 -16.14
H1 765 Q . 16.12 -13.32 -20.55
H2 765 Q . 15.11 -14.18 -19.64
H3 765 Q . 14.37 -12.28 -18.52
H4 765 Q . 15.31 -11.38 -19.43
H5 765 Q . 16.46 -11.46 -17.55
H6 765 Q . 17.71 -12.35 -19.39
H7 765 Q . 18.29 -12.44 -17.96
H9 765 Q . 13.77 -13.30 -23.12
H10 765 Q . 15.23 -13.78 -22.79
H11 765 Q . 15.54 -11.45 -22.10
H12 765 Q . 13.06 -11.23 -23.21
H13 765 Q . 14.92 -9.43 -22.57
H14 765 Q . 13.67 -11.19 -25.22
H15 765 Q . 14.38 -8.71 -24.43
H16 765 Q . 16.11 -10.09 -24.72
H17 765 Q . 14.43 -12.69 -26.82
H18 765 Q . 19.71 -9.19 -27.28
H19 765 Q . 18.72 -11.71 -30.94
H20 765 Q . 17.47 -12.56 -30.51
H21 765 Q . 12.65 -14.53 -21.72
H22 765 Q . 13.04 -14.60 -20.06
H23 765 Q . 12.83 -12.35 -19.92
H24 765 Q . 12.42 -12.26 -21.60
C1 EDO R . 5.19 -12.10 -28.03
O1 EDO R . 3.82 -11.95 -27.79
C2 EDO R . 5.88 -12.46 -26.71
O2 EDO R . 5.66 -13.82 -26.45
H11 EDO R . 5.34 -12.81 -28.67
H12 EDO R . 5.56 -11.27 -28.36
HO1 EDO R . 3.57 -11.18 -28.03
H21 EDO R . 6.83 -12.29 -26.77
H22 EDO R . 5.50 -11.93 -25.99
HO2 EDO R . 5.92 -13.99 -25.66
C1 EDO S . 31.85 -29.79 -16.81
O1 EDO S . 32.52 -28.55 -16.81
C2 EDO S . 32.35 -30.59 -15.62
O2 EDO S . 31.93 -31.92 -15.78
H11 EDO S . 32.05 -30.26 -17.63
H12 EDO S . 30.89 -29.65 -16.73
HO1 EDO S . 32.14 -28.03 -17.37
H21 EDO S . 33.33 -30.57 -15.58
H22 EDO S . 31.99 -30.23 -14.80
HO2 EDO S . 32.17 -32.38 -15.10
C1 EDO T . 3.23 -31.22 -8.09
O1 EDO T . 3.25 -31.82 -6.82
C2 EDO T . 1.90 -30.47 -8.22
O2 EDO T . 2.13 -29.14 -7.86
H11 EDO T . 3.96 -30.60 -8.18
H12 EDO T . 3.28 -31.91 -8.77
HO1 EDO T . 3.96 -32.28 -6.73
H21 EDO T . 1.59 -30.52 -9.13
H22 EDO T . 1.25 -30.86 -7.63
HO2 EDO T . 1.42 -28.70 -7.92
C1 EDO U . 36.80 -24.44 -13.78
O1 EDO U . 36.60 -23.86 -15.05
C2 EDO U . 38.02 -23.78 -13.16
O2 EDO U . 38.55 -22.88 -14.09
H11 EDO U . 36.95 -25.39 -13.88
H12 EDO U . 36.02 -24.30 -13.23
HO1 EDO U . 35.98 -24.28 -15.46
H21 EDO U . 38.68 -24.46 -12.93
H22 EDO U . 37.76 -23.31 -12.35
HO2 EDO U . 39.26 -22.53 -13.77
C4 DXE V . 17.63 -36.92 -12.72
O2 DXE V . 17.01 -36.24 -13.78
C3 DXE V . 16.69 -34.91 -13.51
C2 DXE V . 15.21 -34.67 -13.75
O1 DXE V . 14.87 -33.39 -13.30
C1 DXE V . 14.39 -33.37 -11.98
H41 DXE V . 17.10 -36.83 -11.92
H42 DXE V . 17.74 -37.86 -12.94
H43 DXE V . 18.52 -36.53 -12.56
H31 DXE V . 16.91 -34.70 -12.58
H32 DXE V . 17.22 -34.33 -14.09
H21 DXE V . 14.69 -35.33 -13.28
H22 DXE V . 15.02 -34.73 -14.70
H11 DXE V . 15.04 -33.78 -11.39
H12 DXE V . 14.23 -32.45 -11.70
H13 DXE V . 13.56 -33.86 -11.93
C4 DXE W . -14.18 -36.15 -36.58
O2 DXE W . -13.21 -35.71 -35.67
C3 DXE W . -13.24 -34.33 -35.41
C2 DXE W . -12.11 -33.64 -36.17
O1 DXE W . -11.62 -32.56 -35.41
C1 DXE W . -10.98 -31.57 -36.18
H41 DXE W . -15.06 -36.03 -36.20
H42 DXE W . -14.11 -35.63 -37.39
H43 DXE W . -14.03 -37.08 -36.80
H31 DXE W . -14.09 -33.97 -35.68
H32 DXE W . -13.12 -34.18 -34.45
H21 DXE W . -12.46 -33.31 -37.02
H22 DXE W . -11.40 -34.27 -36.34
H11 DXE W . -11.58 -31.26 -36.87
H12 DXE W . -10.73 -30.84 -35.60
H13 DXE W . -10.18 -31.94 -36.59
C4 DXE X . 31.68 -27.20 -29.11
O2 DXE X . 32.10 -26.42 -28.03
C3 DXE X . 31.53 -25.14 -27.96
C2 DXE X . 32.38 -24.13 -28.73
O1 DXE X . 31.56 -23.12 -29.26
C1 DXE X . 32.11 -22.40 -30.33
H41 DXE X . 30.74 -27.42 -29.00
H42 DXE X . 31.80 -26.72 -29.94
H43 DXE X . 32.20 -28.02 -29.14
H31 DXE X . 30.64 -25.16 -28.34
H32 DXE X . 31.48 -24.86 -27.03
H21 DXE X . 32.84 -24.58 -29.45
H22 DXE X . 33.03 -23.73 -28.14
H11 DXE X . 32.89 -21.90 -30.02
H12 DXE X . 32.38 -23.02 -31.03
H13 DXE X . 31.45 -21.79 -30.67
C4 DXE Y . 25.64 -19.36 -1.97
O2 DXE Y . 25.26 -18.30 -1.12
C3 DXE Y . 24.13 -17.58 -1.56
C2 DXE Y . 24.55 -16.14 -1.88
O1 DXE Y . 23.45 -15.43 -2.39
C1 DXE Y . 23.78 -14.12 -2.77
H41 DXE Y . 25.76 -19.03 -2.87
H42 DXE Y . 26.48 -19.73 -1.65
H43 DXE Y . 24.96 -20.04 -1.96
H31 DXE Y . 23.77 -18.00 -2.35
H32 DXE Y . 23.46 -17.58 -0.87
H21 DXE Y . 25.27 -16.15 -2.55
H22 DXE Y . 24.88 -15.71 -1.07
H11 DXE Y . 23.00 -13.71 -3.18
H12 DXE Y . 24.04 -13.62 -1.99
H13 DXE Y . 24.51 -14.14 -3.41
C1 765 Z . -17.96 -6.09 -35.78
C2 765 Z . -18.60 -7.43 -36.16
C3 765 Z . -20.06 -7.42 -36.57
N1 765 Z . -20.44 -6.17 -37.23
C4 765 Z . -20.79 -7.63 -35.31
O1 765 Z . -21.35 -6.66 -34.76
C5 765 Z . -15.60 -5.17 -36.21
C6 765 Z . -15.24 -5.81 -37.46
C7 765 Z . -13.96 -6.61 -37.35
O2 765 Z . -14.20 -7.86 -37.90
C8 765 Z . -12.96 -5.90 -38.10
O3 765 Z . -12.14 -6.82 -38.80
C9 765 Z . -13.69 -5.09 -38.99
O4 765 Z . -14.99 -4.82 -38.38
N2 765 Z . -13.00 -3.85 -39.37
C10 765 Z . -12.98 -3.40 -40.64
C11 765 Z . -12.26 -2.21 -40.63
N3 765 Z . -11.87 -1.99 -39.36
C12 765 Z . -12.33 -2.99 -38.59
N4 765 Z . -13.47 -3.85 -41.81
C13 765 Z . -13.28 -3.15 -42.94
N5 765 Z . -12.59 -2.00 -42.96
C14 765 Z . -12.07 -1.51 -41.82
N6 765 Z . -11.33 -0.30 -41.82
N7 765 Z . -16.51 -6.01 -35.42
C15 765 Z . -16.24 -6.00 -34.01
C16 765 Z . -15.93 -7.16 -34.80
O5 765 Z . -20.84 -8.75 -34.81
H1 765 Z . -18.49 -5.72 -34.99
H2 765 Z . -18.10 -5.49 -36.53
H3 765 Z . -18.09 -7.82 -36.90
H4 765 Z . -18.52 -8.03 -35.39
H5 765 Z . -20.24 -8.13 -37.18
H6 765 Z . -20.10 -6.18 -38.14
H7 765 Z . -21.36 -6.09 -37.24
H9 765 Z . -14.81 -5.01 -35.70
H10 765 Z . -16.04 -4.33 -36.40
H11 765 Z . -15.98 -6.36 -37.79
H12 765 Z . -13.67 -6.70 -36.39
H13 765 Z . -14.63 -7.77 -38.64
H14 765 Z . -12.49 -5.33 -37.49
H15 765 Z . -12.63 -7.38 -39.25
H16 765 Z . -13.85 -5.60 -39.82
H17 765 Z . -12.20 -3.08 -37.63
H18 765 Z . -13.66 -3.50 -43.79
H19 765 Z . -11.14 0.13 -42.62
H20 765 Z . -11.06 0.05 -41.05
H21 765 Z . -15.48 -5.47 -33.73
H22 765 Z . -17.03 -6.10 -33.42
H23 765 Z . -16.54 -7.93 -34.67
H24 765 Z . -14.95 -7.33 -34.98
C1 EDO AA . -29.36 5.83 -21.05
O1 EDO AA . -29.91 4.61 -21.47
C2 EDO AA . -29.39 6.82 -22.22
O2 EDO AA . -30.65 7.44 -22.26
H11 EDO AA . -29.87 6.19 -20.31
H12 EDO AA . -28.43 5.69 -20.78
HO1 EDO AA . -29.84 4.04 -20.84
H21 EDO AA . -28.71 7.49 -22.10
H22 EDO AA . -29.24 6.34 -23.05
HO2 EDO AA . -30.56 8.24 -22.54
C4 DXE BA . -5.37 -6.92 -31.44
O2 DXE BA . -6.30 -6.60 -30.44
C3 DXE BA . -7.54 -6.13 -30.93
C2 DXE BA . -8.23 -5.30 -29.86
O1 DXE BA . -8.40 -6.04 -28.68
C1 DXE BA . -8.71 -5.27 -27.55
H41 DXE BA . -5.25 -6.16 -32.03
H42 DXE BA . -4.51 -7.14 -31.02
H43 DXE BA . -5.68 -7.68 -31.94
H31 DXE BA . -7.39 -5.59 -31.72
H32 DXE BA . -8.10 -6.89 -31.16
H21 DXE BA . -9.10 -5.01 -30.18
H22 DXE BA . -7.70 -4.50 -29.67
H11 DXE BA . -9.49 -4.73 -27.72
H12 DXE BA . -8.88 -5.86 -26.79
H13 DXE BA . -7.96 -4.68 -27.34
#